data_6FPG
#
_entry.id   6FPG
#
_cell.length_a   59.507
_cell.length_b   85.660
_cell.length_c   95.785
_cell.angle_alpha   96.16
_cell.angle_beta   92.39
_cell.angle_gamma   90.37
#
_symmetry.space_group_name_H-M   'P 1'
#
loop_
_entity.id
_entity.type
_entity.pdbx_description
1 polymer 'Chromosome 16, whole genome shotgun sequence'
2 polymer 'Ripening-related protein 3'
3 non-polymer 'CITRIC ACID'
4 water water
#
loop_
_entity_poly.entity_id
_entity_poly.type
_entity_poly.pdbx_seq_one_letter_code
_entity_poly.pdbx_strand_id
1 'polypeptide(L)'
;MAAVSGKSEAAEIEAGDRLDALRDQLQRYETPIIQTILARSALGGRAPSEQDEVRAALSRNAFEPSEVISEWLQTESGAR
FRSTRPLPPAVEFITPVVLSRDTVLDKPVVGKGIFPIGRRPQDPTNMDEFLDTSLLSLNQSSTVDLASAVSLDVSLLHLV
SARVLLGYPIALAKFDWLHDNFCHILTNTTLSKSQKLANIIQQLTDHKQEVNVLSRVEQKSKSLSHLFRNDIPYPPHTQD
RILRLFQAYLIPITTQIEAAAILDHANKCTLEHHHHHH
;
C,B,F,G
2 'polypeptide(L)'
;MFPYRSLLQTCQPSGSIQGRSGNCNTENGSECCKNGRRYTTYGCSPPVTGSTRAVLTLNSFAEGGDGGGAAACTGKFYDD
SKKVVALSTGWYNGGSRCRKHIMIHAGNGNSVSALVVDECDSTVGCDKDHNFEPPCRNNIVDGSPAVWDALGLNKDDGQA
QITWSDELEHHHHHH
;
D,E,H,I
#
# COMPACT_ATOMS: atom_id res chain seq x y z
N SER A 8 -5.32 5.27 -27.19
CA SER A 8 -4.05 4.62 -26.92
C SER A 8 -2.91 5.59 -27.29
N GLU A 9 -2.92 6.24 -28.49
CA GLU A 9 -1.98 7.37 -28.60
C GLU A 9 -2.26 8.40 -27.57
N ALA A 10 -3.52 8.76 -27.48
CA ALA A 10 -3.88 9.93 -26.74
C ALA A 10 -3.54 9.76 -25.29
N ALA A 11 -3.73 8.53 -24.78
CA ALA A 11 -3.41 8.29 -23.38
C ALA A 11 -1.92 8.40 -23.12
N GLU A 12 -1.07 7.94 -24.06
CA GLU A 12 0.38 8.08 -23.89
C GLU A 12 0.81 9.53 -23.93
N ILE A 13 0.19 10.30 -24.78
CA ILE A 13 0.49 11.68 -24.86
C ILE A 13 0.12 12.37 -23.57
N GLU A 14 -1.04 12.06 -23.05
CA GLU A 14 -1.46 12.67 -21.87
C GLU A 14 -0.53 12.35 -20.72
N ALA A 15 -0.12 11.12 -20.66
CA ALA A 15 0.81 10.68 -19.61
C ALA A 15 2.16 11.38 -19.71
N GLY A 16 2.69 11.54 -20.92
CA GLY A 16 3.91 12.30 -21.07
C GLY A 16 3.78 13.71 -20.55
N ASP A 17 2.65 14.32 -20.79
CA ASP A 17 2.43 15.64 -20.35
C ASP A 17 2.40 15.65 -18.85
N ARG A 18 1.75 14.71 -18.31
CA ARG A 18 1.59 14.61 -16.90
C ARG A 18 2.97 14.38 -16.19
N LEU A 19 3.80 13.58 -16.80
CA LEU A 19 5.12 13.27 -16.30
C LEU A 19 5.97 14.50 -16.26
N ASP A 20 5.89 15.31 -17.29
CA ASP A 20 6.66 16.54 -17.36
C ASP A 20 6.31 17.45 -16.22
N ALA A 21 5.03 17.54 -15.90
CA ALA A 21 4.58 18.40 -14.81
C ALA A 21 5.04 17.86 -13.46
N LEU A 22 4.94 16.54 -13.27
CA LEU A 22 5.36 15.93 -12.01
C LEU A 22 6.88 16.04 -11.80
N ARG A 23 7.65 15.93 -12.87
CA ARG A 23 9.10 16.11 -12.77
C ARG A 23 9.43 17.53 -12.34
N ASP A 24 8.70 18.52 -12.87
CA ASP A 24 8.87 19.89 -12.39
C ASP A 24 8.56 19.99 -10.90
N GLN A 25 7.52 19.30 -10.44
CA GLN A 25 7.19 19.31 -9.02
C GLN A 25 8.30 18.65 -8.20
N LEU A 26 8.90 17.60 -8.75
CA LEU A 26 9.99 16.93 -8.04
C LEU A 26 11.19 17.85 -7.89
N GLN A 27 11.58 18.51 -8.99
CA GLN A 27 12.73 19.42 -8.97
C GLN A 27 12.50 20.58 -8.02
N ARG A 28 11.24 20.98 -7.85
CA ARG A 28 10.91 22.10 -6.99
C ARG A 28 11.30 21.86 -5.53
N TYR A 29 11.46 20.61 -5.10
CA TYR A 29 11.88 20.35 -3.73
C TYR A 29 13.37 20.63 -3.50
N GLU A 30 14.15 20.77 -4.57
CA GLU A 30 15.61 20.85 -4.43
C GLU A 30 16.00 22.02 -3.55
N THR A 31 15.60 23.21 -3.96
CA THR A 31 15.98 24.42 -3.23
C THR A 31 15.40 24.46 -1.83
N PRO A 32 14.12 24.16 -1.59
CA PRO A 32 13.65 24.17 -0.19
C PRO A 32 14.41 23.20 0.72
N ILE A 33 14.73 22.00 0.23
CA ILE A 33 15.48 21.07 1.05
C ILE A 33 16.84 21.65 1.39
N ILE A 34 17.52 22.23 0.41
CA ILE A 34 18.86 22.75 0.64
C ILE A 34 18.82 23.96 1.57
N GLN A 35 17.87 24.87 1.34
CA GLN A 35 17.77 26.06 2.21
C GLN A 35 17.45 25.66 3.63
N THR A 36 16.58 24.64 3.79
CA THR A 36 16.21 24.21 5.13
C THR A 36 17.40 23.58 5.85
N ILE A 37 18.20 22.76 5.16
CA ILE A 37 19.42 22.24 5.78
C ILE A 37 20.33 23.38 6.18
N LEU A 38 20.55 24.35 5.28
CA LEU A 38 21.44 25.48 5.56
C LEU A 38 20.90 26.34 6.70
N ALA A 39 19.58 26.56 6.76
CA ALA A 39 19.02 27.35 7.86
C ALA A 39 19.37 26.71 9.20
N ARG A 40 19.17 25.39 9.30
CA ARG A 40 19.45 24.69 10.55
C ARG A 40 20.95 24.70 10.84
N SER A 41 21.77 24.56 9.80
CA SER A 41 23.22 24.56 10.00
C SER A 41 23.75 25.93 10.38
N ALA A 42 23.16 27.00 9.84
CA ALA A 42 23.60 28.33 10.19
C ALA A 42 23.16 28.71 11.60
N LEU A 43 22.08 28.08 12.08
CA LEU A 43 21.41 28.51 13.30
C LEU A 43 22.28 28.29 14.53
N GLY A 44 22.90 27.13 14.64
CA GLY A 44 23.70 26.84 15.82
C GLY A 44 23.82 25.36 16.05
N GLY A 45 24.35 25.03 17.22
CA GLY A 45 24.60 23.65 17.59
C GLY A 45 23.32 22.94 17.98
N ARG A 46 23.51 21.77 18.59
CA ARG A 46 22.39 20.92 18.96
C ARG A 46 21.92 21.26 20.37
N ALA A 47 20.60 21.38 20.53
CA ALA A 47 20.03 21.68 21.82
C ALA A 47 19.97 20.41 22.66
N PRO A 48 20.01 20.55 23.99
CA PRO A 48 19.77 19.38 24.86
C PRO A 48 18.42 18.76 24.53
N SER A 49 18.42 17.43 24.32
CA SER A 49 17.21 16.64 24.06
C SER A 49 16.52 17.02 22.76
N GLU A 50 17.26 17.55 21.80
CA GLU A 50 16.65 17.94 20.55
C GLU A 50 16.04 16.78 19.82
N GLN A 51 16.70 15.66 19.80
CA GLN A 51 16.16 14.56 19.15
C GLN A 51 14.85 14.10 19.75
N ASP A 52 14.72 14.09 21.06
CA ASP A 52 13.50 13.69 21.64
C ASP A 52 12.41 14.65 21.30
N GLU A 53 12.72 15.92 21.35
CA GLU A 53 11.74 16.94 21.02
C GLU A 53 11.25 16.82 19.57
N VAL A 54 12.12 16.41 18.65
CA VAL A 54 11.72 16.17 17.26
C VAL A 54 10.66 15.08 17.20
N ARG A 55 10.89 13.96 17.90
CA ARG A 55 9.90 12.88 17.94
C ARG A 55 8.59 13.35 18.56
N ALA A 56 8.66 14.11 19.65
CA ALA A 56 7.45 14.60 20.29
C ALA A 56 6.71 15.57 19.38
N ALA A 57 7.44 16.44 18.67
CA ALA A 57 6.78 17.36 17.76
C ALA A 57 6.08 16.60 16.64
N LEU A 58 6.74 15.56 16.10
CA LEU A 58 6.09 14.77 15.06
C LEU A 58 4.81 14.11 15.59
N SER A 59 4.82 13.67 16.86
CA SER A 59 3.62 13.08 17.45
C SER A 59 2.51 14.10 17.66
N ARG A 60 2.86 15.29 18.14
CA ARG A 60 1.84 16.27 18.50
C ARG A 60 1.24 16.92 17.27
N ASN A 61 2.01 17.00 16.19
CA ASN A 61 1.55 17.60 14.94
C ASN A 61 1.66 16.51 13.89
N ALA A 62 0.74 15.55 13.97
CA ALA A 62 0.79 14.37 13.13
C ALA A 62 0.05 14.71 11.84
N PHE A 63 0.78 14.83 10.75
CA PHE A 63 0.16 15.11 9.47
C PHE A 63 -0.09 13.77 8.79
N GLU A 64 -1.29 13.56 8.41
CA GLU A 64 -1.48 12.25 7.81
C GLU A 64 -1.29 12.41 6.31
N PRO A 65 -0.78 11.39 5.63
CA PRO A 65 -0.62 11.51 4.17
C PRO A 65 -1.99 11.60 3.49
N SER A 66 -1.93 11.89 2.19
CA SER A 66 -3.15 11.95 1.40
C SER A 66 -3.82 10.58 1.40
N GLU A 67 -5.11 10.56 1.07
CA GLU A 67 -5.80 9.28 1.04
C GLU A 67 -5.19 8.38 -0.04
N VAL A 68 -4.73 8.95 -1.15
CA VAL A 68 -4.11 8.12 -2.18
C VAL A 68 -2.83 7.49 -1.62
N ILE A 69 -2.01 8.30 -0.94
CA ILE A 69 -0.77 7.77 -0.37
C ILE A 69 -1.05 6.80 0.79
N SER A 70 -1.95 7.19 1.70
CA SER A 70 -2.22 6.33 2.85
C SER A 70 -2.77 4.97 2.40
N GLU A 71 -3.54 4.92 1.30
CA GLU A 71 -4.02 3.62 0.83
C GLU A 71 -2.92 2.84 0.11
N TRP A 72 -2.08 3.53 -0.66
CA TRP A 72 -0.93 2.84 -1.26
C TRP A 72 -0.04 2.23 -0.18
N LEU A 73 0.19 2.96 0.92
CA LEU A 73 1.02 2.46 2.00
C LEU A 73 0.40 1.25 2.70
N GLN A 74 -0.86 0.92 2.41
CA GLN A 74 -1.45 -0.30 2.94
C GLN A 74 -1.30 -1.50 2.01
N THR A 75 -1.01 -1.26 0.72
CA THR A 75 -0.77 -2.35 -0.20
C THR A 75 0.57 -3.01 0.11
N GLU A 76 0.78 -4.18 -0.51
CA GLU A 76 1.96 -5.00 -0.22
C GLU A 76 3.25 -4.32 -0.64
N SER A 77 3.29 -3.72 -1.83
CA SER A 77 4.48 -3.00 -2.26
C SER A 77 4.64 -1.68 -1.52
N GLY A 78 3.53 -0.95 -1.34
CA GLY A 78 3.61 0.33 -0.65
C GLY A 78 3.97 0.21 0.82
N ALA A 79 3.59 -0.90 1.46
CA ALA A 79 3.86 -1.07 2.89
C ALA A 79 5.34 -1.01 3.22
N ARG A 80 6.21 -1.32 2.26
CA ARG A 80 7.65 -1.26 2.51
C ARG A 80 8.11 0.16 2.83
N PHE A 81 7.30 1.17 2.54
CA PHE A 81 7.66 2.56 2.79
C PHE A 81 6.90 3.17 3.93
N ARG A 82 6.14 2.38 4.68
CA ARG A 82 5.44 2.89 5.84
C ARG A 82 6.40 2.88 7.01
N SER A 83 6.49 4.02 7.70
CA SER A 83 7.43 4.16 8.80
C SER A 83 6.75 3.88 10.15
N THR A 84 7.57 3.57 11.15
CA THR A 84 7.08 3.53 12.53
C THR A 84 6.61 4.92 12.96
N ARG A 85 5.42 4.98 13.56
CA ARG A 85 4.90 6.25 14.07
C ARG A 85 5.89 6.80 15.10
N PRO A 86 6.11 8.13 15.13
CA PRO A 86 5.42 9.18 14.37
C PRO A 86 6.16 9.65 13.12
N LEU A 87 7.08 8.83 12.60
CA LEU A 87 7.91 9.24 11.46
C LEU A 87 7.10 9.30 10.17
N PRO A 88 7.38 10.26 9.28
CA PRO A 88 6.67 10.32 8.00
C PRO A 88 7.09 9.18 7.09
N PRO A 89 6.31 8.94 6.03
CA PRO A 89 6.58 7.80 5.14
C PRO A 89 7.97 7.87 4.51
N ALA A 90 8.57 6.71 4.30
CA ALA A 90 9.76 6.45 3.50
C ALA A 90 11.05 6.85 4.20
N VAL A 91 11.00 7.55 5.35
CA VAL A 91 12.24 8.00 5.98
C VAL A 91 12.97 6.88 6.72
N GLU A 92 12.36 5.71 6.85
CA GLU A 92 13.02 4.54 7.42
C GLU A 92 13.42 3.51 6.38
N PHE A 93 13.08 3.73 5.10
CA PHE A 93 13.35 2.74 4.08
C PHE A 93 14.86 2.61 3.83
N ILE A 94 15.34 1.38 3.78
CA ILE A 94 16.76 1.08 3.66
C ILE A 94 17.02 0.55 2.26
N THR A 95 17.80 1.30 1.46
CA THR A 95 18.22 0.70 0.19
C THR A 95 19.41 -0.24 0.41
N PRO A 96 19.53 -1.29 -0.40
CA PRO A 96 20.68 -2.18 -0.30
C PRO A 96 21.98 -1.44 -0.62
N VAL A 97 23.05 -1.81 0.09
CA VAL A 97 24.37 -1.29 -0.23
C VAL A 97 24.73 -1.65 -1.66
N VAL A 98 25.17 -0.66 -2.43
CA VAL A 98 25.55 -0.91 -3.82
C VAL A 98 26.95 -0.38 -4.16
N LEU A 99 27.54 0.43 -3.29
CA LEU A 99 28.87 0.98 -3.50
C LEU A 99 29.87 0.38 -2.53
N SER A 100 31.15 0.52 -2.87
CA SER A 100 32.27 0.09 -2.04
C SER A 100 32.71 1.20 -1.11
N ARG A 101 33.47 0.84 -0.08
CA ARG A 101 33.89 1.80 0.91
C ARG A 101 34.63 2.91 0.33
N ASP A 102 35.49 2.62 -0.63
CA ASP A 102 36.31 3.66 -1.16
C ASP A 102 35.79 4.31 -2.43
N THR A 103 34.58 4.00 -2.82
CA THR A 103 34.01 4.56 -4.04
C THR A 103 34.15 6.08 -4.02
N VAL A 104 34.62 6.64 -5.12
CA VAL A 104 34.75 8.09 -5.22
C VAL A 104 33.37 8.65 -5.56
N LEU A 105 32.88 9.57 -4.73
CA LEU A 105 31.48 9.99 -4.80
C LEU A 105 31.24 11.24 -5.63
N ASP A 106 32.19 12.18 -5.67
CA ASP A 106 31.85 13.53 -6.12
C ASP A 106 32.91 14.10 -7.05
N LYS A 107 33.70 13.25 -7.69
CA LYS A 107 34.70 13.69 -8.63
C LYS A 107 34.67 12.75 -9.84
N PRO A 108 35.05 13.23 -11.01
CA PRO A 108 34.97 12.38 -12.21
C PRO A 108 36.02 11.29 -12.12
N VAL A 109 35.61 10.07 -12.42
CA VAL A 109 36.50 8.91 -12.35
C VAL A 109 36.68 8.37 -13.76
N VAL A 110 37.94 8.25 -14.20
CA VAL A 110 38.20 7.72 -15.53
C VAL A 110 37.62 6.33 -15.65
N GLY A 111 36.86 6.09 -16.73
CA GLY A 111 36.29 4.78 -16.93
C GLY A 111 35.07 4.45 -16.11
N LYS A 112 34.50 5.42 -15.38
CA LYS A 112 33.27 5.16 -14.66
C LYS A 112 32.26 6.30 -14.79
N GLY A 113 32.72 7.54 -14.62
CA GLY A 113 31.85 8.70 -14.59
C GLY A 113 31.89 9.41 -13.25
N ILE A 114 30.73 9.89 -12.80
CA ILE A 114 30.67 10.73 -11.60
C ILE A 114 29.35 10.51 -10.89
N PHE A 115 29.33 10.81 -9.59
CA PHE A 115 28.13 10.77 -8.75
C PHE A 115 27.46 9.41 -8.76
N PRO A 116 28.16 8.32 -8.46
CA PRO A 116 27.48 7.02 -8.36
C PRO A 116 26.46 7.06 -7.22
N ILE A 117 25.26 6.48 -7.49
CA ILE A 117 24.09 6.54 -6.61
C ILE A 117 24.14 5.46 -5.54
N GLY A 118 23.57 5.77 -4.37
CA GLY A 118 23.28 4.74 -3.38
C GLY A 118 24.29 4.73 -2.25
N ARG A 119 24.12 3.74 -1.40
CA ARG A 119 24.85 3.64 -0.13
C ARG A 119 26.13 2.81 -0.25
N ARG A 120 27.17 3.27 0.41
CA ARG A 120 28.34 2.48 0.77
C ARG A 120 28.03 1.74 2.06
N PRO A 121 28.84 0.74 2.43
CA PRO A 121 28.57 0.03 3.70
C PRO A 121 28.56 0.97 4.90
N GLN A 122 29.38 2.01 4.90
CA GLN A 122 29.45 2.91 6.04
C GLN A 122 28.35 3.98 6.03
N ASP A 123 27.52 4.05 4.98
CA ASP A 123 26.48 5.09 5.04
C ASP A 123 25.35 4.69 5.98
N PRO A 124 24.76 5.65 6.70
CA PRO A 124 23.58 5.33 7.51
C PRO A 124 22.51 4.62 6.69
N THR A 125 21.71 3.81 7.37
CA THR A 125 20.82 2.90 6.69
C THR A 125 19.70 3.64 5.95
N ASN A 126 19.17 4.71 6.54
CA ASN A 126 17.97 5.36 6.02
C ASN A 126 18.05 6.85 6.31
N MET A 127 17.04 7.60 5.84
CA MET A 127 17.12 9.05 5.97
C MET A 127 17.01 9.50 7.42
N ASP A 128 16.18 8.81 8.21
CA ASP A 128 16.08 9.12 9.62
C ASP A 128 17.45 9.03 10.29
N GLU A 129 18.16 7.92 10.06
CA GLU A 129 19.50 7.79 10.65
C GLU A 129 20.48 8.80 10.07
N PHE A 130 20.38 9.07 8.77
CA PHE A 130 21.30 10.03 8.16
C PHE A 130 21.15 11.41 8.79
N LEU A 131 19.91 11.87 8.97
CA LEU A 131 19.69 13.18 9.55
C LEU A 131 19.99 13.18 11.04
N ASP A 132 19.73 12.06 11.73
CA ASP A 132 20.13 11.97 13.13
C ASP A 132 21.65 12.03 13.27
N THR A 133 22.38 11.34 12.40
CA THR A 133 23.84 11.40 12.43
C THR A 133 24.33 12.82 12.18
N SER A 134 23.71 13.53 11.22
CA SER A 134 24.06 14.93 10.98
C SER A 134 23.83 15.77 12.23
N LEU A 135 22.68 15.60 12.88
CA LEU A 135 22.40 16.36 14.09
C LEU A 135 23.41 16.06 15.17
N LEU A 136 23.77 14.78 15.35
CA LEU A 136 24.73 14.40 16.38
C LEU A 136 26.12 14.93 16.12
N SER A 137 26.46 15.24 14.86
CA SER A 137 27.78 15.76 14.56
C SER A 137 27.94 17.22 14.97
N LEU A 138 26.86 17.88 15.34
CA LEU A 138 26.95 19.25 15.85
C LEU A 138 27.42 19.25 17.29
N ASN A 139 27.96 20.36 17.72
CA ASN A 139 28.34 20.52 19.10
C ASN A 139 27.12 20.88 19.88
N GLN A 140 27.14 20.54 21.15
CA GLN A 140 26.04 20.80 22.02
C GLN A 140 26.02 22.25 22.29
N SER A 141 24.84 22.84 22.32
CA SER A 141 24.75 24.25 22.54
C SER A 141 23.73 24.63 23.53
N SER A 142 24.07 25.56 24.39
CA SER A 142 23.13 26.09 25.35
C SER A 142 22.48 27.40 24.90
N THR A 143 22.85 27.92 23.72
CA THR A 143 22.29 29.18 23.25
C THR A 143 21.33 29.01 22.09
N VAL A 144 21.33 27.86 21.42
CA VAL A 144 20.44 27.66 20.29
C VAL A 144 19.00 27.56 20.80
N ASP A 145 18.08 28.16 20.06
CA ASP A 145 16.68 28.18 20.42
C ASP A 145 16.04 26.82 20.11
N LEU A 146 15.53 26.14 21.14
CA LEU A 146 14.97 24.81 20.96
C LEU A 146 13.83 24.79 19.94
N ALA A 147 12.88 25.74 20.08
CA ALA A 147 11.71 25.75 19.21
C ALA A 147 12.13 25.88 17.73
N SER A 148 13.04 26.81 17.45
CA SER A 148 13.50 27.01 16.07
C SER A 148 14.21 25.78 15.55
N ALA A 149 15.15 25.25 16.34
CA ALA A 149 15.92 24.10 15.89
C ALA A 149 15.02 22.90 15.60
N VAL A 150 14.12 22.56 16.53
CA VAL A 150 13.25 21.41 16.31
C VAL A 150 12.34 21.64 15.11
N SER A 151 11.80 22.85 14.98
CA SER A 151 10.89 23.14 13.88
C SER A 151 11.58 23.01 12.53
N LEU A 152 12.85 23.45 12.43
CA LEU A 152 13.58 23.22 11.18
C LEU A 152 13.88 21.74 10.96
N ASP A 153 14.22 20.98 12.02
CA ASP A 153 14.43 19.55 11.86
C ASP A 153 13.19 18.87 11.30
N VAL A 154 12.04 19.22 11.86
CA VAL A 154 10.78 18.62 11.44
C VAL A 154 10.43 19.00 10.01
N SER A 155 10.64 20.27 9.65
CA SER A 155 10.43 20.69 8.27
C SER A 155 11.21 19.80 7.31
N LEU A 156 12.49 19.56 7.62
CA LEU A 156 13.33 18.77 6.73
C LEU A 156 12.81 17.34 6.59
N LEU A 157 12.37 16.73 7.70
CA LEU A 157 11.81 15.40 7.61
C LEU A 157 10.56 15.38 6.74
N HIS A 158 9.69 16.39 6.88
CA HIS A 158 8.52 16.40 6.03
C HIS A 158 8.89 16.63 4.57
N LEU A 159 9.88 17.49 4.31
CA LEU A 159 10.27 17.77 2.94
C LEU A 159 10.83 16.53 2.23
N VAL A 160 11.74 15.80 2.90
CA VAL A 160 12.35 14.65 2.23
C VAL A 160 11.33 13.55 2.03
N SER A 161 10.37 13.42 2.93
CA SER A 161 9.33 12.43 2.72
C SER A 161 8.46 12.79 1.51
N ALA A 162 7.98 14.03 1.46
CA ALA A 162 7.15 14.44 0.33
C ALA A 162 7.91 14.34 -0.98
N ARG A 163 9.20 14.66 -0.96
CA ARG A 163 10.00 14.62 -2.18
C ARG A 163 10.03 13.20 -2.76
N VAL A 164 10.36 12.20 -1.95
CA VAL A 164 10.50 10.86 -2.51
C VAL A 164 9.12 10.29 -2.83
N LEU A 165 8.08 10.69 -2.09
CA LEU A 165 6.74 10.17 -2.38
C LEU A 165 6.20 10.62 -3.72
N LEU A 166 6.77 11.66 -4.33
CA LEU A 166 6.38 11.98 -5.69
C LEU A 166 6.69 10.85 -6.65
N GLY A 167 7.58 9.93 -6.28
CA GLY A 167 7.82 8.77 -7.13
C GLY A 167 6.55 8.01 -7.46
N TYR A 168 5.57 8.03 -6.56
CA TYR A 168 4.37 7.25 -6.81
C TYR A 168 3.59 7.80 -7.99
N PRO A 169 3.14 9.07 -7.99
CA PRO A 169 2.46 9.57 -9.20
C PRO A 169 3.36 9.63 -10.42
N ILE A 170 4.67 9.84 -10.25
CA ILE A 170 5.58 9.80 -11.38
C ILE A 170 5.56 8.42 -12.01
N ALA A 171 5.58 7.36 -11.20
CA ALA A 171 5.61 6.01 -11.74
C ALA A 171 4.34 5.70 -12.51
N LEU A 172 3.19 6.13 -12.00
CA LEU A 172 1.93 5.89 -12.71
C LEU A 172 1.93 6.56 -14.06
N ALA A 173 2.46 7.78 -14.14
CA ALA A 173 2.54 8.48 -15.43
C ALA A 173 3.54 7.79 -16.35
N LYS A 174 4.71 7.39 -15.82
CA LYS A 174 5.69 6.68 -16.63
C LYS A 174 5.11 5.38 -17.17
N PHE A 175 4.30 4.70 -16.35
CA PHE A 175 3.69 3.46 -16.80
C PHE A 175 2.83 3.69 -18.04
N ASP A 176 1.99 4.72 -18.02
CA ASP A 176 1.18 5.01 -19.20
C ASP A 176 2.01 5.49 -20.38
N TRP A 177 3.08 6.24 -20.10
CA TRP A 177 3.91 6.80 -21.16
C TRP A 177 4.75 5.71 -21.82
N LEU A 178 5.25 4.77 -21.04
CA LEU A 178 6.16 3.72 -21.50
C LEU A 178 5.53 2.36 -21.26
N HIS A 179 4.23 2.27 -21.60
CA HIS A 179 3.41 1.10 -21.27
C HIS A 179 4.04 -0.20 -21.72
N ASP A 180 4.39 -0.29 -23.01
CA ASP A 180 4.91 -1.54 -23.56
C ASP A 180 6.20 -1.97 -22.88
N ASN A 181 7.08 -1.00 -22.58
CA ASN A 181 8.36 -1.33 -21.96
C ASN A 181 8.15 -2.06 -20.64
N PHE A 182 7.28 -1.52 -19.77
CA PHE A 182 7.09 -2.12 -18.47
C PHE A 182 6.28 -3.42 -18.57
N CYS A 183 5.29 -3.46 -19.46
CA CYS A 183 4.46 -4.65 -19.59
C CYS A 183 5.25 -5.85 -20.08
N HIS A 184 6.27 -5.61 -20.92
CA HIS A 184 7.14 -6.70 -21.33
C HIS A 184 7.84 -7.36 -20.16
N ILE A 185 8.13 -6.60 -19.11
CA ILE A 185 8.68 -7.18 -17.89
C ILE A 185 7.59 -7.83 -17.05
N LEU A 186 6.47 -7.12 -16.88
CA LEU A 186 5.46 -7.54 -15.93
C LEU A 186 4.76 -8.83 -16.35
N THR A 187 4.60 -9.06 -17.66
CA THR A 187 3.90 -10.24 -18.16
C THR A 187 4.83 -11.38 -18.49
N ASN A 188 6.12 -11.25 -18.17
CA ASN A 188 7.11 -12.29 -18.44
C ASN A 188 7.00 -13.36 -17.35
N THR A 189 6.45 -14.53 -17.69
CA THR A 189 6.20 -15.58 -16.71
C THR A 189 7.45 -16.38 -16.36
N THR A 190 8.57 -16.14 -17.03
CA THR A 190 9.83 -16.77 -16.64
C THR A 190 10.54 -16.05 -15.48
N LEU A 191 10.21 -14.78 -15.21
CA LEU A 191 10.94 -14.01 -14.22
C LEU A 191 10.33 -14.13 -12.84
N SER A 192 11.19 -14.24 -11.82
CA SER A 192 10.74 -14.17 -10.44
C SER A 192 10.31 -12.74 -10.11
N LYS A 193 9.55 -12.61 -9.01
CA LYS A 193 9.17 -11.28 -8.54
C LYS A 193 10.35 -10.34 -8.40
N SER A 194 11.44 -10.82 -7.78
CA SER A 194 12.59 -9.96 -7.55
C SER A 194 13.32 -9.64 -8.86
N GLN A 195 13.37 -10.58 -9.81
CA GLN A 195 13.97 -10.24 -11.10
C GLN A 195 13.13 -9.20 -11.84
N LYS A 196 11.80 -9.24 -11.67
CA LYS A 196 10.97 -8.19 -12.27
C LYS A 196 11.27 -6.85 -11.61
N LEU A 197 11.41 -6.85 -10.28
CA LEU A 197 11.77 -5.62 -9.57
C LEU A 197 13.11 -5.07 -10.07
N ALA A 198 14.11 -5.95 -10.20
CA ALA A 198 15.42 -5.52 -10.70
C ALA A 198 15.32 -4.95 -12.11
N ASN A 199 14.59 -5.65 -13.00
CA ASN A 199 14.49 -5.19 -14.38
C ASN A 199 13.72 -3.87 -14.47
N ILE A 200 12.71 -3.70 -13.63
CA ILE A 200 11.94 -2.45 -13.61
C ILE A 200 12.80 -1.30 -13.10
N ILE A 201 13.55 -1.52 -12.01
CA ILE A 201 14.46 -0.50 -11.49
C ILE A 201 15.45 -0.08 -12.56
N GLN A 202 15.96 -1.04 -13.33
CA GLN A 202 16.93 -0.69 -14.37
C GLN A 202 16.27 0.11 -15.47
N GLN A 203 15.04 -0.27 -15.86
CA GLN A 203 14.29 0.53 -16.83
C GLN A 203 14.05 1.95 -16.33
N LEU A 204 13.84 2.13 -15.02
CA LEU A 204 13.58 3.44 -14.44
C LEU A 204 14.84 4.28 -14.25
N THR A 205 16.02 3.69 -14.35
CA THR A 205 17.24 4.39 -13.98
C THR A 205 17.85 5.07 -15.18
N ASP A 206 18.08 6.37 -15.08
CA ASP A 206 18.76 7.14 -16.11
C ASP A 206 19.87 7.95 -15.45
N HIS A 207 21.09 7.43 -15.49
CA HIS A 207 22.15 8.09 -14.72
C HIS A 207 22.51 9.46 -15.28
N LYS A 208 22.36 9.67 -16.60
CA LYS A 208 22.64 10.99 -17.13
C LYS A 208 21.75 12.05 -16.52
N GLN A 209 20.46 11.74 -16.30
CA GLN A 209 19.57 12.65 -15.59
C GLN A 209 19.97 12.77 -14.12
N GLU A 210 20.43 11.69 -13.51
CA GLU A 210 20.90 11.76 -12.14
C GLU A 210 22.10 12.71 -12.01
N VAL A 211 23.05 12.63 -12.95
CA VAL A 211 24.19 13.54 -12.93
C VAL A 211 23.72 14.97 -13.11
N ASN A 212 22.70 15.18 -13.95
CA ASN A 212 22.18 16.53 -14.13
C ASN A 212 21.66 17.11 -12.82
N VAL A 213 20.86 16.32 -12.08
CA VAL A 213 20.34 16.77 -10.78
C VAL A 213 21.48 17.00 -9.80
N LEU A 214 22.38 16.03 -9.68
CA LEU A 214 23.39 16.14 -8.61
C LEU A 214 24.40 17.24 -8.90
N SER A 215 24.74 17.45 -10.16
CA SER A 215 25.53 18.62 -10.52
C SER A 215 24.85 19.91 -10.09
N ARG A 216 23.53 20.02 -10.31
CA ARG A 216 22.81 21.23 -9.90
C ARG A 216 22.74 21.34 -8.38
N VAL A 217 22.50 20.21 -7.69
CA VAL A 217 22.49 20.25 -6.23
C VAL A 217 23.84 20.72 -5.69
N GLU A 218 24.94 20.24 -6.28
CA GLU A 218 26.24 20.71 -5.83
C GLU A 218 26.40 22.21 -6.05
N GLN A 219 25.96 22.72 -7.20
CA GLN A 219 26.04 24.16 -7.44
C GLN A 219 25.18 24.93 -6.45
N LYS A 220 23.95 24.45 -6.23
CA LYS A 220 23.08 25.14 -5.29
C LYS A 220 23.70 25.15 -3.91
N SER A 221 24.26 24.01 -3.50
CA SER A 221 24.81 23.98 -2.14
C SER A 221 25.98 24.95 -1.99
N LYS A 222 26.79 25.12 -3.04
CA LYS A 222 27.88 26.09 -2.97
C LYS A 222 27.36 27.51 -2.99
N SER A 223 26.44 27.83 -3.91
CA SER A 223 25.93 29.20 -4.02
C SER A 223 25.15 29.61 -2.77
N LEU A 224 24.26 28.74 -2.29
CA LEU A 224 23.42 29.13 -1.15
C LEU A 224 24.16 29.12 0.18
N SER A 225 25.38 28.58 0.25
CA SER A 225 26.16 28.58 1.48
C SER A 225 27.20 29.70 1.53
N HIS A 226 27.05 30.69 0.64
CA HIS A 226 27.96 31.83 0.57
C HIS A 226 27.99 32.55 1.92
N LEU A 227 29.18 32.96 2.33
CA LEU A 227 29.36 33.70 3.58
C LEU A 227 29.41 35.20 3.31
N PHE A 228 28.74 35.96 4.18
CA PHE A 228 28.70 37.41 4.06
C PHE A 228 29.42 38.04 5.26
N ARG A 229 29.41 39.38 5.26
CA ARG A 229 30.16 40.18 6.22
C ARG A 229 29.86 39.76 7.66
N ASN A 230 30.89 39.29 8.37
CA ASN A 230 30.83 38.90 9.78
C ASN A 230 30.02 37.64 10.06
N ASP A 231 29.63 36.88 9.04
CA ASP A 231 28.92 35.63 9.27
C ASP A 231 29.82 34.59 9.93
N ILE A 232 29.22 33.77 10.77
CA ILE A 232 29.87 32.58 11.31
C ILE A 232 29.93 31.51 10.21
N PRO A 233 31.06 30.84 10.01
CA PRO A 233 31.11 29.79 8.98
C PRO A 233 30.14 28.64 9.27
N TYR A 234 29.77 27.94 8.19
CA TYR A 234 29.01 26.71 8.35
C TYR A 234 29.91 25.63 8.93
N PRO A 235 29.35 24.64 9.61
CA PRO A 235 30.17 23.54 10.09
C PRO A 235 30.84 22.84 8.93
N PRO A 236 32.00 22.24 9.16
CA PRO A 236 32.66 21.48 8.08
C PRO A 236 31.75 20.39 7.57
N HIS A 237 31.88 20.10 6.28
CA HIS A 237 31.18 19.04 5.57
C HIS A 237 29.69 19.31 5.37
N THR A 238 29.24 20.54 5.65
CA THR A 238 27.82 20.85 5.42
C THR A 238 27.43 20.60 3.97
N GLN A 239 28.24 21.10 3.03
CA GLN A 239 27.91 20.91 1.62
C GLN A 239 28.01 19.44 1.23
N ASP A 240 29.00 18.73 1.77
CA ASP A 240 29.13 17.30 1.45
C ASP A 240 27.89 16.54 1.84
N ARG A 241 27.33 16.86 3.01
CA ARG A 241 26.18 16.10 3.49
C ARG A 241 24.92 16.47 2.73
N ILE A 242 24.82 17.71 2.23
CA ILE A 242 23.68 18.04 1.36
C ILE A 242 23.71 17.18 0.11
N LEU A 243 24.87 17.11 -0.55
CA LEU A 243 24.97 16.24 -1.73
C LEU A 243 24.67 14.79 -1.36
N ARG A 244 25.23 14.31 -0.26
CA ARG A 244 25.03 12.91 0.11
C ARG A 244 23.54 12.59 0.32
N LEU A 245 22.79 13.53 0.90
CA LEU A 245 21.35 13.30 1.07
C LEU A 245 20.67 12.98 -0.25
N PHE A 246 20.98 13.73 -1.31
CA PHE A 246 20.35 13.48 -2.61
C PHE A 246 20.92 12.23 -3.28
N GLN A 247 22.24 12.08 -3.23
CA GLN A 247 22.90 11.05 -4.03
C GLN A 247 22.71 9.66 -3.44
N ALA A 248 22.72 9.55 -2.10
CA ALA A 248 22.65 8.24 -1.45
C ALA A 248 21.25 7.88 -0.97
N TYR A 249 20.34 8.85 -0.91
CA TYR A 249 19.00 8.58 -0.38
C TYR A 249 17.88 9.05 -1.31
N LEU A 250 17.76 10.36 -1.53
CA LEU A 250 16.57 10.88 -2.21
C LEU A 250 16.41 10.27 -3.59
N ILE A 251 17.47 10.27 -4.39
CA ILE A 251 17.36 9.71 -5.74
C ILE A 251 17.09 8.21 -5.70
N PRO A 252 17.89 7.37 -5.04
CA PRO A 252 17.61 5.93 -5.10
C PRO A 252 16.29 5.53 -4.43
N ILE A 253 15.88 6.20 -3.35
CA ILE A 253 14.59 5.84 -2.72
C ILE A 253 13.44 6.20 -3.66
N THR A 254 13.51 7.37 -4.31
CA THR A 254 12.51 7.75 -5.29
C THR A 254 12.39 6.68 -6.38
N THR A 255 13.53 6.20 -6.90
CA THR A 255 13.49 5.18 -7.94
C THR A 255 12.84 3.88 -7.41
N GLN A 256 13.14 3.49 -6.18
CA GLN A 256 12.53 2.28 -5.64
C GLN A 256 11.04 2.46 -5.40
N ILE A 257 10.63 3.65 -4.98
CA ILE A 257 9.19 3.88 -4.84
C ILE A 257 8.51 3.74 -6.20
N GLU A 258 9.11 4.29 -7.25
CA GLU A 258 8.57 4.15 -8.60
C GLU A 258 8.51 2.68 -9.02
N ALA A 259 9.56 1.91 -8.74
CA ALA A 259 9.56 0.50 -9.12
C ALA A 259 8.46 -0.26 -8.38
N ALA A 260 8.32 -0.01 -7.07
CA ALA A 260 7.29 -0.69 -6.28
C ALA A 260 5.90 -0.40 -6.83
N ALA A 261 5.65 0.85 -7.22
CA ALA A 261 4.34 1.21 -7.75
C ALA A 261 4.05 0.49 -9.06
N ILE A 262 5.05 0.36 -9.92
CA ILE A 262 4.91 -0.32 -11.20
C ILE A 262 4.61 -1.80 -11.00
N LEU A 263 5.32 -2.42 -10.06
CA LEU A 263 5.42 -3.89 -10.00
C LEU A 263 4.06 -4.57 -9.92
N ASP A 264 3.12 -4.02 -9.16
CA ASP A 264 1.81 -4.67 -9.03
C ASP A 264 0.83 -4.35 -10.18
N HIS A 265 1.27 -3.86 -11.34
CA HIS A 265 0.38 -3.38 -12.41
C HIS A 265 0.30 -4.31 -13.61
N ALA A 266 0.58 -5.61 -13.43
CA ALA A 266 0.43 -6.54 -14.56
C ALA A 266 -0.99 -6.59 -15.10
N ASN A 267 -2.02 -6.45 -14.24
CA ASN A 267 -3.39 -6.46 -14.74
C ASN A 267 -3.72 -5.32 -15.68
N LYS A 268 -2.89 -4.30 -15.77
CA LYS A 268 -3.13 -3.22 -16.71
C LYS A 268 -2.42 -3.41 -18.05
N CYS A 269 -1.76 -4.56 -18.24
CA CYS A 269 -1.12 -4.89 -19.50
C CYS A 269 -2.02 -5.72 -20.40
N GLY B 6 38.14 49.49 39.03
CA GLY B 6 37.58 49.18 40.33
C GLY B 6 36.54 48.13 40.21
N LYS B 7 35.70 47.97 41.22
CA LYS B 7 34.64 46.96 41.17
C LYS B 7 33.68 47.31 40.03
N SER B 8 33.41 48.59 39.89
CA SER B 8 32.62 49.13 38.84
C SER B 8 33.23 48.91 37.49
N GLU B 9 34.49 49.23 37.35
CA GLU B 9 35.16 49.11 36.08
C GLU B 9 35.15 47.65 35.63
N ALA B 10 35.43 46.76 36.54
CA ALA B 10 35.40 45.34 36.18
C ALA B 10 34.01 44.90 35.72
N ALA B 11 32.96 45.40 36.39
CA ALA B 11 31.60 45.01 36.00
C ALA B 11 31.26 45.52 34.61
N GLU B 12 31.72 46.72 34.27
CA GLU B 12 31.49 47.23 32.93
C GLU B 12 32.20 46.38 31.90
N ILE B 13 33.38 45.88 32.23
CA ILE B 13 34.14 45.10 31.26
C ILE B 13 33.47 43.77 30.99
N GLU B 14 33.00 43.07 32.03
CA GLU B 14 32.25 41.85 31.79
C GLU B 14 31.13 42.15 30.82
N ALA B 15 30.49 43.29 31.09
CA ALA B 15 29.25 43.70 30.43
C ALA B 15 29.47 43.86 28.94
N GLY B 16 30.54 44.57 28.55
CA GLY B 16 30.90 44.65 27.16
C GLY B 16 31.20 43.29 26.56
N ASP B 17 31.95 42.46 27.30
CA ASP B 17 32.23 41.12 26.81
C ASP B 17 30.95 40.36 26.59
N ARG B 18 30.02 40.47 27.53
CA ARG B 18 28.72 39.83 27.45
C ARG B 18 27.93 40.38 26.26
N LEU B 19 27.98 41.71 26.04
CA LEU B 19 27.25 42.33 24.93
C LEU B 19 27.77 41.85 23.57
N ASP B 20 29.10 41.79 23.42
CA ASP B 20 29.70 41.34 22.17
C ASP B 20 29.19 39.96 21.80
N ALA B 21 29.14 39.05 22.77
CA ALA B 21 28.71 37.69 22.52
C ALA B 21 27.23 37.63 22.16
N LEU B 22 26.40 38.43 22.85
CA LEU B 22 24.97 38.44 22.55
C LEU B 22 24.69 39.03 21.18
N ARG B 23 25.46 40.06 20.79
CA ARG B 23 25.32 40.64 19.46
C ARG B 23 25.65 39.62 18.38
N ASP B 24 26.67 38.79 18.61
CA ASP B 24 26.96 37.70 17.67
C ASP B 24 25.78 36.75 17.57
N GLN B 25 25.14 36.46 18.71
CA GLN B 25 23.98 35.58 18.70
C GLN B 25 22.82 36.20 17.93
N LEU B 26 22.64 37.52 18.07
CA LEU B 26 21.59 38.21 17.33
C LEU B 26 21.81 38.10 15.83
N GLN B 27 23.05 38.39 15.38
CA GLN B 27 23.34 38.34 13.96
C GLN B 27 23.19 36.93 13.39
N ARG B 28 23.42 35.92 14.22
CA ARG B 28 23.33 34.53 13.76
C ARG B 28 21.94 34.13 13.27
N TYR B 29 20.90 34.89 13.65
CA TYR B 29 19.55 34.61 13.17
C TYR B 29 19.30 35.08 11.73
N GLU B 30 20.15 35.97 11.21
CA GLU B 30 19.87 36.60 9.91
C GLU B 30 19.75 35.57 8.82
N THR B 31 20.80 34.77 8.64
CA THR B 31 20.78 33.80 7.55
C THR B 31 19.69 32.76 7.74
N PRO B 32 19.50 32.14 8.92
CA PRO B 32 18.39 31.17 9.07
C PRO B 32 17.02 31.76 8.76
N ILE B 33 16.74 33.00 9.20
CA ILE B 33 15.45 33.63 8.89
C ILE B 33 15.31 33.78 7.37
N ILE B 34 16.37 34.25 6.71
CA ILE B 34 16.28 34.46 5.27
C ILE B 34 16.14 33.13 4.52
N GLN B 35 16.93 32.12 4.91
CA GLN B 35 16.83 30.81 4.26
C GLN B 35 15.46 30.20 4.48
N THR B 36 14.89 30.40 5.67
CA THR B 36 13.60 29.76 5.94
C THR B 36 12.50 30.41 5.11
N ILE B 37 12.54 31.73 4.96
CA ILE B 37 11.59 32.42 4.09
C ILE B 37 11.73 31.94 2.66
N LEU B 38 12.98 31.88 2.17
CA LEU B 38 13.19 31.43 0.79
C LEU B 38 12.74 29.98 0.59
N ALA B 39 13.00 29.11 1.57
CA ALA B 39 12.56 27.73 1.44
C ALA B 39 11.04 27.66 1.25
N ARG B 40 10.30 28.39 2.08
CA ARG B 40 8.82 28.36 1.96
C ARG B 40 8.39 28.99 0.64
N SER B 41 9.04 30.07 0.23
CA SER B 41 8.66 30.74 -1.02
C SER B 41 8.99 29.89 -2.22
N ALA B 42 10.09 29.15 -2.17
CA ALA B 42 10.46 28.27 -3.27
C ALA B 42 9.54 27.06 -3.38
N LEU B 43 8.95 26.66 -2.24
CA LEU B 43 8.26 25.36 -2.16
C LEU B 43 6.96 25.34 -2.96
N GLY B 44 6.19 26.41 -2.93
CA GLY B 44 4.93 26.43 -3.66
C GLY B 44 3.96 27.44 -3.09
N GLY B 45 2.73 27.38 -3.60
CA GLY B 45 1.71 28.31 -3.20
C GLY B 45 1.17 27.98 -1.82
N ARG B 46 0.05 28.63 -1.48
CA ARG B 46 -0.49 28.45 -0.14
C ARG B 46 -1.46 27.27 -0.08
N ALA B 47 -1.31 26.46 0.98
CA ALA B 47 -2.13 25.28 1.16
C ALA B 47 -3.52 25.70 1.66
N PRO B 48 -4.55 24.90 1.39
CA PRO B 48 -5.87 25.19 1.97
C PRO B 48 -5.75 25.28 3.48
N SER B 49 -6.33 26.36 4.04
CA SER B 49 -6.42 26.54 5.49
C SER B 49 -5.03 26.60 6.13
N GLU B 50 -4.03 27.11 5.42
CA GLU B 50 -2.68 27.10 5.98
C GLU B 50 -2.56 27.88 7.24
N GLN B 51 -3.18 29.02 7.31
CA GLN B 51 -3.11 29.84 8.47
C GLN B 51 -3.66 29.13 9.68
N ASP B 52 -4.79 28.49 9.51
CA ASP B 52 -5.41 27.75 10.54
C ASP B 52 -4.54 26.61 10.99
N GLU B 53 -3.90 25.94 10.02
CA GLU B 53 -3.02 24.81 10.33
C GLU B 53 -1.79 25.26 11.09
N VAL B 54 -1.27 26.45 10.78
CA VAL B 54 -0.13 27.00 11.53
C VAL B 54 -0.51 27.22 13.00
N ARG B 55 -1.68 27.83 13.24
CA ARG B 55 -2.12 28.03 14.64
C ARG B 55 -2.30 26.70 15.35
N ALA B 56 -2.90 25.70 14.68
CA ALA B 56 -3.08 24.40 15.30
C ALA B 56 -1.74 23.75 15.60
N ALA B 57 -0.77 23.92 14.69
CA ALA B 57 0.57 23.38 14.94
C ALA B 57 1.22 24.05 16.15
N LEU B 58 1.12 25.37 16.24
CA LEU B 58 1.66 26.11 17.37
C LEU B 58 0.97 25.72 18.67
N SER B 59 -0.34 25.49 18.60
CA SER B 59 -1.08 25.07 19.79
C SER B 59 -0.68 23.65 20.23
N ARG B 60 -0.56 22.74 19.27
CA ARG B 60 -0.28 21.33 19.60
C ARG B 60 1.16 21.12 20.02
N ASN B 61 2.05 21.96 19.53
CA ASN B 61 3.47 21.85 19.82
C ASN B 61 3.92 23.16 20.43
N ALA B 62 3.52 23.41 21.68
CA ALA B 62 3.81 24.68 22.34
C ALA B 62 5.14 24.57 23.04
N PHE B 63 6.09 25.39 22.63
CA PHE B 63 7.38 25.42 23.31
C PHE B 63 7.31 26.52 24.35
N GLU B 64 7.65 26.19 25.58
CA GLU B 64 7.44 27.34 26.40
C GLU B 64 8.71 28.15 26.51
N PRO B 65 8.59 29.47 26.74
CA PRO B 65 9.80 30.28 26.88
C PRO B 65 10.57 29.89 28.14
N SER B 66 11.78 30.44 28.23
CA SER B 66 12.61 30.24 29.40
C SER B 66 11.90 30.80 30.63
N GLU B 67 12.35 30.40 31.81
CA GLU B 67 11.70 30.90 33.00
C GLU B 67 11.86 32.39 33.20
N VAL B 68 13.00 32.95 32.93
CA VAL B 68 13.08 34.38 33.07
C VAL B 68 12.20 35.13 32.13
N ILE B 69 12.15 34.75 30.87
CA ILE B 69 11.29 35.44 29.95
C ILE B 69 9.85 35.26 30.27
N SER B 70 9.49 34.06 30.67
CA SER B 70 8.12 33.77 30.97
C SER B 70 7.54 34.67 32.05
N GLU B 71 8.31 34.88 33.09
CA GLU B 71 7.99 35.79 34.17
C GLU B 71 7.94 37.21 33.69
N TRP B 72 8.92 37.57 32.86
CA TRP B 72 8.94 38.93 32.35
C TRP B 72 7.65 39.25 31.62
N LEU B 73 7.15 38.28 30.84
CA LEU B 73 5.93 38.38 30.13
C LEU B 73 4.71 38.61 31.00
N GLN B 74 4.72 38.15 32.23
CA GLN B 74 3.73 38.44 33.27
C GLN B 74 3.76 39.86 33.79
N THR B 75 4.93 40.43 33.96
CA THR B 75 5.02 41.76 34.47
C THR B 75 4.39 42.70 33.48
N GLU B 76 3.88 43.84 33.89
CA GLU B 76 3.21 44.69 32.92
C GLU B 76 4.05 45.18 31.78
N SER B 77 5.30 45.51 32.03
CA SER B 77 6.07 45.99 30.91
C SER B 77 6.19 44.87 29.91
N GLY B 78 6.52 43.71 30.41
CA GLY B 78 6.76 42.55 29.56
C GLY B 78 5.50 42.02 28.93
N ALA B 79 4.35 42.21 29.59
CA ALA B 79 3.11 41.66 29.03
C ALA B 79 2.77 42.24 27.66
N ARG B 80 3.21 43.47 27.32
CA ARG B 80 2.94 43.94 25.97
C ARG B 80 3.65 43.12 24.89
N PHE B 81 4.60 42.24 25.25
CA PHE B 81 5.23 41.33 24.28
C PHE B 81 4.73 39.90 24.42
N ARG B 82 3.72 39.67 25.27
CA ARG B 82 3.08 38.37 25.40
C ARG B 82 2.00 38.27 24.34
N SER B 83 2.03 37.20 23.55
CA SER B 83 1.05 37.05 22.49
C SER B 83 -0.15 36.27 23.00
N THR B 84 -1.26 36.42 22.28
CA THR B 84 -2.40 35.55 22.44
C THR B 84 -1.99 34.12 22.10
N ARG B 85 -2.35 33.18 22.98
CA ARG B 85 -2.04 31.78 22.68
C ARG B 85 -2.68 31.38 21.35
N PRO B 86 -1.99 30.58 20.53
CA PRO B 86 -0.73 29.91 20.82
C PRO B 86 0.52 30.58 20.22
N LEU B 87 0.43 31.86 19.87
CA LEU B 87 1.55 32.54 19.18
C LEU B 87 2.73 32.76 20.13
N PRO B 88 3.96 32.68 19.59
CA PRO B 88 5.16 32.91 20.42
C PRO B 88 5.32 34.38 20.78
N PRO B 89 6.18 34.69 21.75
CA PRO B 89 6.34 36.07 22.20
C PRO B 89 6.73 37.03 21.07
N ALA B 90 6.19 38.25 21.16
CA ALA B 90 6.54 39.44 20.40
C ALA B 90 5.94 39.47 18.99
N VAL B 91 5.41 38.36 18.48
CA VAL B 91 4.92 38.36 17.11
C VAL B 91 3.60 39.10 16.95
N GLU B 92 2.96 39.51 18.03
CA GLU B 92 1.80 40.37 17.94
C GLU B 92 2.08 41.80 18.33
N PHE B 93 3.30 42.12 18.76
CA PHE B 93 3.58 43.46 19.24
C PHE B 93 3.51 44.46 18.10
N ILE B 94 2.84 45.59 18.34
CA ILE B 94 2.61 46.62 17.34
C ILE B 94 3.49 47.81 17.70
N THR B 95 4.48 48.13 16.82
CA THR B 95 5.19 49.37 17.01
C THR B 95 4.36 50.51 16.44
N PRO B 96 4.42 51.69 17.05
CA PRO B 96 3.67 52.83 16.52
C PRO B 96 4.18 53.21 15.14
N VAL B 97 3.26 53.66 14.29
CA VAL B 97 3.66 54.17 12.99
C VAL B 97 4.63 55.32 13.19
N VAL B 98 5.79 55.26 12.53
CA VAL B 98 6.78 56.31 12.62
C VAL B 98 7.17 56.89 11.27
N LEU B 99 6.80 56.25 10.18
CA LEU B 99 7.16 56.74 8.86
C LEU B 99 5.91 57.25 8.13
N SER B 100 6.14 58.10 7.16
CA SER B 100 5.02 58.59 6.38
C SER B 100 4.75 57.64 5.23
N ARG B 101 3.52 57.72 4.73
CA ARG B 101 3.05 56.82 3.68
C ARG B 101 4.03 56.80 2.51
N ASP B 102 4.64 57.94 2.18
CA ASP B 102 5.51 58.03 1.02
C ASP B 102 7.01 57.91 1.34
N THR B 103 7.37 57.44 2.54
CA THR B 103 8.79 57.29 2.88
C THR B 103 9.49 56.32 1.93
N VAL B 104 10.64 56.72 1.40
CA VAL B 104 11.42 55.85 0.51
C VAL B 104 12.22 54.87 1.36
N LEU B 105 12.03 53.57 1.11
CA LEU B 105 12.48 52.53 2.03
C LEU B 105 13.85 51.95 1.72
N ASP B 106 14.27 51.90 0.45
CA ASP B 106 15.37 51.01 0.13
C ASP B 106 16.37 51.61 -0.86
N LYS B 107 16.41 52.91 -1.00
CA LYS B 107 17.42 53.56 -1.83
C LYS B 107 17.87 54.85 -1.17
N PRO B 108 19.10 55.30 -1.46
CA PRO B 108 19.64 56.47 -0.75
C PRO B 108 18.86 57.73 -1.11
N VAL B 109 18.50 58.49 -0.08
CA VAL B 109 17.75 59.74 -0.23
C VAL B 109 18.68 60.87 0.18
N VAL B 110 18.87 61.84 -0.72
CA VAL B 110 19.71 62.99 -0.43
C VAL B 110 19.21 63.71 0.82
N GLY B 111 20.12 63.97 1.76
CA GLY B 111 19.77 64.67 2.97
C GLY B 111 19.05 63.85 4.01
N LYS B 112 18.95 62.53 3.84
CA LYS B 112 18.32 61.69 4.86
C LYS B 112 19.12 60.41 5.12
N GLY B 113 19.55 59.72 4.07
CA GLY B 113 20.22 58.44 4.21
C GLY B 113 19.44 57.31 3.53
N ILE B 114 19.43 56.15 4.18
CA ILE B 114 18.84 54.95 3.60
C ILE B 114 18.29 54.07 4.72
N PHE B 115 17.32 53.23 4.36
CA PHE B 115 16.73 52.21 5.21
C PHE B 115 16.12 52.80 6.47
N PRO B 116 15.22 53.77 6.37
CA PRO B 116 14.56 54.28 7.58
C PRO B 116 13.77 53.16 8.24
N ILE B 117 13.86 53.10 9.57
CA ILE B 117 13.31 52.00 10.36
C ILE B 117 11.83 52.23 10.67
N GLY B 118 11.09 51.14 10.82
CA GLY B 118 9.76 51.18 11.42
C GLY B 118 8.65 51.12 10.40
N ARG B 119 7.41 51.23 10.91
CA ARG B 119 6.22 51.04 10.09
C ARG B 119 5.70 52.35 9.49
N ARG B 120 5.29 52.27 8.23
CA ARG B 120 4.42 53.26 7.60
C ARG B 120 2.97 52.90 7.91
N PRO B 121 2.03 53.82 7.68
CA PRO B 121 0.61 53.49 7.96
C PRO B 121 0.13 52.26 7.21
N GLN B 122 0.59 52.03 5.99
CA GLN B 122 0.10 50.90 5.23
C GLN B 122 0.80 49.59 5.58
N ASP B 123 1.84 49.59 6.44
CA ASP B 123 2.44 48.31 6.78
C ASP B 123 1.57 47.53 7.78
N PRO B 124 1.52 46.20 7.67
CA PRO B 124 0.79 45.41 8.67
C PRO B 124 1.23 45.72 10.09
N THR B 125 0.31 45.52 11.04
CA THR B 125 0.53 46.02 12.40
C THR B 125 1.67 45.31 13.11
N ASN B 126 1.81 44.00 12.90
CA ASN B 126 2.74 43.18 13.66
C ASN B 126 3.28 42.07 12.74
N MET B 127 4.19 41.25 13.30
CA MET B 127 4.85 40.23 12.49
C MET B 127 3.89 39.12 12.08
N ASP B 128 2.97 38.75 12.97
CA ASP B 128 1.95 37.77 12.62
C ASP B 128 1.17 38.23 11.40
N GLU B 129 0.69 39.47 11.41
CA GLU B 129 -0.08 39.92 10.26
C GLU B 129 0.79 40.09 9.03
N PHE B 130 2.05 40.52 9.20
CA PHE B 130 2.95 40.68 8.06
C PHE B 130 3.15 39.35 7.36
N LEU B 131 3.41 38.30 8.12
CA LEU B 131 3.63 36.98 7.52
C LEU B 131 2.34 36.40 6.99
N ASP B 132 1.23 36.66 7.66
CA ASP B 132 -0.07 36.24 7.15
C ASP B 132 -0.37 36.88 5.81
N THR B 133 -0.11 38.18 5.70
CA THR B 133 -0.32 38.90 4.46
C THR B 133 0.55 38.34 3.34
N SER B 134 1.81 38.04 3.64
CA SER B 134 2.68 37.41 2.65
C SER B 134 2.07 36.09 2.17
N LEU B 135 1.61 35.27 3.12
CA LEU B 135 1.03 33.97 2.76
C LEU B 135 -0.21 34.14 1.90
N LEU B 136 -1.07 35.10 2.25
CA LEU B 136 -2.30 35.31 1.50
C LEU B 136 -2.05 35.81 0.08
N SER B 137 -0.88 36.38 -0.18
CA SER B 137 -0.57 36.87 -1.52
C SER B 137 -0.22 35.76 -2.50
N LEU B 138 -0.01 34.54 -2.00
CA LEU B 138 0.14 33.36 -2.84
C LEU B 138 -1.25 32.84 -3.23
N ASN B 139 -1.31 32.13 -4.35
CA ASN B 139 -2.55 31.47 -4.75
C ASN B 139 -2.70 30.13 -4.02
N GLN B 140 -3.95 29.70 -3.85
CA GLN B 140 -4.15 28.40 -3.21
C GLN B 140 -3.61 27.31 -4.11
N SER B 141 -2.84 26.40 -3.53
CA SER B 141 -2.19 25.36 -4.31
C SER B 141 -2.71 24.02 -3.83
N SER B 142 -3.05 23.16 -4.79
CA SER B 142 -3.49 21.81 -4.47
C SER B 142 -2.34 20.80 -4.48
N THR B 143 -1.13 21.24 -4.82
CA THR B 143 0.01 20.35 -4.88
C THR B 143 1.02 20.58 -3.77
N VAL B 144 0.98 21.72 -3.09
CA VAL B 144 1.96 21.99 -2.04
C VAL B 144 1.73 21.06 -0.86
N ASP B 145 2.83 20.57 -0.27
CA ASP B 145 2.74 19.66 0.85
C ASP B 145 2.40 20.42 2.12
N LEU B 146 1.22 20.12 2.69
CA LEU B 146 0.78 20.84 3.88
C LEU B 146 1.79 20.73 5.03
N ALA B 147 2.26 19.51 5.31
CA ALA B 147 3.18 19.30 6.44
C ALA B 147 4.45 20.13 6.29
N SER B 148 5.02 20.11 5.09
CA SER B 148 6.24 20.88 4.86
C SER B 148 5.97 22.37 4.97
N ALA B 149 4.90 22.84 4.34
CA ALA B 149 4.61 24.27 4.31
C ALA B 149 4.37 24.79 5.71
N VAL B 150 3.49 24.12 6.46
CA VAL B 150 3.18 24.55 7.82
C VAL B 150 4.42 24.49 8.69
N SER B 151 5.23 23.44 8.54
CA SER B 151 6.42 23.30 9.38
C SER B 151 7.40 24.45 9.14
N LEU B 152 7.59 24.84 7.88
CA LEU B 152 8.44 26.01 7.58
C LEU B 152 7.82 27.29 8.11
N ASP B 153 6.48 27.44 8.01
CA ASP B 153 5.83 28.62 8.59
C ASP B 153 6.09 28.72 10.08
N VAL B 154 5.95 27.59 10.78
CA VAL B 154 6.14 27.53 12.22
C VAL B 154 7.60 27.79 12.58
N SER B 155 8.51 27.22 11.79
CA SER B 155 9.93 27.53 12.00
C SER B 155 10.17 29.03 11.98
N LEU B 156 9.62 29.71 10.98
CA LEU B 156 9.86 31.15 10.85
C LEU B 156 9.31 31.93 12.03
N LEU B 157 8.12 31.57 12.51
CA LEU B 157 7.56 32.26 13.67
C LEU B 157 8.44 32.09 14.91
N HIS B 158 8.97 30.89 15.11
CA HIS B 158 9.86 30.71 16.27
C HIS B 158 11.15 31.49 16.08
N LEU B 159 11.67 31.53 14.85
CA LEU B 159 12.92 32.24 14.61
C LEU B 159 12.78 33.73 14.87
N VAL B 160 11.70 34.35 14.34
CA VAL B 160 11.60 35.79 14.51
C VAL B 160 11.33 36.15 15.96
N SER B 161 10.62 35.29 16.68
CA SER B 161 10.38 35.54 18.11
C SER B 161 11.69 35.48 18.89
N ALA B 162 12.45 34.40 18.70
CA ALA B 162 13.73 34.26 19.38
C ALA B 162 14.70 35.38 19.01
N ARG B 163 14.68 35.83 17.75
CA ARG B 163 15.59 36.90 17.34
C ARG B 163 15.32 38.18 18.14
N VAL B 164 14.06 38.60 18.22
CA VAL B 164 13.80 39.87 18.90
C VAL B 164 13.93 39.72 20.41
N LEU B 165 13.66 38.52 20.96
CA LEU B 165 13.76 38.37 22.42
C LEU B 165 15.20 38.48 22.91
N LEU B 166 16.19 38.33 22.02
CA LEU B 166 17.56 38.62 22.41
C LEU B 166 17.72 40.07 22.85
N GLY B 167 16.79 40.94 22.48
CA GLY B 167 16.85 42.29 22.99
C GLY B 167 16.86 42.34 24.50
N TYR B 168 16.23 41.37 25.17
CA TYR B 168 16.15 41.43 26.64
C TYR B 168 17.53 41.23 27.26
N PRO B 169 18.24 40.12 27.03
CA PRO B 169 19.59 40.03 27.61
C PRO B 169 20.55 41.06 27.05
N ILE B 170 20.40 41.47 25.78
CA ILE B 170 21.26 42.54 25.25
C ILE B 170 21.03 43.81 26.07
N ALA B 171 19.78 44.10 26.40
CA ALA B 171 19.48 45.31 27.15
C ALA B 171 20.13 45.29 28.53
N LEU B 172 20.10 44.14 29.21
CA LEU B 172 20.74 44.05 30.52
C LEU B 172 22.24 44.23 30.41
N ALA B 173 22.87 43.67 29.38
CA ALA B 173 24.29 43.86 29.20
C ALA B 173 24.61 45.31 28.86
N LYS B 174 23.83 45.91 27.96
CA LYS B 174 24.04 47.32 27.62
C LYS B 174 23.86 48.21 28.84
N PHE B 175 22.91 47.88 29.71
CA PHE B 175 22.67 48.70 30.89
C PHE B 175 23.90 48.71 31.78
N ASP B 176 24.48 47.54 32.06
CA ASP B 176 25.69 47.47 32.87
C ASP B 176 26.88 48.11 32.16
N TRP B 177 26.93 48.01 30.83
CA TRP B 177 28.06 48.54 30.09
C TRP B 177 28.03 50.05 30.03
N LEU B 178 26.85 50.64 29.90
CA LEU B 178 26.69 52.09 29.75
C LEU B 178 25.84 52.62 30.90
N HIS B 179 26.14 52.15 32.10
CA HIS B 179 25.31 52.40 33.28
C HIS B 179 24.99 53.88 33.44
N ASP B 180 26.02 54.75 33.42
CA ASP B 180 25.80 56.16 33.68
C ASP B 180 24.88 56.79 32.64
N ASN B 181 25.02 56.40 31.37
CA ASN B 181 24.20 56.96 30.31
C ASN B 181 22.72 56.74 30.58
N PHE B 182 22.34 55.50 30.89
CA PHE B 182 20.93 55.19 31.06
C PHE B 182 20.38 55.76 32.36
N CYS B 183 21.17 55.71 33.44
CA CYS B 183 20.70 56.25 34.71
C CYS B 183 20.51 57.76 34.65
N HIS B 184 21.32 58.46 33.85
CA HIS B 184 21.09 59.88 33.63
C HIS B 184 19.71 60.15 33.05
N ILE B 185 19.17 59.23 32.26
CA ILE B 185 17.81 59.38 31.79
C ILE B 185 16.82 58.91 32.87
N LEU B 186 17.07 57.74 33.45
CA LEU B 186 16.10 57.11 34.34
C LEU B 186 15.87 57.92 35.62
N THR B 187 16.90 58.61 36.11
CA THR B 187 16.77 59.38 37.35
C THR B 187 16.41 60.83 37.10
N ASN B 188 16.10 61.20 35.86
CA ASN B 188 15.72 62.57 35.53
C ASN B 188 14.26 62.77 35.91
N THR B 189 14.01 63.54 36.97
CA THR B 189 12.67 63.74 37.49
C THR B 189 11.87 64.74 36.67
N THR B 190 12.48 65.35 35.66
CA THR B 190 11.80 66.21 34.69
C THR B 190 10.99 65.42 33.66
N LEU B 191 11.34 64.15 33.42
CA LEU B 191 10.77 63.36 32.33
C LEU B 191 9.62 62.50 32.80
N SER B 192 8.58 62.43 31.99
CA SER B 192 7.53 61.43 32.22
C SER B 192 8.09 60.05 31.91
N LYS B 193 7.37 59.02 32.38
CA LYS B 193 7.67 57.65 31.98
C LYS B 193 7.74 57.54 30.46
N SER B 194 6.84 58.24 29.76
CA SER B 194 6.80 58.18 28.31
C SER B 194 8.01 58.86 27.69
N GLN B 195 8.41 60.02 28.21
CA GLN B 195 9.61 60.69 27.67
C GLN B 195 10.89 59.91 27.96
N LYS B 196 10.94 59.21 29.10
CA LYS B 196 12.10 58.38 29.38
C LYS B 196 12.19 57.23 28.38
N LEU B 197 11.05 56.63 28.04
CA LEU B 197 11.06 55.58 27.02
C LEU B 197 11.60 56.11 25.70
N ALA B 198 11.11 57.29 25.27
CA ALA B 198 11.58 57.86 24.02
C ALA B 198 13.08 58.11 24.05
N ASN B 199 13.57 58.70 25.15
CA ASN B 199 14.99 59.00 25.24
C ASN B 199 15.83 57.73 25.35
N ILE B 200 15.32 56.70 26.01
CA ILE B 200 16.03 55.43 26.08
C ILE B 200 16.13 54.80 24.70
N ILE B 201 15.01 54.76 23.97
CA ILE B 201 15.02 54.24 22.61
C ILE B 201 16.04 55.00 21.77
N GLN B 202 16.09 56.32 21.94
CA GLN B 202 17.01 57.11 21.12
C GLN B 202 18.46 56.77 21.47
N GLN B 203 18.76 56.62 22.77
CA GLN B 203 20.09 56.17 23.20
C GLN B 203 20.41 54.78 22.67
N LEU B 204 19.41 53.92 22.54
CA LEU B 204 19.64 52.57 22.04
C LEU B 204 19.77 52.49 20.53
N THR B 205 19.45 53.56 19.80
CA THR B 205 19.35 53.48 18.36
C THR B 205 20.67 53.94 17.74
N ASP B 206 21.25 53.10 16.90
CA ASP B 206 22.46 53.43 16.16
C ASP B 206 22.18 53.10 14.71
N HIS B 207 21.76 54.11 13.95
CA HIS B 207 21.29 53.85 12.60
C HIS B 207 22.44 53.39 11.71
N LYS B 208 23.67 53.84 11.99
CA LYS B 208 24.76 53.35 11.14
C LYS B 208 24.88 51.84 11.24
N GLN B 209 24.72 51.29 12.45
CA GLN B 209 24.69 49.83 12.62
C GLN B 209 23.46 49.21 11.97
N GLU B 210 22.33 49.91 12.00
CA GLU B 210 21.14 49.41 11.31
C GLU B 210 21.37 49.28 9.81
N VAL B 211 22.00 50.30 9.21
CA VAL B 211 22.29 50.27 7.77
C VAL B 211 23.24 49.12 7.45
N ASN B 212 24.21 48.87 8.32
CA ASN B 212 25.12 47.75 8.11
C ASN B 212 24.35 46.44 8.04
N VAL B 213 23.42 46.24 8.99
CA VAL B 213 22.61 45.02 8.96
C VAL B 213 21.75 44.96 7.70
N LEU B 214 21.02 46.04 7.41
CA LEU B 214 20.05 45.95 6.33
C LEU B 214 20.71 45.87 4.96
N SER B 215 21.86 46.52 4.80
CA SER B 215 22.64 46.34 3.59
C SER B 215 22.99 44.87 3.37
N ARG B 216 23.41 44.18 4.43
CA ARG B 216 23.78 42.78 4.34
C ARG B 216 22.55 41.91 4.10
N VAL B 217 21.43 42.23 4.74
CA VAL B 217 20.19 41.49 4.50
C VAL B 217 19.78 41.59 3.04
N GLU B 218 19.83 42.78 2.47
CA GLU B 218 19.48 42.95 1.06
C GLU B 218 20.40 42.11 0.19
N GLN B 219 21.70 42.13 0.50
CA GLN B 219 22.68 41.35 -0.23
C GLN B 219 22.39 39.86 -0.12
N LYS B 220 22.13 39.38 1.10
CA LYS B 220 21.83 37.96 1.29
C LYS B 220 20.58 37.54 0.54
N SER B 221 19.57 38.35 0.59
CA SER B 221 18.37 38.00 -0.07
C SER B 221 18.54 37.90 -1.60
N LYS B 222 19.31 38.82 -2.14
CA LYS B 222 19.64 38.73 -3.54
C LYS B 222 20.51 37.52 -3.89
N SER B 223 21.59 37.31 -3.20
CA SER B 223 22.42 36.20 -3.48
C SER B 223 21.80 34.86 -3.25
N LEU B 224 21.06 34.71 -2.18
CA LEU B 224 20.48 33.41 -1.86
C LEU B 224 19.21 33.08 -2.65
N SER B 225 18.66 34.02 -3.41
CA SER B 225 17.49 33.76 -4.23
C SER B 225 17.85 33.50 -5.71
N HIS B 226 19.13 33.20 -5.97
CA HIS B 226 19.58 32.86 -7.32
C HIS B 226 18.84 31.67 -7.89
N LEU B 227 18.42 31.78 -9.15
CA LEU B 227 17.76 30.70 -9.86
C LEU B 227 18.76 29.90 -10.69
N PHE B 228 18.62 28.60 -10.61
CA PHE B 228 19.42 27.68 -11.31
C PHE B 228 18.63 27.07 -12.46
N ARG B 229 19.23 26.22 -13.27
CA ARG B 229 18.55 25.76 -14.47
C ARG B 229 17.29 25.02 -14.20
N ASN B 230 16.24 25.46 -14.86
CA ASN B 230 14.88 24.99 -14.81
C ASN B 230 14.14 25.26 -13.51
N ASP B 231 14.66 26.06 -12.61
CA ASP B 231 13.97 26.36 -11.34
C ASP B 231 12.72 27.20 -11.61
N ILE B 232 11.70 26.99 -10.80
CA ILE B 232 10.51 27.86 -10.81
C ILE B 232 10.84 29.18 -10.09
N PRO B 233 10.50 30.34 -10.65
CA PRO B 233 10.86 31.61 -10.01
C PRO B 233 10.20 31.79 -8.65
N TYR B 234 10.83 32.63 -7.82
CA TYR B 234 10.20 33.02 -6.58
C TYR B 234 9.03 33.96 -6.88
N PRO B 235 8.04 34.01 -6.00
CA PRO B 235 6.96 34.97 -6.20
C PRO B 235 7.49 36.38 -6.22
N PRO B 236 6.82 37.29 -6.91
CA PRO B 236 7.27 38.69 -6.93
C PRO B 236 7.33 39.25 -5.52
N HIS B 237 8.29 40.17 -5.32
CA HIS B 237 8.49 40.92 -4.09
C HIS B 237 9.03 40.08 -2.95
N THR B 238 9.49 38.85 -3.23
CA THR B 238 10.06 38.01 -2.18
C THR B 238 11.21 38.71 -1.48
N GLN B 239 12.15 39.26 -2.26
CA GLN B 239 13.29 39.96 -1.67
C GLN B 239 12.85 41.21 -0.94
N ASP B 240 11.90 41.95 -1.52
CA ASP B 240 11.39 43.15 -0.86
C ASP B 240 10.84 42.81 0.51
N ARG B 241 10.11 41.70 0.61
CA ARG B 241 9.45 41.37 1.88
C ARG B 241 10.44 40.86 2.91
N ILE B 242 11.52 40.20 2.47
CA ILE B 242 12.59 39.83 3.39
C ILE B 242 13.20 41.08 4.02
N LEU B 243 13.53 42.07 3.19
CA LEU B 243 14.06 43.32 3.74
C LEU B 243 13.06 43.98 4.68
N ARG B 244 11.78 44.05 4.27
CA ARG B 244 10.79 44.73 5.08
C ARG B 244 10.68 44.08 6.45
N LEU B 245 10.76 42.74 6.52
CA LEU B 245 10.67 42.06 7.81
C LEU B 245 11.71 42.60 8.78
N PHE B 246 12.95 42.76 8.31
CA PHE B 246 14.00 43.26 9.20
C PHE B 246 13.82 44.74 9.49
N GLN B 247 13.53 45.51 8.45
CA GLN B 247 13.58 46.96 8.54
C GLN B 247 12.36 47.51 9.29
N ALA B 248 11.19 46.92 9.07
CA ALA B 248 9.96 47.45 9.66
C ALA B 248 9.56 46.75 10.94
N TYR B 249 10.10 45.56 11.22
CA TYR B 249 9.71 44.78 12.39
C TYR B 249 10.89 44.33 13.26
N LEU B 250 11.78 43.49 12.74
CA LEU B 250 12.76 42.84 13.63
C LEU B 250 13.63 43.86 14.35
N ILE B 251 14.21 44.82 13.62
CA ILE B 251 15.06 45.83 14.25
C ILE B 251 14.27 46.71 15.21
N PRO B 252 13.17 47.36 14.82
CA PRO B 252 12.48 48.24 15.78
C PRO B 252 11.88 47.48 16.97
N ILE B 253 11.40 46.25 16.78
CA ILE B 253 10.84 45.50 17.91
C ILE B 253 11.95 45.11 18.88
N THR B 254 13.10 44.68 18.36
CA THR B 254 14.23 44.40 19.24
C THR B 254 14.60 45.63 20.07
N THR B 255 14.66 46.77 19.46
CA THR B 255 15.01 47.97 20.16
C THR B 255 14.00 48.29 21.28
N GLN B 256 12.73 48.13 20.97
CA GLN B 256 11.68 48.37 21.91
C GLN B 256 11.72 47.40 23.07
N ILE B 257 11.99 46.16 22.78
CA ILE B 257 12.18 45.20 23.87
C ILE B 257 13.34 45.63 24.75
N GLU B 258 14.43 46.09 24.13
CA GLU B 258 15.57 46.57 24.90
C GLU B 258 15.19 47.75 25.79
N ALA B 259 14.47 48.72 25.23
CA ALA B 259 14.06 49.87 26.04
C ALA B 259 13.14 49.43 27.16
N ALA B 260 12.24 48.49 26.89
CA ALA B 260 11.36 48.00 27.93
C ALA B 260 12.15 47.39 29.08
N ALA B 261 13.12 46.61 28.75
CA ALA B 261 13.93 45.98 29.73
C ALA B 261 14.71 46.94 30.59
N ILE B 262 15.24 47.97 30.00
CA ILE B 262 15.98 48.93 30.76
C ILE B 262 15.09 49.63 31.73
N LEU B 263 13.94 50.01 31.28
CA LEU B 263 13.00 50.69 32.08
C LEU B 263 12.59 49.84 33.21
N ASP B 264 12.56 48.52 33.08
CA ASP B 264 12.20 47.64 34.17
C ASP B 264 13.26 47.59 35.25
N HIS B 265 14.48 48.02 34.93
CA HIS B 265 15.59 47.91 35.87
C HIS B 265 16.03 49.29 36.33
N ALA B 266 15.12 50.26 36.28
CA ALA B 266 15.40 51.61 36.72
C ALA B 266 15.81 51.65 38.19
N ASN B 267 15.28 50.73 39.01
CA ASN B 267 15.63 50.66 40.42
C ASN B 267 17.12 50.41 40.63
N LYS B 268 17.88 50.10 39.57
CA LYS B 268 19.30 49.85 39.70
C LYS B 268 20.12 51.12 39.54
N CYS B 269 19.48 52.28 39.43
CA CYS B 269 20.16 53.58 39.41
C CYS B 269 20.18 54.22 40.80
N THR C 10 26.24 74.90 24.47
CA THR C 10 27.39 74.43 23.69
C THR C 10 27.56 72.92 23.84
N CYS C 11 28.37 72.34 22.95
CA CYS C 11 28.42 70.88 22.80
C CYS C 11 29.21 70.26 23.93
N GLN C 12 28.57 69.35 24.66
CA GLN C 12 29.14 68.62 25.78
C GLN C 12 29.18 67.13 25.51
N PRO C 13 30.07 66.41 26.20
CA PRO C 13 30.11 64.95 26.05
C PRO C 13 28.81 64.31 26.46
N SER C 14 28.52 63.16 25.85
CA SER C 14 27.36 62.37 26.19
C SER C 14 27.65 61.33 27.25
N GLY C 15 28.92 61.03 27.50
CA GLY C 15 29.27 60.02 28.47
C GLY C 15 30.65 59.45 28.14
N SER C 16 30.88 58.22 28.58
CA SER C 16 32.16 57.59 28.30
C SER C 16 32.01 56.08 28.43
N ILE C 17 32.99 55.36 27.90
CA ILE C 17 32.96 53.91 27.79
C ILE C 17 34.29 53.36 28.31
N GLN C 18 34.22 52.28 29.08
CA GLN C 18 35.42 51.65 29.60
C GLN C 18 36.18 50.92 28.50
N GLY C 19 37.47 51.22 28.38
CA GLY C 19 38.27 50.62 27.32
C GLY C 19 38.36 49.11 27.43
N ARG C 20 38.30 48.45 26.27
CA ARG C 20 38.65 47.04 26.12
C ARG C 20 39.41 46.92 24.81
N SER C 21 40.54 46.22 24.83
CA SER C 21 41.33 46.09 23.61
C SER C 21 40.91 44.88 22.78
N GLY C 22 40.23 44.00 23.45
CA GLY C 22 39.73 42.80 22.88
C GLY C 22 40.78 42.22 22.04
N ASN C 23 40.52 42.08 20.76
CA ASN C 23 41.50 41.48 19.90
C ASN C 23 42.07 42.42 18.91
N CYS C 24 41.91 43.69 19.11
CA CYS C 24 42.47 44.67 18.24
C CYS C 24 43.99 44.61 18.41
N ASN C 25 44.70 44.67 17.29
CA ASN C 25 46.15 44.52 17.24
C ASN C 25 47.01 45.23 18.29
N GLU C 31 44.20 52.40 15.59
CA GLU C 31 44.29 52.54 17.04
C GLU C 31 43.24 51.73 17.79
N CYS C 32 43.70 51.07 18.85
CA CYS C 32 42.88 50.22 19.70
C CYS C 32 42.52 50.93 21.01
N CYS C 33 41.34 50.63 21.52
CA CYS C 33 41.04 51.00 22.90
C CYS C 33 42.04 50.29 23.82
N LYS C 34 42.43 50.98 24.90
CA LYS C 34 43.32 50.39 25.90
C LYS C 34 42.51 50.09 27.16
N ASN C 35 42.91 49.03 27.86
CA ASN C 35 42.14 48.55 29.01
C ASN C 35 42.05 49.53 30.18
N GLY C 36 43.16 50.11 30.60
CA GLY C 36 43.09 51.00 31.75
C GLY C 36 42.43 52.37 31.61
N ARG C 37 41.67 52.64 30.55
CA ARG C 37 41.11 53.97 30.36
C ARG C 37 39.63 53.93 30.00
N ARG C 38 39.12 55.13 29.88
CA ARG C 38 37.80 55.42 29.48
C ARG C 38 37.85 56.28 28.28
N TYR C 39 36.88 56.11 27.39
CA TYR C 39 36.77 56.85 26.17
C TYR C 39 35.47 57.60 26.08
N THR C 40 35.54 58.88 25.82
CA THR C 40 34.43 59.76 25.72
C THR C 40 33.58 59.64 24.47
N THR C 41 32.29 59.79 24.67
CA THR C 41 31.31 59.73 23.59
C THR C 41 30.66 61.10 23.41
N TYR C 42 30.21 61.38 22.19
CA TYR C 42 29.55 62.63 21.85
C TYR C 42 28.34 62.39 20.96
N GLY C 43 27.27 63.14 21.21
CA GLY C 43 26.16 63.22 20.28
C GLY C 43 26.19 64.47 19.42
N CYS C 44 27.01 65.46 19.79
CA CYS C 44 27.05 66.73 19.09
C CYS C 44 28.45 67.00 18.56
N SER C 45 28.54 68.01 17.70
CA SER C 45 29.79 68.50 17.14
C SER C 45 29.85 70.01 17.33
N PRO C 46 31.01 70.63 17.06
CA PRO C 46 31.11 72.09 17.16
C PRO C 46 30.18 72.76 16.16
N PRO C 47 29.96 74.07 16.29
CA PRO C 47 29.05 74.77 15.38
C PRO C 47 29.55 74.67 13.94
N VAL C 48 28.60 74.57 13.01
CA VAL C 48 28.93 74.58 11.59
C VAL C 48 28.94 76.02 11.09
N THR C 49 30.11 76.49 10.70
CA THR C 49 30.26 77.82 10.15
C THR C 49 30.61 77.69 8.67
N GLY C 50 30.77 78.84 8.02
CA GLY C 50 31.19 78.83 6.63
C GLY C 50 32.64 78.44 6.45
N SER C 51 33.39 78.37 7.57
CA SER C 51 34.75 77.88 7.62
C SER C 51 34.93 77.01 8.87
N THR C 52 34.37 75.80 8.85
CA THR C 52 34.35 74.98 10.05
C THR C 52 35.69 74.29 10.24
N ARG C 53 36.33 74.54 11.38
CA ARG C 53 37.59 73.91 11.75
C ARG C 53 37.37 72.46 12.13
N ALA C 54 38.20 71.58 11.59
CA ALA C 54 38.03 70.16 11.82
C ALA C 54 39.38 69.48 11.75
N VAL C 55 39.40 68.23 12.21
CA VAL C 55 40.54 67.33 12.05
C VAL C 55 40.17 66.33 10.96
N LEU C 56 41.00 66.27 9.92
CA LEU C 56 40.86 65.29 8.85
C LEU C 56 41.62 64.02 9.25
N THR C 57 40.93 62.89 9.28
CA THR C 57 41.60 61.62 9.44
C THR C 57 41.51 60.83 8.13
N LEU C 58 42.16 59.67 8.11
CA LEU C 58 42.32 58.85 6.92
C LEU C 58 41.61 57.54 7.09
N ASN C 59 40.78 57.16 6.10
CA ASN C 59 40.07 55.91 6.19
C ASN C 59 39.85 55.35 4.79
N SER C 60 39.76 54.03 4.70
CA SER C 60 39.35 53.37 3.47
C SER C 60 37.89 52.95 3.62
N PHE C 61 37.08 53.26 2.61
CA PHE C 61 35.67 52.88 2.59
C PHE C 61 35.43 51.65 1.72
N ALA C 62 36.49 50.96 1.33
CA ALA C 62 36.38 49.83 0.42
C ALA C 62 35.93 48.58 1.17
N GLU C 63 35.36 47.67 0.45
CA GLU C 63 34.90 46.41 0.97
C GLU C 63 36.00 45.39 1.25
N GLY C 64 35.82 44.62 2.30
CA GLY C 64 36.73 43.56 2.61
C GLY C 64 37.53 43.65 3.88
N GLY C 65 37.59 42.53 4.56
CA GLY C 65 38.36 42.34 5.78
C GLY C 65 38.10 43.42 6.79
N GLY C 68 34.95 46.71 8.90
CA GLY C 68 34.27 47.98 8.76
C GLY C 68 32.90 47.82 8.07
N GLY C 69 31.92 48.61 8.45
CA GLY C 69 30.60 48.51 7.89
C GLY C 69 30.27 49.31 6.66
N ALA C 70 29.10 49.07 6.13
CA ALA C 70 28.60 49.81 4.97
C ALA C 70 28.48 51.28 5.31
N ALA C 71 28.59 52.13 4.29
CA ALA C 71 28.47 53.57 4.52
C ALA C 71 27.04 53.90 4.97
N ALA C 72 26.93 54.77 5.98
CA ALA C 72 25.63 54.99 6.60
C ALA C 72 24.61 55.61 5.65
N CYS C 73 25.05 56.45 4.72
CA CYS C 73 24.11 57.16 3.85
C CYS C 73 23.54 56.27 2.76
N THR C 74 24.27 55.22 2.36
CA THR C 74 23.95 54.53 1.12
C THR C 74 24.01 53.01 1.23
N GLY C 75 24.58 52.47 2.29
CA GLY C 75 24.72 51.04 2.37
C GLY C 75 25.76 50.48 1.45
N LYS C 76 26.64 51.32 0.90
CA LYS C 76 27.58 50.88 -0.11
C LYS C 76 29.00 51.04 0.40
N PHE C 77 29.93 50.50 -0.39
CA PHE C 77 31.35 50.67 -0.14
C PHE C 77 31.93 51.48 -1.28
N TYR C 78 33.08 52.12 -1.03
CA TYR C 78 33.67 53.04 -1.98
C TYR C 78 35.16 52.75 -2.10
N ASP C 79 35.63 52.52 -3.32
CA ASP C 79 37.05 52.27 -3.48
C ASP C 79 37.83 53.56 -3.21
N ASP C 80 39.12 53.38 -2.89
CA ASP C 80 39.99 54.45 -2.41
C ASP C 80 40.17 55.59 -3.41
N SER C 81 39.79 55.42 -4.67
CA SER C 81 39.88 56.51 -5.64
C SER C 81 38.74 57.50 -5.51
N LYS C 82 37.66 57.13 -4.80
CA LYS C 82 36.51 58.01 -4.66
C LYS C 82 36.76 59.03 -3.57
N LYS C 83 36.37 60.28 -3.84
CA LYS C 83 36.53 61.38 -2.90
C LYS C 83 35.28 61.41 -2.02
N VAL C 84 35.33 60.67 -0.90
CA VAL C 84 34.19 60.56 0.00
C VAL C 84 34.67 60.77 1.43
N VAL C 85 33.73 61.18 2.30
CA VAL C 85 34.07 61.42 3.70
C VAL C 85 32.97 60.87 4.61
N ALA C 86 33.36 60.61 5.85
CA ALA C 86 32.44 60.44 6.96
C ALA C 86 32.58 61.62 7.90
N LEU C 87 31.47 61.99 8.54
CA LEU C 87 31.44 63.14 9.44
C LEU C 87 31.12 62.68 10.83
N SER C 88 31.80 63.28 11.82
CA SER C 88 31.39 63.08 13.21
C SER C 88 29.87 63.19 13.33
N THR C 89 29.33 62.33 14.17
CA THR C 89 27.90 62.24 14.45
C THR C 89 27.18 63.58 14.47
N GLY C 90 27.72 64.58 15.18
CA GLY C 90 27.04 65.85 15.28
C GLY C 90 26.88 66.52 13.92
N TRP C 91 27.98 66.61 13.18
CA TRP C 91 27.94 67.15 11.82
C TRP C 91 27.16 66.26 10.87
N TYR C 92 27.19 64.94 11.10
CA TYR C 92 26.37 64.04 10.31
C TYR C 92 24.90 64.38 10.47
N ASN C 93 24.51 64.83 11.66
CA ASN C 93 23.22 65.50 11.87
C ASN C 93 22.05 64.66 11.34
N GLY C 94 21.98 63.42 11.80
CA GLY C 94 20.87 62.56 11.45
C GLY C 94 20.71 62.26 9.98
N GLY C 95 21.75 62.47 9.18
CA GLY C 95 21.70 62.21 7.76
C GLY C 95 21.48 63.41 6.88
N SER C 96 21.45 64.63 7.44
CA SER C 96 21.06 65.80 6.65
C SER C 96 22.06 66.16 5.58
N ARG C 97 23.30 65.68 5.65
CA ARG C 97 24.30 65.95 4.64
C ARG C 97 24.54 64.76 3.70
N CYS C 98 23.72 63.71 3.82
CA CYS C 98 23.94 62.51 3.02
C CYS C 98 23.83 62.79 1.53
N ARG C 99 24.84 62.34 0.80
CA ARG C 99 24.92 62.52 -0.65
C ARG C 99 24.93 63.99 -1.06
N LYS C 100 25.33 64.87 -0.14
CA LYS C 100 25.70 66.25 -0.43
C LYS C 100 27.22 66.37 -0.41
N HIS C 101 27.73 67.47 -0.97
CA HIS C 101 29.17 67.70 -1.00
C HIS C 101 29.59 68.72 0.03
N ILE C 102 30.80 68.56 0.55
CA ILE C 102 31.44 69.60 1.34
C ILE C 102 32.75 69.99 0.67
N MET C 103 33.12 71.25 0.82
CA MET C 103 34.39 71.77 0.33
C MET C 103 35.38 71.80 1.50
N ILE C 104 36.51 71.13 1.32
CA ILE C 104 37.52 70.98 2.36
C ILE C 104 38.73 71.80 1.96
N HIS C 105 39.26 72.58 2.90
CA HIS C 105 40.45 73.39 2.67
C HIS C 105 41.58 72.93 3.58
N ALA C 106 42.75 72.63 3.00
CA ALA C 106 43.93 72.31 3.78
C ALA C 106 44.77 73.56 3.99
N GLY C 107 45.59 73.53 5.04
CA GLY C 107 46.44 74.67 5.36
C GLY C 107 47.42 75.03 4.26
N ASN C 108 47.78 74.09 3.40
CA ASN C 108 48.72 74.36 2.33
C ASN C 108 48.10 75.11 1.14
N GLY C 109 46.79 75.36 1.19
CA GLY C 109 46.07 76.08 0.16
C GLY C 109 45.32 75.22 -0.84
N ASN C 110 45.52 73.90 -0.83
CA ASN C 110 44.73 73.03 -1.68
C ASN C 110 43.31 72.89 -1.11
N SER C 111 42.36 72.59 -2.00
CA SER C 111 40.99 72.34 -1.58
C SER C 111 40.40 71.21 -2.42
N VAL C 112 39.37 70.55 -1.88
CA VAL C 112 38.70 69.48 -2.62
C VAL C 112 37.24 69.41 -2.20
N SER C 113 36.39 69.07 -3.17
CA SER C 113 35.00 68.76 -2.95
C SER C 113 34.89 67.27 -2.69
N ALA C 114 34.23 66.89 -1.61
CA ALA C 114 34.07 65.50 -1.27
C ALA C 114 32.61 65.19 -0.99
N LEU C 115 32.20 63.98 -1.34
CA LEU C 115 30.83 63.52 -1.13
C LEU C 115 30.70 62.93 0.27
N VAL C 116 29.68 63.38 1.00
CA VAL C 116 29.40 62.84 2.33
C VAL C 116 28.63 61.53 2.16
N VAL C 117 29.21 60.44 2.64
CA VAL C 117 28.60 59.13 2.49
C VAL C 117 28.39 58.40 3.80
N ASP C 118 28.94 58.87 4.91
CA ASP C 118 29.02 58.01 6.08
C ASP C 118 29.08 58.87 7.33
N GLU C 119 28.82 58.22 8.46
CA GLU C 119 28.94 58.79 9.78
C GLU C 119 30.17 58.24 10.47
N CYS C 120 31.00 59.14 11.00
CA CYS C 120 32.07 58.78 11.93
C CYS C 120 31.44 58.80 13.32
N ASP C 121 31.16 57.61 13.85
CA ASP C 121 30.21 57.46 14.95
C ASP C 121 30.91 57.78 16.27
N SER C 122 30.55 58.90 16.88
CA SER C 122 31.13 59.29 18.16
C SER C 122 30.32 58.80 19.35
N THR C 123 29.25 58.04 19.13
CA THR C 123 28.36 57.62 20.21
C THR C 123 28.75 56.29 20.85
N VAL C 124 29.67 55.53 20.24
CA VAL C 124 29.93 54.16 20.67
C VAL C 124 31.30 53.74 20.17
N GLY C 125 31.91 52.80 20.89
CA GLY C 125 33.21 52.28 20.51
C GLY C 125 33.67 51.25 21.52
N CYS C 126 34.90 50.79 21.34
CA CYS C 126 35.53 49.82 22.25
C CYS C 126 34.67 48.57 22.40
N ASP C 127 34.13 48.08 21.29
CA ASP C 127 33.38 46.84 21.29
C ASP C 127 33.72 46.08 20.01
N LYS C 128 33.29 44.81 19.96
CA LYS C 128 33.61 43.99 18.80
C LYS C 128 33.04 44.58 17.52
N ASP C 129 31.86 45.23 17.59
CA ASP C 129 31.29 45.88 16.40
C ASP C 129 32.24 46.87 15.76
N HIS C 130 33.07 47.56 16.56
CA HIS C 130 33.98 48.58 16.03
C HIS C 130 35.43 48.15 16.13
N ASN C 131 35.68 46.85 16.12
CA ASN C 131 37.00 46.25 16.15
C ASN C 131 37.75 46.74 17.38
N PHE C 132 37.05 47.00 18.45
CA PHE C 132 37.61 47.50 19.67
C PHE C 132 38.35 48.78 19.52
N GLU C 133 37.88 49.62 18.65
CA GLU C 133 38.43 50.90 18.42
C GLU C 133 37.61 51.93 19.12
N PRO C 134 38.21 53.05 19.44
CA PRO C 134 37.46 54.07 20.12
C PRO C 134 36.45 54.77 19.27
N PRO C 135 35.53 55.41 19.92
CA PRO C 135 34.51 56.21 19.31
C PRO C 135 35.10 57.36 18.58
N CYS C 136 34.54 57.71 17.49
CA CYS C 136 35.03 58.85 16.73
C CYS C 136 35.09 60.09 17.61
N ARG C 137 36.07 60.96 17.36
CA ARG C 137 36.00 62.28 17.99
C ARG C 137 34.83 63.06 17.39
N ASN C 138 34.55 64.22 17.97
CA ASN C 138 33.34 64.93 17.56
C ASN C 138 33.58 66.02 16.51
N ASN C 139 34.83 66.21 16.06
CA ASN C 139 35.15 67.24 15.09
C ASN C 139 35.93 66.66 13.92
N ILE C 140 35.51 65.49 13.45
CA ILE C 140 36.27 64.70 12.49
C ILE C 140 35.62 64.76 11.13
N VAL C 141 36.44 64.94 10.10
CA VAL C 141 36.11 64.61 8.73
C VAL C 141 36.99 63.42 8.39
N ASP C 142 36.40 62.26 8.19
CA ASP C 142 37.14 61.03 7.97
C ASP C 142 37.20 60.80 6.46
N GLY C 143 38.38 61.04 5.87
CA GLY C 143 38.50 61.15 4.42
C GLY C 143 39.16 59.95 3.77
N SER C 144 38.70 59.63 2.56
CA SER C 144 39.29 58.57 1.77
C SER C 144 40.70 58.99 1.34
N PRO C 145 41.51 58.04 0.88
CA PRO C 145 42.84 58.42 0.38
C PRO C 145 42.80 59.47 -0.73
N ALA C 146 41.79 59.39 -1.61
CA ALA C 146 41.72 60.34 -2.72
C ALA C 146 41.47 61.76 -2.22
N VAL C 147 40.78 61.90 -1.08
CA VAL C 147 40.65 63.23 -0.48
C VAL C 147 42.01 63.75 -0.06
N TRP C 148 42.81 62.89 0.61
CA TRP C 148 44.13 63.31 1.06
C TRP C 148 45.01 63.70 -0.11
N ASP C 149 45.03 62.87 -1.16
CA ASP C 149 45.87 63.13 -2.33
C ASP C 149 45.49 64.44 -3.01
N ALA C 150 44.18 64.70 -3.15
CA ALA C 150 43.71 65.95 -3.72
C ALA C 150 44.14 67.15 -2.89
N LEU C 151 44.23 66.99 -1.57
CA LEU C 151 44.69 68.06 -0.70
C LEU C 151 46.21 68.17 -0.62
N GLY C 152 46.94 67.30 -1.33
CA GLY C 152 48.40 67.31 -1.26
C GLY C 152 48.96 66.99 0.10
N LEU C 153 48.19 66.31 0.95
CA LEU C 153 48.59 66.02 2.32
C LEU C 153 49.29 64.67 2.39
N ASN C 154 50.24 64.55 3.32
CA ASN C 154 50.98 63.31 3.50
C ASN C 154 50.15 62.35 4.35
N LYS C 155 49.73 61.24 3.74
CA LYS C 155 48.87 60.28 4.43
C LYS C 155 49.59 59.63 5.60
N ASP C 156 50.92 59.68 5.64
CA ASP C 156 51.64 59.21 6.83
C ASP C 156 51.35 60.05 8.07
N ASP C 157 50.87 61.29 7.90
CA ASP C 157 50.63 62.12 9.08
C ASP C 157 49.46 61.62 9.91
N GLY C 158 48.54 60.87 9.31
CA GLY C 158 47.42 60.35 10.07
C GLY C 158 46.30 61.35 10.30
N GLN C 159 46.65 62.60 10.59
CA GLN C 159 45.62 63.62 10.72
C GLN C 159 46.17 64.97 10.28
N ALA C 160 45.24 65.88 9.98
CA ALA C 160 45.59 67.22 9.52
C ALA C 160 44.50 68.19 9.96
N GLN C 161 44.90 69.43 10.21
CA GLN C 161 43.94 70.49 10.52
C GLN C 161 43.32 71.00 9.21
N ILE C 162 42.00 71.07 9.15
CA ILE C 162 41.32 71.51 7.93
C ILE C 162 40.20 72.47 8.30
N THR C 163 39.61 73.09 7.27
CA THR C 163 38.31 73.72 7.38
C THR C 163 37.40 73.18 6.29
N TRP C 164 36.09 73.20 6.54
CA TRP C 164 35.13 72.72 5.57
C TRP C 164 33.85 73.54 5.63
N SER C 165 33.11 73.53 4.53
CA SER C 165 31.79 74.17 4.46
C SER C 165 30.87 73.36 3.55
N ASP C 166 29.57 73.52 3.77
CA ASP C 166 28.61 72.89 2.88
C ASP C 166 28.68 73.52 1.49
N GLU C 167 28.62 72.70 0.48
CA GLU C 167 28.73 73.11 -0.88
C GLU C 167 27.38 73.07 -1.59
N LEU C 168 27.20 73.91 -2.59
CA LEU C 168 25.93 74.01 -3.26
C LEU C 168 25.37 72.87 -4.08
N GLU C 169 26.10 72.24 -4.98
CA GLU C 169 25.43 71.17 -5.77
C GLU C 169 26.30 70.07 -6.34
N THR D 10 22.75 -10.04 -30.80
CA THR D 10 22.80 -8.87 -31.67
C THR D 10 21.93 -7.76 -31.09
N CYS D 11 22.16 -6.52 -31.52
CA CYS D 11 21.52 -5.35 -30.90
C CYS D 11 20.14 -5.10 -31.49
N GLN D 12 19.13 -5.07 -30.61
CA GLN D 12 17.75 -4.86 -30.97
C GLN D 12 17.24 -3.61 -30.29
N PRO D 13 16.19 -2.98 -30.81
CA PRO D 13 15.55 -1.88 -30.08
C PRO D 13 15.04 -2.35 -28.73
N SER D 14 14.97 -1.41 -27.79
CA SER D 14 14.38 -1.66 -26.49
C SER D 14 12.91 -1.26 -26.41
N GLY D 15 12.42 -0.51 -27.39
CA GLY D 15 11.03 -0.03 -27.38
C GLY D 15 10.90 1.23 -28.22
N SER D 16 9.89 2.02 -27.91
CA SER D 16 9.66 3.26 -28.65
C SER D 16 8.80 4.20 -27.82
N ILE D 17 8.78 5.47 -28.22
CA ILE D 17 8.11 6.53 -27.46
C ILE D 17 7.25 7.38 -28.41
N GLN D 18 6.06 7.74 -27.95
CA GLN D 18 5.15 8.58 -28.73
C GLN D 18 5.70 10.00 -28.82
N GLY D 19 5.84 10.49 -30.05
CA GLY D 19 6.35 11.84 -30.24
C GLY D 19 5.44 12.89 -29.64
N ARG D 20 6.05 13.90 -29.02
CA ARG D 20 5.37 15.12 -28.60
C ARG D 20 6.27 16.29 -28.92
N SER D 21 5.73 17.34 -29.51
CA SER D 21 6.57 18.47 -29.86
C SER D 21 6.71 19.48 -28.75
N GLY D 22 5.80 19.46 -27.77
CA GLY D 22 5.84 20.40 -26.66
C GLY D 22 5.96 21.82 -27.15
N ASN D 23 7.01 22.50 -26.69
CA ASN D 23 7.33 23.86 -27.13
C ASN D 23 8.64 23.90 -27.93
N CYS D 24 8.99 22.84 -28.58
CA CYS D 24 10.20 22.83 -29.36
C CYS D 24 10.06 23.50 -30.73
N ASN D 25 11.10 24.21 -31.19
CA ASN D 25 11.10 24.98 -32.45
C ASN D 25 11.38 24.16 -33.67
N THR D 26 10.31 24.01 -34.47
CA THR D 26 10.19 23.37 -35.80
C THR D 26 10.28 21.88 -35.95
N SER D 30 18.25 21.70 -33.76
CA SER D 30 18.11 20.31 -33.42
C SER D 30 16.63 19.98 -33.54
N GLU D 31 16.36 18.89 -34.23
CA GLU D 31 15.03 18.47 -34.56
C GLU D 31 14.15 18.13 -33.41
N CYS D 32 12.90 18.52 -33.49
CA CYS D 32 11.98 18.16 -32.48
C CYS D 32 11.32 16.91 -32.82
N CYS D 33 10.69 16.34 -31.82
CA CYS D 33 9.89 15.20 -32.03
C CYS D 33 8.63 15.74 -32.70
N LYS D 34 8.01 14.96 -33.57
CA LYS D 34 6.79 15.37 -34.24
C LYS D 34 5.61 14.56 -33.73
N ASN D 35 4.50 15.24 -33.68
CA ASN D 35 3.34 14.60 -33.22
C ASN D 35 2.89 13.57 -34.22
N GLY D 36 2.32 12.48 -33.78
CA GLY D 36 1.88 11.50 -34.72
C GLY D 36 2.85 10.50 -35.30
N ARG D 37 4.00 10.38 -34.67
CA ARG D 37 4.92 9.32 -35.01
C ARG D 37 5.63 8.87 -33.74
N ARG D 38 6.14 7.67 -33.77
CA ARG D 38 6.87 7.10 -32.64
C ARG D 38 8.37 7.14 -32.87
N TYR D 39 9.12 7.15 -31.77
CA TYR D 39 10.59 7.24 -31.81
C TYR D 39 11.20 6.07 -31.06
N THR D 40 12.14 5.37 -31.71
CA THR D 40 12.73 4.14 -31.21
C THR D 40 13.76 4.41 -30.10
N THR D 41 13.77 3.54 -29.08
CA THR D 41 14.80 3.59 -28.03
C THR D 41 15.71 2.36 -28.12
N TYR D 42 16.96 2.55 -27.68
CA TYR D 42 17.98 1.50 -27.67
C TYR D 42 18.75 1.52 -26.35
N GLY D 43 19.06 0.34 -25.84
CA GLY D 43 20.01 0.22 -24.77
C GLY D 43 21.39 -0.19 -25.26
N CYS D 44 21.47 -0.65 -26.50
CA CYS D 44 22.70 -1.19 -27.07
C CYS D 44 23.10 -0.39 -28.29
N SER D 45 24.33 -0.62 -28.72
CA SER D 45 24.92 -0.04 -29.91
C SER D 45 25.51 -1.17 -30.74
N PRO D 46 25.94 -0.89 -31.97
CA PRO D 46 26.60 -1.93 -32.77
C PRO D 46 27.90 -2.39 -32.12
N PRO D 47 28.47 -3.50 -32.58
CA PRO D 47 29.72 -3.98 -31.96
C PRO D 47 30.85 -2.98 -32.11
N VAL D 48 31.68 -2.92 -31.08
CA VAL D 48 32.90 -2.11 -31.14
C VAL D 48 33.98 -3.00 -31.74
N THR D 49 34.48 -2.64 -32.92
CA THR D 49 35.37 -3.53 -33.66
C THR D 49 36.83 -3.10 -33.62
N GLY D 50 37.11 -1.88 -33.18
CA GLY D 50 38.43 -1.30 -33.28
C GLY D 50 38.55 -0.35 -34.44
N SER D 51 37.63 -0.43 -35.40
CA SER D 51 37.44 0.58 -36.44
C SER D 51 35.93 0.66 -36.65
N THR D 52 35.22 1.15 -35.62
CA THR D 52 33.77 1.04 -35.55
C THR D 52 33.13 2.11 -36.42
N ARG D 53 32.24 1.68 -37.32
CA ARG D 53 31.53 2.62 -38.18
C ARG D 53 30.48 3.37 -37.37
N ALA D 54 30.43 4.68 -37.57
CA ALA D 54 29.52 5.52 -36.79
C ALA D 54 29.08 6.72 -37.61
N VAL D 55 28.03 7.37 -37.12
CA VAL D 55 27.59 8.65 -37.64
C VAL D 55 28.03 9.71 -36.65
N LEU D 56 28.80 10.68 -37.14
CA LEU D 56 29.20 11.84 -36.37
C LEU D 56 28.12 12.90 -36.50
N THR D 57 27.56 13.34 -35.37
CA THR D 57 26.65 14.46 -35.38
C THR D 57 27.30 15.67 -34.69
N LEU D 58 26.58 16.78 -34.69
CA LEU D 58 27.11 18.06 -34.22
C LEU D 58 26.32 18.51 -33.00
N ASN D 59 27.04 18.92 -31.94
CA ASN D 59 26.42 19.33 -30.70
C ASN D 59 27.31 20.35 -29.99
N SER D 60 26.67 21.22 -29.21
CA SER D 60 27.35 22.13 -28.29
C SER D 60 27.18 21.64 -26.86
N PHE D 61 28.28 21.55 -26.12
CA PHE D 61 28.26 21.14 -24.73
C PHE D 61 28.36 22.33 -23.77
N ALA D 62 28.24 23.53 -24.26
CA ALA D 62 28.39 24.75 -23.49
C ALA D 62 27.29 25.05 -22.56
N GLU D 63 27.61 25.66 -21.46
CA GLU D 63 26.59 25.88 -20.47
C GLU D 63 25.46 26.75 -20.88
N GLY D 64 25.75 27.86 -21.45
CA GLY D 64 24.68 28.75 -21.81
C GLY D 64 23.68 28.27 -22.82
N GLY D 65 24.16 27.46 -23.75
CA GLY D 65 23.44 27.10 -24.93
C GLY D 65 22.06 26.54 -24.85
N ASP D 66 21.74 25.83 -23.78
CA ASP D 66 20.41 25.20 -23.49
C ASP D 66 20.14 24.01 -24.42
N GLY D 67 21.18 23.49 -25.04
CA GLY D 67 21.16 22.30 -25.86
C GLY D 67 21.00 21.15 -24.91
N GLY D 68 21.71 21.23 -23.80
CA GLY D 68 21.67 20.15 -22.88
C GLY D 68 21.92 20.29 -21.40
N GLY D 69 21.83 19.15 -20.78
CA GLY D 69 22.13 19.00 -19.39
C GLY D 69 23.63 18.82 -19.22
N ALA D 70 24.02 18.73 -18.00
CA ALA D 70 25.42 18.55 -17.67
C ALA D 70 25.91 17.26 -18.31
N ALA D 71 27.22 17.24 -18.62
CA ALA D 71 27.82 16.05 -19.22
C ALA D 71 27.81 14.87 -18.25
N ALA D 72 27.44 13.69 -18.76
CA ALA D 72 27.24 12.53 -17.90
C ALA D 72 28.52 12.10 -17.19
N CYS D 73 29.68 12.23 -17.85
CA CYS D 73 30.91 11.72 -17.24
C CYS D 73 31.42 12.59 -16.11
N THR D 74 31.09 13.89 -16.12
CA THR D 74 31.80 14.84 -15.28
C THR D 74 30.89 15.85 -14.58
N GLY D 75 29.63 15.97 -14.96
CA GLY D 75 28.76 16.98 -14.40
C GLY D 75 29.07 18.38 -14.84
N LYS D 76 29.86 18.54 -15.90
CA LYS D 76 30.38 19.82 -16.31
C LYS D 76 29.84 20.18 -17.69
N PHE D 77 30.11 21.41 -18.10
CA PHE D 77 29.81 21.87 -19.45
C PHE D 77 31.14 22.19 -20.11
N TYR D 78 31.13 22.21 -21.44
CA TYR D 78 32.37 22.39 -22.20
C TYR D 78 32.13 23.41 -23.30
N ASP D 79 32.98 24.43 -23.37
CA ASP D 79 32.85 25.41 -24.44
C ASP D 79 33.24 24.78 -25.78
N ASP D 80 32.73 25.38 -26.87
CA ASP D 80 32.83 24.78 -28.20
C ASP D 80 34.25 24.58 -28.71
N SER D 81 35.26 25.19 -28.10
CA SER D 81 36.62 24.96 -28.56
C SER D 81 37.19 23.64 -28.06
N LYS D 82 36.55 22.99 -27.08
CA LYS D 82 37.05 21.72 -26.55
C LYS D 82 36.63 20.60 -27.48
N LYS D 83 37.56 19.69 -27.77
CA LYS D 83 37.24 18.55 -28.61
C LYS D 83 36.75 17.41 -27.72
N VAL D 84 35.43 17.36 -27.55
CA VAL D 84 34.76 16.42 -26.67
C VAL D 84 33.61 15.80 -27.46
N VAL D 85 33.21 14.61 -27.03
CA VAL D 85 32.12 13.90 -27.68
C VAL D 85 31.23 13.22 -26.65
N ALA D 86 29.99 12.95 -27.07
CA ALA D 86 29.09 12.02 -26.42
C ALA D 86 28.93 10.80 -27.31
N LEU D 87 28.69 9.65 -26.68
CA LEU D 87 28.51 8.37 -27.36
C LEU D 87 27.12 7.81 -27.08
N SER D 88 26.52 7.21 -28.11
CA SER D 88 25.27 6.46 -27.93
C SER D 88 25.39 5.54 -26.72
N THR D 89 24.29 5.43 -25.98
CA THR D 89 24.20 4.64 -24.76
C THR D 89 25.01 3.34 -24.78
N GLY D 90 24.86 2.53 -25.83
CA GLY D 90 25.57 1.25 -25.86
C GLY D 90 27.08 1.41 -25.85
N TRP D 91 27.60 2.28 -26.70
CA TRP D 91 29.03 2.59 -26.71
C TRP D 91 29.46 3.33 -25.46
N TYR D 92 28.57 4.14 -24.88
CA TYR D 92 28.87 4.78 -23.60
C TYR D 92 29.12 3.75 -22.52
N ASN D 93 28.41 2.62 -22.59
CA ASN D 93 28.74 1.41 -21.83
C ASN D 93 28.86 1.67 -20.33
N GLY D 94 27.85 2.29 -19.74
CA GLY D 94 27.85 2.50 -18.31
C GLY D 94 28.95 3.37 -17.77
N GLY D 95 29.60 4.16 -18.63
CA GLY D 95 30.68 5.04 -18.22
C GLY D 95 32.09 4.53 -18.48
N SER D 96 32.24 3.39 -19.13
CA SER D 96 33.57 2.77 -19.23
C SER D 96 34.54 3.58 -20.08
N ARG D 97 34.06 4.51 -20.89
CA ARG D 97 34.91 5.37 -21.70
C ARG D 97 35.00 6.80 -21.16
N CYS D 98 34.45 7.04 -19.96
CA CYS D 98 34.45 8.40 -19.41
C CYS D 98 35.86 8.91 -19.20
N ARG D 99 36.11 10.12 -19.70
CA ARG D 99 37.42 10.78 -19.62
C ARG D 99 38.52 9.97 -20.28
N LYS D 100 38.16 9.11 -21.22
CA LYS D 100 39.11 8.51 -22.15
C LYS D 100 38.97 9.16 -23.52
N HIS D 101 39.96 8.94 -24.37
CA HIS D 101 39.96 9.50 -25.71
C HIS D 101 39.60 8.45 -26.75
N ILE D 102 38.95 8.90 -27.82
CA ILE D 102 38.76 8.09 -29.00
C ILE D 102 39.40 8.82 -30.18
N MET D 103 39.89 8.05 -31.13
CA MET D 103 40.42 8.58 -32.37
C MET D 103 39.32 8.46 -33.41
N ILE D 104 38.98 9.57 -34.06
CA ILE D 104 37.90 9.62 -35.04
C ILE D 104 38.53 9.79 -36.41
N HIS D 105 38.06 8.99 -37.37
CA HIS D 105 38.57 9.07 -38.75
C HIS D 105 37.41 9.47 -39.66
N ALA D 106 37.60 10.55 -40.41
CA ALA D 106 36.63 11.00 -41.39
C ALA D 106 36.97 10.50 -42.79
N GLY D 107 35.96 10.48 -43.66
CA GLY D 107 36.13 10.02 -45.04
C GLY D 107 37.13 10.84 -45.83
N ASN D 108 37.37 12.09 -45.46
CA ASN D 108 38.34 12.91 -46.17
C ASN D 108 39.78 12.60 -45.78
N GLY D 109 40.02 11.66 -44.88
CA GLY D 109 41.38 11.29 -44.52
C GLY D 109 41.90 11.98 -43.27
N ASN D 110 41.18 12.97 -42.74
CA ASN D 110 41.56 13.61 -41.50
C ASN D 110 41.17 12.76 -40.29
N SER D 111 41.91 12.93 -39.21
CA SER D 111 41.59 12.26 -37.95
C SER D 111 41.83 13.22 -36.81
N VAL D 112 41.14 12.96 -35.69
CA VAL D 112 41.28 13.78 -34.50
C VAL D 112 41.02 12.91 -33.27
N SER D 113 41.73 13.23 -32.20
CA SER D 113 41.51 12.63 -30.88
C SER D 113 40.51 13.49 -30.11
N ALA D 114 39.49 12.84 -29.56
CA ALA D 114 38.46 13.55 -28.83
C ALA D 114 38.23 12.88 -27.49
N LEU D 115 37.90 13.70 -26.48
CA LEU D 115 37.63 13.24 -25.13
C LEU D 115 36.15 12.84 -25.00
N VAL D 116 35.90 11.65 -24.46
CA VAL D 116 34.54 11.22 -24.19
C VAL D 116 34.09 11.82 -22.87
N VAL D 117 33.02 12.61 -22.90
CA VAL D 117 32.56 13.30 -21.68
C VAL D 117 31.09 13.04 -21.38
N ASP D 118 30.35 12.43 -22.30
CA ASP D 118 28.91 12.45 -22.17
C ASP D 118 28.28 11.25 -22.86
N GLU D 119 27.02 10.99 -22.50
CA GLU D 119 26.21 9.95 -23.12
C GLU D 119 25.22 10.61 -24.06
N CYS D 120 25.16 10.11 -25.30
CA CYS D 120 24.08 10.45 -26.23
C CYS D 120 22.99 9.43 -25.93
N ASP D 121 21.98 9.84 -25.16
CA ASP D 121 21.09 8.93 -24.46
C ASP D 121 20.02 8.43 -25.42
N SER D 122 20.09 7.15 -25.78
CA SER D 122 19.14 6.53 -26.69
C SER D 122 17.97 5.86 -25.99
N THR D 123 17.89 5.95 -24.65
CA THR D 123 16.89 5.24 -23.87
C THR D 123 15.63 6.08 -23.64
N VAL D 124 15.64 7.37 -23.96
CA VAL D 124 14.56 8.27 -23.55
C VAL D 124 14.61 9.50 -24.44
N GLY D 125 13.45 10.13 -24.63
CA GLY D 125 13.37 11.34 -25.45
C GLY D 125 11.93 11.82 -25.54
N CYS D 126 11.73 12.88 -26.32
CA CYS D 126 10.39 13.45 -26.52
C CYS D 126 9.71 13.79 -25.20
N ASP D 127 10.49 14.39 -24.29
CA ASP D 127 9.95 14.87 -23.02
C ASP D 127 10.57 16.21 -22.68
N LYS D 128 10.02 16.88 -21.67
CA LYS D 128 10.51 18.20 -21.32
C LYS D 128 11.99 18.15 -20.92
N ASP D 129 12.41 17.06 -20.25
CA ASP D 129 13.82 16.91 -19.88
C ASP D 129 14.75 17.05 -21.08
N HIS D 130 14.31 16.63 -22.27
CA HIS D 130 15.14 16.71 -23.46
C HIS D 130 14.64 17.73 -24.47
N ASN D 131 13.89 18.74 -24.01
CA ASN D 131 13.38 19.80 -24.88
C ASN D 131 12.59 19.23 -26.06
N PHE D 132 11.94 18.14 -25.84
CA PHE D 132 11.14 17.47 -26.81
C PHE D 132 11.90 17.01 -28.06
N GLU D 133 13.13 16.63 -27.90
CA GLU D 133 13.94 16.06 -28.93
C GLU D 133 13.89 14.53 -28.86
N PRO D 134 14.12 13.84 -29.96
CA PRO D 134 14.03 12.39 -29.93
C PRO D 134 15.19 11.75 -29.22
N PRO D 135 15.05 10.50 -28.88
CA PRO D 135 16.15 9.76 -28.30
C PRO D 135 17.32 9.66 -29.24
N CYS D 136 18.53 9.75 -28.73
CA CYS D 136 19.68 9.58 -29.59
C CYS D 136 19.54 8.29 -30.36
N ARG D 137 20.08 8.27 -31.58
CA ARG D 137 20.27 7.02 -32.31
C ARG D 137 21.35 6.19 -31.60
N ASN D 138 21.50 4.94 -32.05
CA ASN D 138 22.34 3.99 -31.32
C ASN D 138 23.76 3.88 -31.87
N ASN D 139 24.11 4.62 -32.91
CA ASN D 139 25.43 4.51 -33.50
C ASN D 139 26.07 5.88 -33.67
N ILE D 140 25.94 6.74 -32.66
CA ILE D 140 26.28 8.15 -32.77
C ILE D 140 27.55 8.48 -31.98
N VAL D 141 28.41 9.27 -32.60
CA VAL D 141 29.43 10.05 -31.90
C VAL D 141 29.00 11.50 -32.06
N ASP D 142 28.57 12.11 -30.96
CA ASP D 142 28.01 13.47 -30.99
C ASP D 142 29.15 14.41 -30.61
N GLY D 143 29.69 15.13 -31.60
CA GLY D 143 30.94 15.84 -31.46
C GLY D 143 30.75 17.34 -31.33
N SER D 144 31.66 17.97 -30.59
CA SER D 144 31.68 19.42 -30.45
C SER D 144 32.11 20.09 -31.76
N PRO D 145 31.84 21.39 -31.92
CA PRO D 145 32.30 22.10 -33.13
C PRO D 145 33.78 21.95 -33.38
N ALA D 146 34.59 21.96 -32.32
CA ALA D 146 36.03 21.83 -32.51
C ALA D 146 36.38 20.45 -33.07
N VAL D 147 35.56 19.43 -32.79
CA VAL D 147 35.77 18.12 -33.39
C VAL D 147 35.57 18.19 -34.90
N TRP D 148 34.45 18.79 -35.33
CA TRP D 148 34.20 18.92 -36.76
C TRP D 148 35.28 19.75 -37.44
N ASP D 149 35.65 20.91 -36.86
CA ASP D 149 36.66 21.76 -37.48
C ASP D 149 37.98 21.02 -37.62
N ALA D 150 38.37 20.26 -36.60
CA ALA D 150 39.60 19.48 -36.67
C ALA D 150 39.54 18.43 -37.78
N LEU D 151 38.36 17.87 -38.04
CA LEU D 151 38.20 16.89 -39.09
C LEU D 151 38.03 17.51 -40.47
N GLY D 152 38.02 18.85 -40.55
CA GLY D 152 37.82 19.53 -41.82
C GLY D 152 36.47 19.30 -42.44
N LEU D 153 35.47 18.93 -41.65
CA LEU D 153 34.14 18.67 -42.17
C LEU D 153 33.28 19.93 -42.11
N ASN D 154 32.40 20.05 -43.10
CA ASN D 154 31.51 21.20 -43.14
C ASN D 154 30.35 20.92 -42.20
N LYS D 155 30.27 21.73 -41.15
CA LYS D 155 29.24 21.55 -40.14
C LYS D 155 27.85 21.69 -40.70
N ASP D 156 27.72 22.22 -41.93
CA ASP D 156 26.39 22.28 -42.46
C ASP D 156 25.90 20.88 -42.87
N ASP D 157 26.84 19.91 -43.05
CA ASP D 157 26.47 18.49 -43.04
C ASP D 157 25.42 18.09 -42.03
N GLY D 158 25.62 18.43 -40.79
CA GLY D 158 24.76 17.87 -39.77
C GLY D 158 25.19 16.47 -39.36
N GLN D 159 25.60 15.60 -40.29
CA GLN D 159 26.13 14.29 -39.90
C GLN D 159 27.14 13.75 -40.90
N ALA D 160 28.05 12.90 -40.41
CA ALA D 160 29.07 12.40 -41.30
C ALA D 160 29.39 10.95 -40.98
N GLN D 161 29.77 10.20 -42.03
CA GLN D 161 30.20 8.83 -41.84
C GLN D 161 31.63 8.82 -41.35
N ILE D 162 31.86 8.13 -40.23
CA ILE D 162 33.18 8.08 -39.62
C ILE D 162 33.45 6.65 -39.16
N THR D 163 34.63 6.50 -38.63
CA THR D 163 35.01 5.34 -37.91
C THR D 163 35.71 5.83 -36.65
N TRP D 164 35.67 5.05 -35.60
CA TRP D 164 36.32 5.44 -34.41
C TRP D 164 36.94 4.28 -33.70
N SER D 165 37.92 4.60 -32.89
CA SER D 165 38.56 3.62 -32.07
C SER D 165 39.00 4.16 -30.73
N ASP D 166 39.05 3.31 -29.74
CA ASP D 166 39.50 3.69 -28.48
C ASP D 166 40.98 3.99 -28.53
N GLU D 167 41.46 4.98 -27.82
CA GLU D 167 42.88 5.28 -27.77
C GLU D 167 43.38 4.61 -26.50
N LEU D 168 44.04 3.48 -26.66
CA LEU D 168 44.52 2.69 -25.54
C LEU D 168 45.91 3.17 -25.13
N GLU D 169 46.35 2.69 -23.97
CA GLU D 169 47.60 3.18 -23.38
C GLU D 169 48.47 2.04 -22.85
N GLY E 6 10.38 -16.30 34.68
CA GLY E 6 9.79 -15.11 34.09
C GLY E 6 9.64 -15.21 32.57
N LYS E 7 10.75 -15.15 31.86
CA LYS E 7 10.69 -15.25 30.41
C LYS E 7 10.52 -16.69 29.92
N SER E 8 10.87 -17.67 30.74
CA SER E 8 10.54 -19.06 30.45
C SER E 8 9.03 -19.25 30.32
N GLU E 9 8.28 -18.78 31.31
CA GLU E 9 6.82 -18.86 31.27
C GLU E 9 6.27 -18.07 30.08
N ALA E 10 6.83 -16.88 29.83
CA ALA E 10 6.35 -16.06 28.72
C ALA E 10 6.52 -16.77 27.38
N ALA E 11 7.64 -17.47 27.19
CA ALA E 11 7.85 -18.18 25.93
C ALA E 11 6.86 -19.33 25.78
N GLU E 12 6.56 -20.04 26.87
CA GLU E 12 5.57 -21.12 26.80
C GLU E 12 4.19 -20.56 26.47
N ILE E 13 3.85 -19.41 27.00
CA ILE E 13 2.59 -18.81 26.73
C ILE E 13 2.43 -18.42 25.28
N GLU E 14 3.45 -17.86 24.72
CA GLU E 14 3.46 -17.47 23.34
C GLU E 14 3.36 -18.70 22.44
N ALA E 15 4.04 -19.75 22.81
CA ALA E 15 3.98 -20.97 22.03
C ALA E 15 2.60 -21.58 22.05
N GLY E 16 1.96 -21.63 23.17
CA GLY E 16 0.57 -22.09 23.22
C GLY E 16 -0.34 -21.27 22.33
N ASP E 17 -0.13 -19.97 22.32
CA ASP E 17 -0.89 -19.12 21.49
C ASP E 17 -0.67 -19.43 20.01
N ARG E 18 0.57 -19.59 19.63
CA ARG E 18 0.93 -19.90 18.29
C ARG E 18 0.34 -21.23 17.87
N LEU E 19 0.38 -22.18 18.76
CA LEU E 19 -0.15 -23.51 18.51
C LEU E 19 -1.66 -23.47 18.26
N ASP E 20 -2.39 -22.72 19.08
CA ASP E 20 -3.84 -22.57 18.87
C ASP E 20 -4.12 -22.08 17.46
N ALA E 21 -3.35 -21.07 17.02
CA ALA E 21 -3.58 -20.49 15.71
C ALA E 21 -3.23 -21.46 14.59
N LEU E 22 -2.12 -22.18 14.74
CA LEU E 22 -1.71 -23.13 13.71
C LEU E 22 -2.72 -24.27 13.62
N ARG E 23 -3.26 -24.69 14.75
CA ARG E 23 -4.30 -25.72 14.71
C ARG E 23 -5.53 -25.22 13.96
N ASP E 24 -5.89 -23.95 14.16
CA ASP E 24 -6.98 -23.37 13.39
C ASP E 24 -6.67 -23.38 11.91
N GLN E 25 -5.42 -23.09 11.52
CA GLN E 25 -5.07 -23.12 10.11
C GLN E 25 -5.17 -24.54 9.56
N LEU E 26 -4.79 -25.52 10.37
CA LEU E 26 -4.88 -26.92 9.98
C LEU E 26 -6.33 -27.34 9.75
N GLN E 27 -7.23 -27.00 10.69
CA GLN E 27 -8.62 -27.42 10.55
C GLN E 27 -9.25 -26.76 9.34
N ARG E 28 -8.78 -25.57 8.98
CA ARG E 28 -9.37 -24.85 7.85
C ARG E 28 -9.21 -25.58 6.51
N TYR E 29 -8.28 -26.54 6.41
CA TYR E 29 -8.14 -27.35 5.19
C TYR E 29 -9.23 -28.41 5.02
N GLU E 30 -9.94 -28.76 6.09
CA GLU E 30 -10.88 -29.89 6.05
C GLU E 30 -11.91 -29.71 4.96
N THR E 31 -12.69 -28.65 5.06
CA THR E 31 -13.76 -28.44 4.09
C THR E 31 -13.23 -28.25 2.68
N PRO E 32 -12.21 -27.43 2.43
CA PRO E 32 -11.69 -27.33 1.04
C PRO E 32 -11.26 -28.66 0.46
N ILE E 33 -10.57 -29.48 1.24
CA ILE E 33 -10.14 -30.78 0.74
C ILE E 33 -11.35 -31.62 0.38
N ILE E 34 -12.34 -31.66 1.26
CA ILE E 34 -13.50 -32.51 0.99
C ILE E 34 -14.28 -32.01 -0.23
N GLN E 35 -14.51 -30.70 -0.32
CA GLN E 35 -15.22 -30.13 -1.46
C GLN E 35 -14.49 -30.36 -2.77
N THR E 36 -13.15 -30.28 -2.73
CA THR E 36 -12.37 -30.46 -3.96
C THR E 36 -12.43 -31.91 -4.43
N ILE E 37 -12.36 -32.87 -3.50
CA ILE E 37 -12.55 -34.27 -3.86
C ILE E 37 -13.93 -34.47 -4.49
N LEU E 38 -14.95 -33.93 -3.85
CA LEU E 38 -16.33 -34.08 -4.35
C LEU E 38 -16.52 -33.38 -5.69
N ALA E 39 -15.92 -32.20 -5.88
CA ALA E 39 -16.02 -31.55 -7.19
C ALA E 39 -15.47 -32.45 -8.29
N ARG E 40 -14.30 -33.04 -8.07
CA ARG E 40 -13.72 -33.92 -9.07
C ARG E 40 -14.56 -35.18 -9.23
N SER E 41 -15.07 -35.71 -8.14
CA SER E 41 -15.86 -36.94 -8.23
C SER E 41 -17.19 -36.70 -8.93
N ALA E 42 -17.79 -35.53 -8.72
CA ALA E 42 -19.05 -35.18 -9.34
C ALA E 42 -18.88 -34.90 -10.83
N LEU E 43 -17.68 -34.49 -11.23
CA LEU E 43 -17.48 -33.97 -12.58
C LEU E 43 -17.62 -35.04 -13.64
N GLY E 44 -17.09 -36.23 -13.39
CA GLY E 44 -17.12 -37.26 -14.40
C GLY E 44 -15.97 -38.24 -14.22
N GLY E 45 -15.82 -39.09 -15.24
CA GLY E 45 -14.81 -40.14 -15.22
C GLY E 45 -13.43 -39.59 -15.51
N ARG E 46 -12.50 -40.52 -15.73
CA ARG E 46 -11.11 -40.12 -15.93
C ARG E 46 -10.82 -39.84 -17.39
N ALA E 47 -10.12 -38.73 -17.63
CA ALA E 47 -9.78 -38.29 -18.97
C ALA E 47 -8.59 -39.09 -19.50
N PRO E 48 -8.49 -39.23 -20.82
CA PRO E 48 -7.29 -39.83 -21.40
C PRO E 48 -6.04 -39.12 -20.90
N SER E 49 -5.08 -39.91 -20.43
CA SER E 49 -3.76 -39.39 -20.03
C SER E 49 -3.88 -38.37 -18.90
N GLU E 50 -4.91 -38.49 -18.07
CA GLU E 50 -5.10 -37.51 -17.01
C GLU E 50 -3.90 -37.47 -16.09
N GLN E 51 -3.37 -38.64 -15.73
CA GLN E 51 -2.27 -38.71 -14.77
C GLN E 51 -1.02 -38.05 -15.32
N ASP E 52 -0.73 -38.26 -16.61
CA ASP E 52 0.40 -37.60 -17.25
C ASP E 52 0.19 -36.09 -17.31
N GLU E 53 -1.05 -35.67 -17.60
CA GLU E 53 -1.35 -34.23 -17.69
C GLU E 53 -1.24 -33.55 -16.33
N VAL E 54 -1.58 -34.25 -15.24
CA VAL E 54 -1.39 -33.71 -13.91
C VAL E 54 0.09 -33.43 -13.65
N ARG E 55 0.95 -34.41 -13.97
CA ARG E 55 2.38 -34.22 -13.75
C ARG E 55 2.91 -33.06 -14.60
N ALA E 56 2.49 -33.00 -15.86
CA ALA E 56 2.92 -31.92 -16.75
C ALA E 56 2.45 -30.57 -16.23
N ALA E 57 1.23 -30.50 -15.69
CA ALA E 57 0.74 -29.26 -15.12
C ALA E 57 1.56 -28.85 -13.90
N LEU E 58 1.89 -29.82 -13.03
CA LEU E 58 2.71 -29.52 -11.86
C LEU E 58 4.09 -29.02 -12.28
N SER E 59 4.65 -29.57 -13.36
CA SER E 59 5.96 -29.11 -13.84
C SER E 59 5.89 -27.68 -14.36
N ARG E 60 4.87 -27.35 -15.09
CA ARG E 60 4.71 -26.02 -15.62
C ARG E 60 4.41 -24.95 -14.68
N ASN E 61 3.67 -25.27 -13.68
CA ASN E 61 3.30 -24.28 -12.73
C ASN E 61 3.78 -24.80 -11.44
N ALA E 62 5.06 -24.63 -11.24
CA ALA E 62 5.70 -25.11 -10.08
C ALA E 62 5.68 -24.12 -9.01
N PHE E 63 5.08 -24.45 -7.91
CA PHE E 63 5.07 -23.52 -6.86
C PHE E 63 6.06 -24.10 -5.87
N GLU E 64 7.19 -23.46 -5.71
CA GLU E 64 8.15 -23.96 -4.79
C GLU E 64 7.76 -23.67 -3.39
N PRO E 65 8.28 -24.42 -2.47
CA PRO E 65 7.96 -24.22 -1.06
C PRO E 65 8.63 -23.03 -0.45
N SER E 66 8.22 -22.67 0.71
CA SER E 66 8.87 -21.56 1.38
C SER E 66 10.36 -21.87 1.57
N GLU E 67 11.15 -20.82 1.83
CA GLU E 67 12.59 -21.06 2.00
C GLU E 67 12.86 -21.94 3.22
N VAL E 68 12.09 -21.78 4.28
CA VAL E 68 12.28 -22.60 5.47
C VAL E 68 12.01 -24.07 5.15
N ILE E 69 10.89 -24.34 4.47
CA ILE E 69 10.54 -25.71 4.11
C ILE E 69 11.53 -26.27 3.10
N SER E 70 11.85 -25.49 2.07
CA SER E 70 12.78 -25.99 1.07
C SER E 70 14.13 -26.33 1.70
N GLU E 71 14.57 -25.54 2.68
CA GLU E 71 15.84 -25.88 3.32
C GLU E 71 15.71 -27.08 4.23
N TRP E 72 14.58 -27.22 4.93
CA TRP E 72 14.36 -28.43 5.71
C TRP E 72 14.36 -29.67 4.82
N LEU E 73 13.76 -29.57 3.63
CA LEU E 73 13.69 -30.70 2.71
C LEU E 73 15.05 -31.11 2.18
N GLN E 74 16.09 -30.32 2.41
CA GLN E 74 17.44 -30.73 2.06
C GLN E 74 18.14 -31.44 3.20
N THR E 75 17.65 -31.31 4.44
CA THR E 75 18.24 -32.02 5.57
C THR E 75 17.90 -33.51 5.50
N GLU E 76 18.63 -34.30 6.29
CA GLU E 76 18.48 -35.75 6.24
C GLU E 76 17.09 -36.19 6.68
N SER E 77 16.56 -35.60 7.76
CA SER E 77 15.21 -35.98 8.15
C SER E 77 14.15 -35.38 7.21
N GLY E 78 14.32 -34.11 6.82
CA GLY E 78 13.33 -33.50 5.94
C GLY E 78 13.28 -34.12 4.55
N ALA E 79 14.43 -34.61 4.07
CA ALA E 79 14.48 -35.21 2.74
C ALA E 79 13.52 -36.39 2.60
N ARG E 80 13.14 -37.03 3.72
CA ARG E 80 12.20 -38.13 3.64
C ARG E 80 10.82 -37.68 3.18
N PHE E 81 10.53 -36.37 3.25
CA PHE E 81 9.26 -35.80 2.82
C PHE E 81 9.40 -35.03 1.51
N ARG E 82 10.57 -35.08 0.87
CA ARG E 82 10.74 -34.44 -0.42
C ARG E 82 10.30 -35.42 -1.50
N SER E 83 9.40 -34.99 -2.38
CA SER E 83 8.91 -35.90 -3.40
C SER E 83 9.75 -35.80 -4.65
N THR E 84 9.61 -36.82 -5.49
CA THR E 84 10.17 -36.77 -6.85
C THR E 84 9.54 -35.60 -7.60
N ARG E 85 10.37 -34.79 -8.25
CA ARG E 85 9.80 -33.72 -9.04
C ARG E 85 8.87 -34.29 -10.09
N PRO E 86 7.72 -33.63 -10.39
CA PRO E 86 7.29 -32.32 -9.90
C PRO E 86 6.27 -32.38 -8.75
N LEU E 87 6.21 -33.49 -8.03
CA LEU E 87 5.20 -33.64 -6.98
C LEU E 87 5.49 -32.73 -5.78
N PRO E 88 4.46 -32.22 -5.12
CA PRO E 88 4.65 -31.36 -3.94
C PRO E 88 5.12 -32.18 -2.74
N PRO E 89 5.63 -31.51 -1.71
CA PRO E 89 6.19 -32.23 -0.56
C PRO E 89 5.18 -33.15 0.10
N ALA E 90 5.68 -34.29 0.59
CA ALA E 90 5.01 -35.19 1.51
C ALA E 90 4.00 -36.11 0.82
N VAL E 91 3.66 -35.88 -0.46
CA VAL E 91 2.65 -36.75 -1.07
C VAL E 91 3.20 -38.12 -1.46
N GLU E 92 4.51 -38.36 -1.36
CA GLU E 92 5.05 -39.71 -1.56
C GLU E 92 5.46 -40.39 -0.26
N PHE E 93 5.36 -39.72 0.87
CA PHE E 93 5.84 -40.30 2.12
C PHE E 93 4.98 -41.50 2.54
N ILE E 94 5.64 -42.60 2.92
CA ILE E 94 4.95 -43.85 3.25
C ILE E 94 5.01 -44.05 4.76
N THR E 95 3.84 -44.02 5.43
CA THR E 95 3.83 -44.38 6.84
C THR E 95 3.85 -45.90 6.98
N PRO E 96 4.45 -46.42 8.06
CA PRO E 96 4.46 -47.86 8.27
C PRO E 96 3.05 -48.40 8.49
N VAL E 97 2.83 -49.63 8.01
CA VAL E 97 1.57 -50.32 8.31
C VAL E 97 1.47 -50.50 9.81
N VAL E 98 0.33 -50.10 10.40
CA VAL E 98 0.11 -50.27 11.83
C VAL E 98 -1.20 -50.99 12.14
N LEU E 99 -2.07 -51.14 11.14
CA LEU E 99 -3.34 -51.81 11.36
C LEU E 99 -3.34 -53.16 10.63
N SER E 100 -4.25 -54.04 11.01
CA SER E 100 -4.36 -55.33 10.33
C SER E 100 -5.39 -55.25 9.20
N ARG E 101 -5.34 -56.25 8.31
CA ARG E 101 -6.23 -56.29 7.16
C ARG E 101 -7.69 -56.06 7.54
N ASP E 102 -8.14 -56.70 8.62
CA ASP E 102 -9.55 -56.72 8.96
C ASP E 102 -9.91 -55.70 10.02
N THR E 103 -9.02 -54.77 10.32
CA THR E 103 -9.32 -53.76 11.35
C THR E 103 -10.56 -52.97 10.96
N VAL E 104 -11.47 -52.82 11.91
CA VAL E 104 -12.70 -52.06 11.67
C VAL E 104 -12.38 -50.57 11.75
N LEU E 105 -12.70 -49.83 10.68
CA LEU E 105 -12.20 -48.47 10.52
C LEU E 105 -13.14 -47.40 11.04
N ASP E 106 -14.45 -47.63 10.97
CA ASP E 106 -15.38 -46.52 11.12
C ASP E 106 -16.58 -46.87 11.98
N LYS E 107 -16.48 -47.90 12.82
CA LYS E 107 -17.57 -48.25 13.72
C LYS E 107 -17.00 -48.52 15.10
N PRO E 108 -17.79 -48.32 16.15
CA PRO E 108 -17.24 -48.48 17.51
C PRO E 108 -16.95 -49.95 17.79
N VAL E 109 -15.77 -50.21 18.31
CA VAL E 109 -15.33 -51.58 18.61
C VAL E 109 -15.24 -51.72 20.11
N VAL E 110 -15.94 -52.72 20.66
CA VAL E 110 -15.88 -52.97 22.09
C VAL E 110 -14.43 -53.25 22.47
N GLY E 111 -13.94 -52.55 23.50
CA GLY E 111 -12.58 -52.77 23.95
C GLY E 111 -11.50 -52.11 23.11
N LYS E 112 -11.86 -51.28 22.14
CA LYS E 112 -10.83 -50.54 21.38
C LYS E 112 -11.18 -49.08 21.18
N GLY E 113 -12.41 -48.79 20.76
CA GLY E 113 -12.83 -47.45 20.42
C GLY E 113 -13.21 -47.37 18.95
N ILE E 114 -12.84 -46.26 18.31
CA ILE E 114 -13.28 -46.00 16.94
C ILE E 114 -12.20 -45.21 16.20
N PHE E 115 -12.25 -45.29 14.87
CA PHE E 115 -11.37 -44.53 13.98
C PHE E 115 -9.90 -44.76 14.26
N PRO E 116 -9.41 -46.01 14.25
CA PRO E 116 -7.97 -46.24 14.43
C PRO E 116 -7.19 -45.61 13.28
N ILE E 117 -6.06 -44.98 13.60
CA ILE E 117 -5.27 -44.19 12.64
C ILE E 117 -4.29 -45.08 11.88
N GLY E 118 -4.03 -44.73 10.61
CA GLY E 118 -2.91 -45.30 9.87
C GLY E 118 -3.32 -46.33 8.84
N ARG E 119 -2.30 -46.94 8.22
CA ARG E 119 -2.49 -47.83 7.09
C ARG E 119 -2.62 -49.29 7.53
N ARG E 120 -3.52 -50.02 6.85
CA ARG E 120 -3.53 -51.47 6.78
C ARG E 120 -2.61 -51.94 5.67
N PRO E 121 -2.27 -53.24 5.65
CA PRO E 121 -1.37 -53.73 4.58
C PRO E 121 -1.89 -53.46 3.19
N GLN E 122 -3.19 -53.49 2.99
CA GLN E 122 -3.76 -53.29 1.67
C GLN E 122 -3.96 -51.82 1.29
N ASP E 123 -3.74 -50.86 2.20
CA ASP E 123 -3.91 -49.47 1.81
C ASP E 123 -2.77 -49.03 0.90
N PRO E 124 -3.04 -48.15 -0.07
CA PRO E 124 -1.96 -47.60 -0.90
C PRO E 124 -0.83 -46.99 -0.05
N THR E 125 0.37 -46.97 -0.62
CA THR E 125 1.53 -46.63 0.21
C THR E 125 1.51 -45.18 0.67
N ASN E 126 1.09 -44.26 -0.22
CA ASN E 126 1.23 -42.83 0.03
C ASN E 126 0.05 -42.07 -0.60
N MET E 127 0.00 -40.75 -0.42
CA MET E 127 -1.16 -40.02 -0.92
C MET E 127 -1.20 -40.00 -2.44
N ASP E 128 -0.04 -39.91 -3.07
CA ASP E 128 -0.02 -39.94 -4.53
C ASP E 128 -0.67 -41.21 -5.07
N GLU E 129 -0.28 -42.37 -4.52
CA GLU E 129 -0.86 -43.65 -4.92
C GLU E 129 -2.32 -43.74 -4.53
N PHE E 130 -2.66 -43.22 -3.34
CA PHE E 130 -4.05 -43.28 -2.91
C PHE E 130 -4.93 -42.51 -3.88
N LEU E 131 -4.50 -41.30 -4.25
CA LEU E 131 -5.31 -40.51 -5.15
C LEU E 131 -5.30 -41.08 -6.56
N ASP E 132 -4.16 -41.63 -6.98
CA ASP E 132 -4.08 -42.27 -8.29
C ASP E 132 -5.01 -43.48 -8.35
N THR E 133 -5.05 -44.26 -7.27
CA THR E 133 -5.96 -45.40 -7.19
C THR E 133 -7.41 -44.96 -7.32
N SER E 134 -7.78 -43.87 -6.63
CA SER E 134 -9.13 -43.33 -6.76
C SER E 134 -9.41 -42.97 -8.22
N LEU E 135 -8.47 -42.28 -8.86
CA LEU E 135 -8.68 -41.88 -10.24
C LEU E 135 -8.84 -43.10 -11.15
N LEU E 136 -8.00 -44.12 -10.98
CA LEU E 136 -8.05 -45.28 -11.85
C LEU E 136 -9.31 -46.11 -11.67
N SER E 137 -9.98 -45.98 -10.53
CA SER E 137 -11.20 -46.72 -10.29
C SER E 137 -12.38 -46.12 -11.04
N LEU E 138 -12.20 -44.93 -11.61
CA LEU E 138 -13.22 -44.34 -12.46
C LEU E 138 -13.17 -44.94 -13.85
N ASN E 139 -14.29 -44.87 -14.55
CA ASN E 139 -14.28 -45.29 -15.94
C ASN E 139 -13.70 -44.17 -16.78
N GLN E 140 -13.01 -44.56 -17.87
CA GLN E 140 -12.45 -43.55 -18.75
C GLN E 140 -13.58 -42.87 -19.50
N SER E 141 -13.50 -41.55 -19.59
CA SER E 141 -14.56 -40.74 -20.13
C SER E 141 -14.07 -39.92 -21.31
N SER E 142 -14.86 -39.91 -22.38
CA SER E 142 -14.60 -39.08 -23.55
C SER E 142 -15.30 -37.73 -23.47
N THR E 143 -16.09 -37.49 -22.43
CA THR E 143 -16.84 -36.26 -22.29
C THR E 143 -16.34 -35.36 -21.17
N VAL E 144 -15.52 -35.88 -20.25
CA VAL E 144 -15.01 -35.04 -19.18
C VAL E 144 -14.01 -34.04 -19.76
N ASP E 145 -14.07 -32.80 -19.27
CA ASP E 145 -13.18 -31.74 -19.72
C ASP E 145 -11.79 -31.91 -19.08
N LEU E 146 -10.76 -32.10 -19.93
CA LEU E 146 -9.41 -32.37 -19.41
C LEU E 146 -8.93 -31.23 -18.52
N ALA E 147 -9.08 -29.99 -18.99
CA ALA E 147 -8.58 -28.85 -18.23
C ALA E 147 -9.22 -28.80 -16.84
N SER E 148 -10.54 -28.98 -16.76
CA SER E 148 -11.20 -28.91 -15.47
C SER E 148 -10.74 -30.04 -14.57
N ALA E 149 -10.67 -31.27 -15.11
CA ALA E 149 -10.30 -32.43 -14.32
C ALA E 149 -8.89 -32.30 -13.75
N VAL E 150 -7.92 -31.99 -14.62
CA VAL E 150 -6.54 -31.84 -14.21
C VAL E 150 -6.39 -30.71 -13.20
N SER E 151 -7.09 -29.60 -13.43
CA SER E 151 -6.97 -28.49 -12.49
C SER E 151 -7.49 -28.84 -11.10
N LEU E 152 -8.62 -29.57 -11.00
CA LEU E 152 -9.06 -30.03 -9.69
C LEU E 152 -8.09 -31.04 -9.07
N ASP E 153 -7.52 -31.96 -9.87
CA ASP E 153 -6.53 -32.91 -9.37
C ASP E 153 -5.34 -32.17 -8.78
N VAL E 154 -4.85 -31.17 -9.52
CA VAL E 154 -3.69 -30.41 -9.07
C VAL E 154 -4.04 -29.66 -7.79
N SER E 155 -5.24 -29.06 -7.76
CA SER E 155 -5.70 -28.39 -6.54
C SER E 155 -5.62 -29.31 -5.34
N LEU E 156 -6.15 -30.52 -5.47
CA LEU E 156 -6.15 -31.45 -4.35
C LEU E 156 -4.72 -31.80 -3.90
N LEU E 157 -3.81 -32.01 -4.85
CA LEU E 157 -2.43 -32.31 -4.48
C LEU E 157 -1.79 -31.16 -3.70
N HIS E 158 -2.01 -29.92 -4.13
CA HIS E 158 -1.46 -28.80 -3.35
C HIS E 158 -2.10 -28.69 -1.99
N LEU E 159 -3.41 -28.94 -1.90
CA LEU E 159 -4.14 -28.86 -0.64
C LEU E 159 -3.61 -29.89 0.36
N VAL E 160 -3.44 -31.14 -0.07
CA VAL E 160 -3.01 -32.15 0.92
C VAL E 160 -1.57 -31.91 1.34
N SER E 161 -0.76 -31.40 0.43
CA SER E 161 0.63 -31.16 0.79
C SER E 161 0.71 -30.02 1.80
N ALA E 162 0.02 -28.91 1.54
CA ALA E 162 0.00 -27.81 2.50
C ALA E 162 -0.58 -28.24 3.85
N ARG E 163 -1.64 -29.05 3.83
CA ARG E 163 -2.28 -29.46 5.08
C ARG E 163 -1.30 -30.20 5.97
N VAL E 164 -0.58 -31.18 5.43
CA VAL E 164 0.31 -31.97 6.29
C VAL E 164 1.56 -31.17 6.66
N LEU E 165 2.01 -30.26 5.78
CA LEU E 165 3.21 -29.50 6.11
C LEU E 165 3.01 -28.59 7.31
N LEU E 166 1.76 -28.30 7.67
CA LEU E 166 1.53 -27.57 8.91
C LEU E 166 2.04 -28.31 10.13
N GLY E 167 2.27 -29.62 10.02
CA GLY E 167 2.88 -30.35 11.12
C GLY E 167 4.22 -29.77 11.54
N TYR E 168 4.96 -29.19 10.60
CA TYR E 168 6.28 -28.70 10.95
C TYR E 168 6.18 -27.51 11.92
N PRO E 169 5.51 -26.40 11.58
CA PRO E 169 5.39 -25.32 12.57
C PRO E 169 4.59 -25.71 13.80
N ILE E 170 3.60 -26.59 13.65
CA ILE E 170 2.87 -27.04 14.83
C ILE E 170 3.81 -27.71 15.81
N ALA E 171 4.70 -28.58 15.31
CA ALA E 171 5.62 -29.28 16.19
C ALA E 171 6.57 -28.33 16.89
N LEU E 172 7.04 -27.30 16.19
CA LEU E 172 7.92 -26.33 16.85
C LEU E 172 7.18 -25.64 17.98
N ALA E 173 5.91 -25.30 17.76
CA ALA E 173 5.11 -24.66 18.81
C ALA E 173 4.86 -25.62 19.95
N LYS E 174 4.52 -26.87 19.63
CA LYS E 174 4.31 -27.87 20.67
C LYS E 174 5.58 -28.09 21.48
N PHE E 175 6.73 -28.07 20.81
CA PHE E 175 7.99 -28.26 21.51
C PHE E 175 8.23 -27.15 22.53
N ASP E 176 8.03 -25.90 22.14
CA ASP E 176 8.23 -24.83 23.10
C ASP E 176 7.16 -24.86 24.19
N TRP E 177 5.94 -25.28 23.86
CA TRP E 177 4.85 -25.31 24.82
C TRP E 177 5.02 -26.43 25.84
N LEU E 178 5.53 -27.59 25.41
CA LEU E 178 5.67 -28.77 26.24
C LEU E 178 7.12 -29.22 26.33
N HIS E 179 8.03 -28.25 26.49
CA HIS E 179 9.46 -28.50 26.41
C HIS E 179 9.91 -29.66 27.29
N ASP E 180 9.57 -29.61 28.58
CA ASP E 180 10.05 -30.63 29.50
C ASP E 180 9.56 -32.02 29.12
N ASN E 181 8.31 -32.13 28.65
CA ASN E 181 7.74 -33.42 28.28
C ASN E 181 8.57 -34.07 27.18
N PHE E 182 8.85 -33.32 26.11
CA PHE E 182 9.59 -33.90 25.00
C PHE E 182 11.04 -34.16 25.37
N CYS E 183 11.65 -33.24 26.12
CA CYS E 183 13.05 -33.43 26.50
C CYS E 183 13.25 -34.65 27.40
N HIS E 184 12.27 -34.99 28.25
CA HIS E 184 12.34 -36.21 29.03
C HIS E 184 12.47 -37.45 28.13
N ILE E 185 11.86 -37.42 26.95
CA ILE E 185 12.03 -38.52 26.01
C ILE E 185 13.35 -38.39 25.27
N LEU E 186 13.66 -37.18 24.78
CA LEU E 186 14.79 -37.02 23.87
C LEU E 186 16.13 -37.31 24.54
N THR E 187 16.27 -36.98 25.83
CA THR E 187 17.55 -37.19 26.51
C THR E 187 17.62 -38.52 27.24
N ASN E 188 16.60 -39.36 27.09
CA ASN E 188 16.59 -40.66 27.75
C ASN E 188 17.45 -41.64 26.95
N THR E 189 18.64 -41.95 27.46
CA THR E 189 19.53 -42.90 26.80
C THR E 189 19.13 -44.35 27.07
N THR E 190 18.10 -44.57 27.89
CA THR E 190 17.53 -45.90 28.11
C THR E 190 16.75 -46.40 26.90
N LEU E 191 16.28 -45.49 26.07
CA LEU E 191 15.44 -45.81 24.93
C LEU E 191 16.33 -46.01 23.70
N SER E 192 15.96 -46.94 22.85
CA SER E 192 16.56 -46.96 21.52
C SER E 192 15.94 -45.85 20.67
N LYS E 193 16.59 -45.54 19.55
CA LYS E 193 16.03 -44.61 18.56
C LYS E 193 14.57 -44.93 18.25
N SER E 194 14.25 -46.22 18.11
CA SER E 194 12.89 -46.63 17.73
C SER E 194 11.89 -46.37 18.85
N GLN E 195 12.24 -46.73 20.10
CA GLN E 195 11.37 -46.44 21.24
C GLN E 195 11.30 -44.94 21.43
N LYS E 196 12.41 -44.27 21.04
CA LYS E 196 12.51 -42.82 21.14
C LYS E 196 11.51 -42.15 20.22
N LEU E 197 11.42 -42.59 18.97
CA LEU E 197 10.37 -42.12 18.06
C LEU E 197 8.97 -42.49 18.53
N ALA E 198 8.78 -43.73 18.99
CA ALA E 198 7.45 -44.14 19.41
C ALA E 198 6.91 -43.26 20.53
N ASN E 199 7.73 -43.02 21.55
CA ASN E 199 7.27 -42.22 22.69
C ASN E 199 6.96 -40.78 22.27
N ILE E 200 7.72 -40.24 21.31
CA ILE E 200 7.47 -38.89 20.82
C ILE E 200 6.15 -38.82 20.07
N ILE E 201 5.90 -39.78 19.24
CA ILE E 201 4.66 -39.88 18.53
C ILE E 201 3.53 -40.00 19.51
N GLN E 202 3.67 -40.76 20.58
CA GLN E 202 2.60 -40.86 21.55
C GLN E 202 2.33 -39.57 22.18
N GLN E 203 3.35 -38.83 22.52
CA GLN E 203 3.15 -37.57 23.10
C GLN E 203 2.51 -36.62 22.16
N LEU E 204 2.79 -36.75 20.87
CA LEU E 204 2.18 -35.86 19.90
C LEU E 204 0.75 -36.26 19.57
N THR E 205 0.36 -37.49 19.91
CA THR E 205 -0.91 -38.07 19.46
C THR E 205 -1.97 -37.92 20.54
N ASP E 206 -3.13 -37.39 20.18
CA ASP E 206 -4.25 -37.34 21.11
C ASP E 206 -5.46 -37.95 20.44
N HIS E 207 -5.75 -39.21 20.73
CA HIS E 207 -6.76 -39.92 19.95
C HIS E 207 -8.17 -39.36 20.18
N LYS E 208 -8.44 -38.83 21.38
CA LYS E 208 -9.75 -38.23 21.58
C LYS E 208 -9.97 -37.06 20.63
N GLN E 209 -8.93 -36.25 20.40
CA GLN E 209 -9.03 -35.20 19.38
C GLN E 209 -9.14 -35.79 17.97
N GLU E 210 -8.44 -36.90 17.70
CA GLU E 210 -8.58 -37.52 16.39
C GLU E 210 -10.00 -37.97 16.13
N VAL E 211 -10.65 -38.54 17.15
CA VAL E 211 -12.04 -38.96 16.99
C VAL E 211 -12.95 -37.77 16.71
N ASN E 212 -12.70 -36.64 17.37
CA ASN E 212 -13.48 -35.45 17.13
C ASN E 212 -13.37 -34.99 15.67
N VAL E 213 -12.14 -34.96 15.15
CA VAL E 213 -11.91 -34.58 13.76
C VAL E 213 -12.59 -35.56 12.81
N LEU E 214 -12.34 -36.86 13.01
CA LEU E 214 -12.80 -37.84 12.03
C LEU E 214 -14.32 -38.01 12.08
N SER E 215 -14.92 -37.86 13.26
CA SER E 215 -16.37 -37.80 13.32
C SER E 215 -16.90 -36.66 12.45
N ARG E 216 -16.25 -35.48 12.52
CA ARG E 216 -16.70 -34.34 11.72
C ARG E 216 -16.44 -34.55 10.22
N VAL E 217 -15.27 -35.11 9.88
CA VAL E 217 -14.99 -35.40 8.47
C VAL E 217 -16.02 -36.38 7.92
N GLU E 218 -16.38 -37.41 8.69
CA GLU E 218 -17.40 -38.35 8.24
C GLU E 218 -18.73 -37.64 7.99
N GLN E 219 -19.12 -36.78 8.92
CA GLN E 219 -20.35 -36.00 8.76
C GLN E 219 -20.29 -35.11 7.53
N LYS E 220 -19.16 -34.41 7.34
CA LYS E 220 -19.02 -33.58 6.14
C LYS E 220 -19.08 -34.41 4.88
N SER E 221 -18.41 -35.57 4.86
CA SER E 221 -18.38 -36.34 3.62
C SER E 221 -19.78 -36.83 3.27
N LYS E 222 -20.61 -37.14 4.27
CA LYS E 222 -22.00 -37.56 4.01
C LYS E 222 -22.87 -36.37 3.58
N SER E 223 -22.83 -35.29 4.35
CA SER E 223 -23.66 -34.13 4.07
C SER E 223 -23.30 -33.44 2.76
N LEU E 224 -22.01 -33.26 2.50
CA LEU E 224 -21.63 -32.53 1.29
C LEU E 224 -21.77 -33.35 0.02
N SER E 225 -21.98 -34.67 0.13
CA SER E 225 -22.18 -35.54 -1.01
C SER E 225 -23.68 -35.80 -1.26
N HIS E 226 -24.52 -34.96 -0.69
CA HIS E 226 -25.96 -35.07 -0.90
C HIS E 226 -26.30 -34.99 -2.39
N LEU E 227 -27.23 -35.84 -2.83
CA LEU E 227 -27.72 -35.82 -4.20
C LEU E 227 -28.98 -34.99 -4.29
N PHE E 228 -29.05 -34.14 -5.29
CA PHE E 228 -30.20 -33.29 -5.48
C PHE E 228 -30.93 -33.74 -6.75
N ARG E 229 -32.03 -33.06 -7.03
CA ARG E 229 -32.96 -33.49 -8.07
C ARG E 229 -32.26 -33.71 -9.42
N ASN E 230 -32.31 -34.95 -9.90
CA ASN E 230 -31.76 -35.43 -11.18
C ASN E 230 -30.24 -35.47 -11.22
N ASP E 231 -29.54 -35.30 -10.10
CA ASP E 231 -28.09 -35.43 -10.11
C ASP E 231 -27.68 -36.85 -10.44
N ILE E 232 -26.55 -36.99 -11.11
CA ILE E 232 -25.92 -38.29 -11.29
C ILE E 232 -25.26 -38.69 -9.97
N PRO E 233 -25.41 -39.93 -9.50
CA PRO E 233 -24.78 -40.32 -8.23
C PRO E 233 -23.26 -40.23 -8.30
N TYR E 234 -22.66 -40.08 -7.12
CA TYR E 234 -21.21 -40.16 -7.00
C TYR E 234 -20.76 -41.61 -7.18
N PRO E 235 -19.51 -41.82 -7.58
CA PRO E 235 -19.01 -43.18 -7.71
C PRO E 235 -19.09 -43.91 -6.36
N PRO E 236 -19.22 -45.23 -6.39
CA PRO E 236 -19.29 -45.96 -5.12
C PRO E 236 -18.04 -45.69 -4.30
N HIS E 237 -18.22 -45.67 -2.98
CA HIS E 237 -17.14 -45.51 -2.00
C HIS E 237 -16.54 -44.12 -1.98
N THR E 238 -17.15 -43.15 -2.65
CA THR E 238 -16.62 -41.78 -2.60
C THR E 238 -16.50 -41.30 -1.17
N GLN E 239 -17.57 -41.48 -0.39
N GLN E 239 -17.56 -41.47 -0.38
CA GLN E 239 -17.55 -41.03 0.99
CA GLN E 239 -17.53 -41.00 1.00
C GLN E 239 -16.54 -41.80 1.82
C GLN E 239 -16.57 -41.82 1.86
N ASP E 240 -16.46 -43.13 1.61
CA ASP E 240 -15.49 -43.92 2.36
C ASP E 240 -14.08 -43.44 2.09
N ARG E 241 -13.78 -43.11 0.84
CA ARG E 241 -12.41 -42.76 0.50
C ARG E 241 -12.04 -41.39 1.04
N ILE E 242 -13.01 -40.48 1.14
CA ILE E 242 -12.73 -39.19 1.79
C ILE E 242 -12.30 -39.41 3.23
N LEU E 243 -13.04 -40.22 3.97
CA LEU E 243 -12.65 -40.49 5.34
C LEU E 243 -11.29 -41.15 5.39
N ARG E 244 -11.05 -42.11 4.48
CA ARG E 244 -9.78 -42.82 4.48
C ARG E 244 -8.63 -41.85 4.26
N LEU E 245 -8.82 -40.85 3.40
CA LEU E 245 -7.74 -39.90 3.16
C LEU E 245 -7.27 -39.26 4.48
N PHE E 246 -8.22 -38.84 5.31
CA PHE E 246 -7.85 -38.20 6.58
C PHE E 246 -7.30 -39.21 7.57
N GLN E 247 -7.95 -40.36 7.66
CA GLN E 247 -7.67 -41.31 8.74
C GLN E 247 -6.37 -42.07 8.51
N ALA E 248 -6.08 -42.43 7.26
CA ALA E 248 -4.93 -43.24 6.93
C ALA E 248 -3.76 -42.43 6.42
N TYR E 249 -3.97 -41.17 6.04
CA TYR E 249 -2.87 -40.39 5.46
C TYR E 249 -2.70 -39.02 6.12
N LEU E 250 -3.70 -38.13 6.03
CA LEU E 250 -3.46 -36.75 6.48
C LEU E 250 -3.06 -36.72 7.96
N ILE E 251 -3.82 -37.40 8.81
CA ILE E 251 -3.49 -37.38 10.23
C ILE E 251 -2.16 -38.06 10.50
N PRO E 252 -1.93 -39.32 10.10
CA PRO E 252 -0.64 -39.95 10.44
C PRO E 252 0.57 -39.30 9.79
N ILE E 253 0.45 -38.76 8.57
CA ILE E 253 1.60 -38.08 7.96
C ILE E 253 1.92 -36.78 8.70
N THR E 254 0.89 -36.02 9.06
CA THR E 254 1.12 -34.82 9.87
C THR E 254 1.87 -35.18 11.16
N THR E 255 1.42 -36.26 11.84
CA THR E 255 2.11 -36.67 13.06
C THR E 255 3.56 -37.05 12.79
N GLN E 256 3.83 -37.72 11.68
CA GLN E 256 5.22 -38.10 11.40
C GLN E 256 6.08 -36.88 11.11
N ILE E 257 5.53 -35.90 10.40
CA ILE E 257 6.26 -34.66 10.17
C ILE E 257 6.55 -33.98 11.50
N GLU E 258 5.54 -33.96 12.38
CA GLU E 258 5.76 -33.39 13.70
C GLU E 258 6.86 -34.11 14.45
N ALA E 259 6.85 -35.44 14.42
CA ALA E 259 7.88 -36.18 15.14
C ALA E 259 9.26 -35.87 14.57
N ALA E 260 9.37 -35.78 13.25
CA ALA E 260 10.66 -35.43 12.64
C ALA E 260 11.12 -34.07 13.14
N ALA E 261 10.22 -33.10 13.18
CA ALA E 261 10.62 -31.77 13.66
C ALA E 261 11.07 -31.82 15.12
N ILE E 262 10.39 -32.61 15.96
CA ILE E 262 10.80 -32.69 17.36
C ILE E 262 12.18 -33.30 17.48
N LEU E 263 12.40 -34.44 16.80
CA LEU E 263 13.70 -35.08 16.83
C LEU E 263 14.78 -34.13 16.31
N ASP E 264 14.43 -33.25 15.36
CA ASP E 264 15.39 -32.31 14.80
C ASP E 264 15.87 -31.30 15.82
N HIS E 265 15.12 -31.10 16.91
CA HIS E 265 15.46 -30.05 17.86
C HIS E 265 15.81 -30.62 19.22
N ALA E 266 16.26 -31.89 19.26
CA ALA E 266 16.72 -32.48 20.50
C ALA E 266 17.85 -31.65 21.10
N ASN E 267 18.60 -30.95 20.26
CA ASN E 267 19.66 -30.04 20.71
C ASN E 267 19.14 -28.88 21.57
N LYS E 268 17.83 -28.70 21.68
CA LYS E 268 17.32 -27.69 22.60
C LYS E 268 17.10 -28.25 24.00
N CYS E 269 17.38 -29.52 24.23
CA CYS E 269 17.23 -30.11 25.56
C CYS E 269 18.59 -30.00 26.26
N THR E 270 18.77 -28.94 27.01
CA THR E 270 20.03 -28.64 27.68
C THR E 270 19.74 -28.25 29.13
N LEU E 271 20.81 -27.92 29.85
CA LEU E 271 20.79 -27.16 31.11
C LEU E 271 19.47 -27.19 31.89
N GLY F 6 -39.53 -41.92 -42.84
CA GLY F 6 -39.13 -42.98 -41.95
C GLY F 6 -37.81 -42.56 -41.38
N LYS F 7 -36.97 -42.14 -42.28
CA LYS F 7 -35.66 -41.63 -42.00
C LYS F 7 -35.73 -40.30 -41.23
N SER F 8 -36.73 -39.52 -41.51
CA SER F 8 -36.85 -38.26 -40.84
C SER F 8 -37.08 -38.57 -39.39
N GLU F 9 -38.08 -39.36 -39.16
CA GLU F 9 -38.41 -39.68 -37.85
C GLU F 9 -37.26 -40.25 -37.13
N ALA F 10 -36.52 -41.10 -37.77
CA ALA F 10 -35.39 -41.73 -37.09
C ALA F 10 -34.33 -40.70 -36.73
N ALA F 11 -34.09 -39.73 -37.61
CA ALA F 11 -33.08 -38.72 -37.34
C ALA F 11 -33.48 -37.85 -36.15
N GLU F 12 -34.78 -37.52 -36.05
CA GLU F 12 -35.26 -36.74 -34.91
C GLU F 12 -35.17 -37.52 -33.61
N ILE F 13 -35.44 -38.83 -33.63
CA ILE F 13 -35.27 -39.62 -32.41
C ILE F 13 -33.82 -39.58 -31.96
N GLU F 14 -32.90 -39.80 -32.90
CA GLU F 14 -31.47 -39.78 -32.59
C GLU F 14 -31.08 -38.45 -31.95
N ALA F 15 -31.57 -37.34 -32.52
CA ALA F 15 -31.22 -36.02 -32.02
C ALA F 15 -31.78 -35.79 -30.63
N GLY F 16 -33.02 -36.20 -30.40
CA GLY F 16 -33.58 -36.13 -29.06
C GLY F 16 -32.74 -36.91 -28.06
N ASP F 17 -32.30 -38.10 -28.45
CA ASP F 17 -31.43 -38.89 -27.59
C ASP F 17 -30.13 -38.15 -27.31
N ARG F 18 -29.51 -37.58 -28.35
CA ARG F 18 -28.26 -36.83 -28.15
C ARG F 18 -28.48 -35.63 -27.24
N LEU F 19 -29.59 -34.92 -27.42
CA LEU F 19 -29.92 -33.77 -26.60
C LEU F 19 -30.09 -34.15 -25.14
N ASP F 20 -30.80 -35.26 -24.87
CA ASP F 20 -30.97 -35.70 -23.48
C ASP F 20 -29.61 -35.91 -22.83
N ALA F 21 -28.70 -36.58 -23.54
CA ALA F 21 -27.39 -36.88 -22.98
C ALA F 21 -26.59 -35.62 -22.75
N LEU F 22 -26.63 -34.67 -23.69
CA LEU F 22 -25.89 -33.43 -23.54
C LEU F 22 -26.43 -32.57 -22.41
N ARG F 23 -27.76 -32.59 -22.20
CA ARG F 23 -28.35 -31.88 -21.08
C ARG F 23 -27.86 -32.47 -19.75
N ASP F 24 -27.75 -33.80 -19.66
CA ASP F 24 -27.17 -34.41 -18.48
C ASP F 24 -25.74 -33.96 -18.29
N GLN F 25 -24.99 -33.84 -19.39
CA GLN F 25 -23.60 -33.38 -19.26
C GLN F 25 -23.56 -31.94 -18.76
N LEU F 26 -24.51 -31.12 -19.21
CA LEU F 26 -24.59 -29.74 -18.77
C LEU F 26 -24.89 -29.66 -17.28
N GLN F 27 -25.91 -30.41 -16.84
CA GLN F 27 -26.26 -30.39 -15.42
C GLN F 27 -25.12 -30.92 -14.57
N ARG F 28 -24.29 -31.80 -15.12
CA ARG F 28 -23.19 -32.39 -14.35
C ARG F 28 -22.17 -31.34 -13.89
N TYR F 29 -22.11 -30.17 -14.54
CA TYR F 29 -21.19 -29.13 -14.08
C TYR F 29 -21.69 -28.39 -12.83
N GLU F 30 -22.97 -28.51 -12.48
CA GLU F 30 -23.52 -27.69 -11.40
C GLU F 30 -22.79 -27.89 -10.08
N THR F 31 -22.77 -29.13 -9.61
CA THR F 31 -22.16 -29.42 -8.32
C THR F 31 -20.66 -29.14 -8.35
N PRO F 32 -19.89 -29.54 -9.36
CA PRO F 32 -18.45 -29.19 -9.37
C PRO F 32 -18.20 -27.69 -9.29
N ILE F 33 -18.98 -26.89 -10.01
CA ILE F 33 -18.79 -25.43 -9.95
C ILE F 33 -19.06 -24.92 -8.54
N ILE F 34 -20.17 -25.37 -7.93
CA ILE F 34 -20.51 -24.89 -6.60
C ILE F 34 -19.50 -25.35 -5.57
N GLN F 35 -19.10 -26.63 -5.62
CA GLN F 35 -18.12 -27.14 -4.66
C GLN F 35 -16.79 -26.42 -4.82
N THR F 36 -16.42 -26.12 -6.05
CA THR F 36 -15.12 -25.45 -6.28
C THR F 36 -15.15 -24.03 -5.73
N ILE F 37 -16.25 -23.32 -5.94
CA ILE F 37 -16.42 -21.99 -5.34
C ILE F 37 -16.35 -22.07 -3.82
N LEU F 38 -17.09 -23.02 -3.23
CA LEU F 38 -17.08 -23.16 -1.78
C LEU F 38 -15.70 -23.55 -1.26
N ALA F 39 -15.00 -24.43 -1.98
CA ALA F 39 -13.65 -24.82 -1.54
C ALA F 39 -12.75 -23.59 -1.46
N ARG F 40 -12.78 -22.75 -2.48
CA ARG F 40 -11.93 -21.55 -2.47
C ARG F 40 -12.36 -20.59 -1.37
N SER F 41 -13.67 -20.44 -1.18
CA SER F 41 -14.18 -19.50 -0.18
C SER F 41 -13.87 -19.99 1.24
N ALA F 42 -13.90 -21.30 1.47
CA ALA F 42 -13.60 -21.86 2.80
C ALA F 42 -12.11 -21.80 3.10
N LEU F 43 -11.29 -21.76 2.07
CA LEU F 43 -9.86 -21.94 2.24
C LEU F 43 -9.25 -20.75 2.97
N GLY F 44 -9.66 -19.55 2.63
CA GLY F 44 -9.10 -18.35 3.26
C GLY F 44 -9.20 -17.15 2.34
N GLY F 45 -8.53 -16.08 2.76
CA GLY F 45 -8.55 -14.85 2.01
C GLY F 45 -7.69 -14.92 0.76
N ARG F 46 -7.48 -13.74 0.17
CA ARG F 46 -6.75 -13.62 -1.08
C ARG F 46 -5.27 -13.52 -0.79
N ALA F 47 -4.47 -14.30 -1.53
CA ALA F 47 -3.03 -14.31 -1.42
C ALA F 47 -2.43 -13.11 -2.15
N PRO F 48 -1.25 -12.65 -1.74
CA PRO F 48 -0.56 -11.60 -2.49
C PRO F 48 -0.37 -12.00 -3.95
N SER F 49 -0.75 -11.10 -4.86
CA SER F 49 -0.54 -11.28 -6.30
C SER F 49 -1.30 -12.48 -6.84
N GLU F 50 -2.40 -12.87 -6.19
CA GLU F 50 -3.13 -14.06 -6.61
C GLU F 50 -3.65 -13.90 -8.03
N GLN F 51 -4.24 -12.75 -8.35
CA GLN F 51 -4.80 -12.55 -9.67
C GLN F 51 -3.70 -12.61 -10.73
N ASP F 52 -2.53 -12.07 -10.42
CA ASP F 52 -1.40 -12.19 -11.35
C ASP F 52 -0.99 -13.64 -11.53
N GLU F 53 -0.95 -14.41 -10.43
CA GLU F 53 -0.53 -15.80 -10.52
C GLU F 53 -1.54 -16.63 -11.28
N VAL F 54 -2.83 -16.31 -11.16
CA VAL F 54 -3.85 -17.00 -11.95
C VAL F 54 -3.61 -16.79 -13.44
N ARG F 55 -3.37 -15.55 -13.85
CA ARG F 55 -3.09 -15.30 -15.26
C ARG F 55 -1.82 -16.03 -15.71
N ALA F 56 -0.78 -16.01 -14.87
CA ALA F 56 0.46 -16.70 -15.23
C ALA F 56 0.25 -18.21 -15.31
N ALA F 57 -0.53 -18.78 -14.39
CA ALA F 57 -0.79 -20.22 -14.43
C ALA F 57 -1.54 -20.61 -15.70
N LEU F 58 -2.52 -19.80 -16.12
CA LEU F 58 -3.24 -20.06 -17.36
C LEU F 58 -2.31 -20.01 -18.57
N SER F 59 -1.34 -19.09 -18.56
CA SER F 59 -0.39 -18.99 -19.68
C SER F 59 0.51 -20.22 -19.74
N ARG F 60 1.01 -20.62 -18.59
CA ARG F 60 1.88 -21.75 -18.51
C ARG F 60 1.28 -23.06 -18.84
N ASN F 61 0.04 -23.30 -18.50
CA ASN F 61 -0.51 -24.55 -18.98
C ASN F 61 -1.71 -24.22 -19.59
N ALA F 62 -1.56 -24.16 -20.89
CA ALA F 62 -2.59 -23.76 -21.70
C ALA F 62 -3.30 -24.90 -22.27
N PHE F 63 -4.54 -24.97 -21.94
CA PHE F 63 -5.44 -25.99 -22.45
C PHE F 63 -6.33 -25.38 -23.53
N GLU F 64 -6.90 -26.25 -24.36
CA GLU F 64 -7.81 -25.79 -25.41
C GLU F 64 -8.97 -26.75 -25.55
N PRO F 65 -10.15 -26.25 -25.91
CA PRO F 65 -11.29 -27.14 -26.18
C PRO F 65 -11.00 -27.98 -27.42
N SER F 66 -11.95 -28.82 -27.76
CA SER F 66 -11.84 -29.73 -28.90
C SER F 66 -11.49 -29.00 -30.19
N GLU F 67 -11.03 -29.77 -31.18
CA GLU F 67 -10.69 -29.19 -32.47
C GLU F 67 -11.90 -28.55 -33.11
N VAL F 68 -13.08 -29.17 -32.95
CA VAL F 68 -14.30 -28.63 -33.52
C VAL F 68 -14.61 -27.26 -32.92
N ILE F 69 -14.55 -27.16 -31.59
CA ILE F 69 -14.85 -25.90 -30.92
C ILE F 69 -13.82 -24.84 -31.27
N SER F 70 -12.54 -25.22 -31.23
CA SER F 70 -11.50 -24.25 -31.53
C SER F 70 -11.62 -23.68 -32.94
N GLU F 71 -12.05 -24.49 -33.93
CA GLU F 71 -12.07 -23.86 -35.25
C GLU F 71 -13.29 -22.94 -35.32
N TRP F 72 -14.38 -23.35 -34.63
CA TRP F 72 -15.57 -22.50 -34.52
C TRP F 72 -15.21 -21.15 -33.94
N LEU F 73 -14.34 -21.16 -32.92
CA LEU F 73 -13.91 -19.93 -32.28
C LEU F 73 -13.10 -19.04 -33.21
N GLN F 74 -12.68 -19.55 -34.38
CA GLN F 74 -12.03 -18.72 -35.38
C GLN F 74 -12.99 -18.11 -36.39
N THR F 75 -14.19 -18.67 -36.54
CA THR F 75 -15.17 -18.11 -37.47
C THR F 75 -15.70 -16.78 -36.94
N GLU F 76 -16.43 -16.08 -37.81
CA GLU F 76 -16.95 -14.76 -37.46
C GLU F 76 -17.95 -14.81 -36.30
N SER F 77 -18.85 -15.79 -36.28
CA SER F 77 -19.79 -15.86 -35.17
C SER F 77 -19.11 -16.40 -33.91
N GLY F 78 -18.28 -17.44 -34.05
CA GLY F 78 -17.62 -18.02 -32.89
C GLY F 78 -16.59 -17.11 -32.24
N ALA F 79 -15.97 -16.21 -33.02
CA ALA F 79 -14.94 -15.35 -32.46
C ALA F 79 -15.43 -14.48 -31.31
N ARG F 80 -16.73 -14.18 -31.26
CA ARG F 80 -17.23 -13.37 -30.16
C ARG F 80 -17.07 -14.05 -28.82
N PHE F 81 -16.85 -15.36 -28.82
CA PHE F 81 -16.69 -16.12 -27.60
C PHE F 81 -15.24 -16.50 -27.35
N ARG F 82 -14.33 -15.99 -28.17
CA ARG F 82 -12.90 -16.21 -27.97
C ARG F 82 -12.39 -15.11 -27.04
N SER F 83 -11.67 -15.50 -26.00
CA SER F 83 -11.17 -14.55 -25.02
C SER F 83 -9.75 -14.12 -25.38
N THR F 84 -9.33 -13.01 -24.78
CA THR F 84 -7.92 -12.62 -24.80
C THR F 84 -7.06 -13.68 -24.11
N ARG F 85 -5.98 -14.10 -24.78
CA ARG F 85 -5.07 -15.07 -24.15
C ARG F 85 -4.57 -14.51 -22.83
N PRO F 86 -4.44 -15.34 -21.80
CA PRO F 86 -4.60 -16.80 -21.80
C PRO F 86 -5.96 -17.30 -21.28
N LEU F 87 -6.98 -16.44 -21.29
CA LEU F 87 -8.27 -16.82 -20.69
C LEU F 87 -9.00 -17.87 -21.52
N PRO F 88 -9.73 -18.78 -20.88
CA PRO F 88 -10.48 -19.81 -21.62
C PRO F 88 -11.68 -19.21 -22.34
N PRO F 89 -12.24 -19.93 -23.31
CA PRO F 89 -13.34 -19.38 -24.11
C PRO F 89 -14.52 -18.93 -23.25
N ALA F 90 -15.18 -17.86 -23.71
CA ALA F 90 -16.48 -17.37 -23.26
C ALA F 90 -16.43 -16.60 -21.95
N VAL F 91 -15.32 -16.62 -21.19
CA VAL F 91 -15.33 -15.93 -19.91
C VAL F 91 -15.21 -14.42 -20.06
N GLU F 92 -14.98 -13.89 -21.26
CA GLU F 92 -15.01 -12.44 -21.46
C GLU F 92 -16.25 -11.99 -22.21
N PHE F 93 -17.11 -12.90 -22.63
CA PHE F 93 -18.28 -12.54 -23.40
C PHE F 93 -19.25 -11.74 -22.56
N ILE F 94 -19.75 -10.64 -23.13
CA ILE F 94 -20.61 -9.70 -22.40
C ILE F 94 -22.01 -9.82 -22.96
N THR F 95 -22.95 -10.31 -22.12
CA THR F 95 -24.34 -10.26 -22.58
C THR F 95 -24.89 -8.86 -22.38
N PRO F 96 -25.82 -8.44 -23.24
CA PRO F 96 -26.44 -7.13 -23.05
C PRO F 96 -27.21 -7.09 -21.75
N VAL F 97 -27.18 -5.93 -21.10
CA VAL F 97 -28.06 -5.70 -19.96
C VAL F 97 -29.50 -5.92 -20.41
N VAL F 98 -30.23 -6.76 -19.70
CA VAL F 98 -31.63 -7.03 -20.01
C VAL F 98 -32.56 -6.76 -18.83
N LEU F 99 -32.05 -6.58 -17.63
CA LEU F 99 -32.84 -6.34 -16.44
C LEU F 99 -32.66 -4.90 -15.98
N SER F 100 -33.60 -4.43 -15.18
CA SER F 100 -33.47 -3.08 -14.64
C SER F 100 -32.72 -3.12 -13.31
N ARG F 101 -32.21 -1.95 -12.89
CA ARG F 101 -31.46 -1.87 -11.64
C ARG F 101 -32.23 -2.50 -10.48
N ASP F 102 -33.55 -2.33 -10.46
CA ASP F 102 -34.33 -2.76 -9.31
C ASP F 102 -35.00 -4.12 -9.50
N THR F 103 -34.63 -4.88 -10.53
CA THR F 103 -35.27 -6.18 -10.75
C THR F 103 -35.02 -7.08 -9.54
N VAL F 104 -36.08 -7.69 -9.01
CA VAL F 104 -35.95 -8.59 -7.87
C VAL F 104 -35.45 -9.94 -8.37
N LEU F 105 -34.33 -10.41 -7.81
CA LEU F 105 -33.62 -11.52 -8.45
C LEU F 105 -33.97 -12.90 -7.89
N ASP F 106 -34.33 -12.99 -6.61
CA ASP F 106 -34.26 -14.30 -5.95
C ASP F 106 -35.47 -14.59 -5.05
N LYS F 107 -36.60 -13.93 -5.25
CA LYS F 107 -37.82 -14.24 -4.52
C LYS F 107 -39.01 -14.11 -5.45
N PRO F 108 -40.13 -14.76 -5.13
CA PRO F 108 -41.27 -14.74 -6.07
C PRO F 108 -41.90 -13.35 -6.11
N VAL F 109 -42.17 -12.87 -7.32
CA VAL F 109 -42.76 -11.56 -7.56
C VAL F 109 -44.15 -11.77 -8.15
N VAL F 110 -45.16 -11.19 -7.51
CA VAL F 110 -46.53 -11.33 -8.02
C VAL F 110 -46.59 -10.83 -9.46
N GLY F 111 -47.16 -11.65 -10.34
CA GLY F 111 -47.33 -11.22 -11.71
C GLY F 111 -46.08 -11.30 -12.57
N LYS F 112 -44.99 -11.88 -12.08
CA LYS F 112 -43.81 -12.05 -12.92
C LYS F 112 -43.25 -13.46 -12.77
N GLY F 113 -43.09 -13.93 -11.53
CA GLY F 113 -42.44 -15.21 -11.25
C GLY F 113 -41.16 -15.02 -10.45
N ILE F 114 -40.14 -15.81 -10.79
CA ILE F 114 -38.91 -15.84 -10.01
C ILE F 114 -37.73 -16.08 -10.94
N PHE F 115 -36.54 -15.66 -10.45
CA PHE F 115 -35.22 -15.87 -11.06
C PHE F 115 -35.14 -15.33 -12.48
N PRO F 116 -35.43 -14.06 -12.71
CA PRO F 116 -35.23 -13.51 -14.06
C PRO F 116 -33.75 -13.58 -14.45
N ILE F 117 -33.51 -13.95 -15.72
CA ILE F 117 -32.18 -14.27 -16.26
C ILE F 117 -31.47 -13.00 -16.73
N GLY F 118 -30.14 -12.99 -16.64
CA GLY F 118 -29.33 -11.99 -17.34
C GLY F 118 -28.82 -10.90 -16.42
N ARG F 119 -28.17 -9.91 -17.03
CA ARG F 119 -27.50 -8.85 -16.28
C ARG F 119 -28.36 -7.61 -16.06
N ARG F 120 -28.24 -7.04 -14.87
CA ARG F 120 -28.63 -5.67 -14.56
C ARG F 120 -27.48 -4.72 -14.90
N PRO F 121 -27.73 -3.40 -14.94
CA PRO F 121 -26.63 -2.48 -15.24
C PRO F 121 -25.46 -2.58 -14.27
N GLN F 122 -25.73 -2.85 -12.99
CA GLN F 122 -24.70 -2.92 -11.98
C GLN F 122 -23.99 -4.28 -11.95
N ASP F 123 -24.42 -5.29 -12.75
CA ASP F 123 -23.68 -6.55 -12.71
C ASP F 123 -22.38 -6.44 -13.51
N PRO F 124 -21.28 -7.06 -13.05
CA PRO F 124 -20.05 -7.06 -13.85
C PRO F 124 -20.30 -7.56 -15.26
N THR F 125 -19.46 -7.09 -16.20
CA THR F 125 -19.74 -7.29 -17.62
C THR F 125 -19.70 -8.76 -18.02
N ASN F 126 -18.75 -9.54 -17.48
CA ASN F 126 -18.50 -10.90 -17.93
C ASN F 126 -18.06 -11.77 -16.74
N MET F 127 -17.86 -13.07 -17.00
CA MET F 127 -17.56 -13.99 -15.91
C MET F 127 -16.17 -13.68 -15.33
N ASP F 128 -15.22 -13.29 -16.18
CA ASP F 128 -13.89 -12.93 -15.70
C ASP F 128 -13.97 -11.81 -14.68
N GLU F 129 -14.70 -10.73 -15.01
CA GLU F 129 -14.84 -9.62 -14.07
C GLU F 129 -15.66 -10.02 -12.86
N PHE F 130 -16.69 -10.84 -13.07
CA PHE F 130 -17.53 -11.25 -11.95
C PHE F 130 -16.72 -12.02 -10.92
N LEU F 131 -15.91 -12.96 -11.38
CA LEU F 131 -15.09 -13.75 -10.48
C LEU F 131 -13.94 -12.94 -9.90
N ASP F 132 -13.36 -12.04 -10.70
CA ASP F 132 -12.33 -11.15 -10.15
C ASP F 132 -12.92 -10.27 -9.04
N THR F 133 -14.14 -9.76 -9.25
CA THR F 133 -14.78 -8.97 -8.21
C THR F 133 -14.99 -9.81 -6.95
N SER F 134 -15.40 -11.08 -7.12
CA SER F 134 -15.54 -11.96 -5.96
C SER F 134 -14.21 -12.09 -5.22
N LEU F 135 -13.14 -12.33 -5.98
CA LEU F 135 -11.83 -12.50 -5.36
C LEU F 135 -11.40 -11.23 -4.64
N LEU F 136 -11.64 -10.07 -5.25
CA LEU F 136 -11.22 -8.82 -4.63
C LEU F 136 -12.01 -8.51 -3.36
N SER F 137 -13.20 -9.09 -3.18
CA SER F 137 -13.97 -8.83 -1.97
C SER F 137 -13.45 -9.58 -0.76
N LEU F 138 -12.54 -10.53 -0.94
CA LEU F 138 -11.93 -11.21 0.20
C LEU F 138 -10.86 -10.31 0.82
N ASN F 139 -10.54 -10.56 2.08
CA ASN F 139 -9.45 -9.84 2.73
C ASN F 139 -8.10 -10.43 2.33
N GLN F 140 -7.01 -9.62 2.38
CA GLN F 140 -5.70 -10.27 2.22
C GLN F 140 -5.41 -11.24 3.33
N SER F 141 -4.84 -12.35 2.91
CA SER F 141 -4.37 -13.34 3.84
C SER F 141 -2.89 -13.57 3.60
N SER F 142 -2.13 -13.62 4.68
CA SER F 142 -0.74 -14.01 4.63
C SER F 142 -0.55 -15.50 4.90
N THR F 143 -1.61 -16.22 5.24
CA THR F 143 -1.51 -17.64 5.58
C THR F 143 -2.10 -18.56 4.52
N VAL F 144 -2.88 -18.04 3.58
CA VAL F 144 -3.48 -18.90 2.58
C VAL F 144 -2.39 -19.43 1.66
N ASP F 145 -2.51 -20.70 1.30
CA ASP F 145 -1.50 -21.34 0.46
C ASP F 145 -1.69 -20.88 -0.97
N LEU F 146 -0.67 -20.22 -1.54
CA LEU F 146 -0.81 -19.68 -2.89
C LEU F 146 -1.11 -20.78 -3.91
N ALA F 147 -0.37 -21.88 -3.86
CA ALA F 147 -0.56 -22.93 -4.87
C ALA F 147 -1.99 -23.44 -4.85
N SER F 148 -2.51 -23.70 -3.64
CA SER F 148 -3.88 -24.19 -3.52
C SER F 148 -4.89 -23.16 -4.01
N ALA F 149 -4.73 -21.91 -3.59
CA ALA F 149 -5.70 -20.88 -3.95
C ALA F 149 -5.75 -20.66 -5.46
N VAL F 150 -4.59 -20.52 -6.08
CA VAL F 150 -4.51 -20.29 -7.52
C VAL F 150 -5.08 -21.48 -8.28
N SER F 151 -4.76 -22.69 -7.83
CA SER F 151 -5.23 -23.87 -8.55
C SER F 151 -6.76 -23.97 -8.52
N LEU F 152 -7.36 -23.64 -7.38
CA LEU F 152 -8.83 -23.63 -7.31
C LEU F 152 -9.42 -22.52 -8.18
N ASP F 153 -8.77 -21.35 -8.23
CA ASP F 153 -9.25 -20.30 -9.13
C ASP F 153 -9.23 -20.78 -10.57
N VAL F 154 -8.12 -21.41 -10.98
CA VAL F 154 -7.97 -21.88 -12.36
C VAL F 154 -9.01 -22.96 -12.66
N SER F 155 -9.21 -23.86 -11.71
CA SER F 155 -10.25 -24.88 -11.84
C SER F 155 -11.60 -24.26 -12.16
N LEU F 156 -11.99 -23.23 -11.40
CA LEU F 156 -13.28 -22.59 -11.61
C LEU F 156 -13.37 -21.96 -12.99
N LEU F 157 -12.30 -21.30 -13.44
CA LEU F 157 -12.34 -20.71 -14.78
C LEU F 157 -12.53 -21.77 -15.86
N HIS F 158 -11.86 -22.90 -15.73
CA HIS F 158 -12.05 -23.96 -16.73
C HIS F 158 -13.44 -24.56 -16.64
N LEU F 159 -13.98 -24.69 -15.42
CA LEU F 159 -15.31 -25.26 -15.25
C LEU F 159 -16.39 -24.39 -15.90
N VAL F 160 -16.38 -23.07 -15.66
CA VAL F 160 -17.44 -22.22 -16.22
C VAL F 160 -17.32 -22.12 -17.72
N SER F 161 -16.09 -22.15 -18.24
CA SER F 161 -15.89 -22.10 -19.68
C SER F 161 -16.44 -23.36 -20.33
N ALA F 162 -16.06 -24.52 -19.81
CA ALA F 162 -16.54 -25.79 -20.37
C ALA F 162 -18.07 -25.91 -20.26
N ARG F 163 -18.64 -25.41 -19.15
CA ARG F 163 -20.09 -25.52 -18.96
C ARG F 163 -20.83 -24.80 -20.08
N VAL F 164 -20.45 -23.55 -20.36
CA VAL F 164 -21.22 -22.79 -21.34
C VAL F 164 -20.93 -23.26 -22.76
N LEU F 165 -19.74 -23.81 -23.02
CA LEU F 165 -19.42 -24.31 -24.36
C LEU F 165 -20.26 -25.53 -24.75
N LEU F 166 -20.86 -26.22 -23.79
CA LEU F 166 -21.82 -27.27 -24.14
C LEU F 166 -23.00 -26.71 -24.91
N GLY F 167 -23.23 -25.40 -24.85
CA GLY F 167 -24.27 -24.80 -25.67
C GLY F 167 -24.10 -25.11 -27.14
N TYR F 168 -22.86 -25.28 -27.60
CA TYR F 168 -22.67 -25.51 -29.04
C TYR F 168 -23.20 -26.87 -29.45
N PRO F 169 -22.76 -28.00 -28.87
CA PRO F 169 -23.36 -29.28 -29.26
C PRO F 169 -24.83 -29.41 -28.91
N ILE F 170 -25.27 -28.79 -27.82
CA ILE F 170 -26.69 -28.81 -27.46
C ILE F 170 -27.52 -28.21 -28.58
N ALA F 171 -27.08 -27.07 -29.10
CA ALA F 171 -27.85 -26.38 -30.15
C ALA F 171 -27.94 -27.25 -31.40
N LEU F 172 -26.84 -27.91 -31.77
CA LEU F 172 -26.89 -28.79 -32.95
C LEU F 172 -27.89 -29.91 -32.76
N ALA F 173 -27.95 -30.49 -31.56
CA ALA F 173 -28.94 -31.53 -31.30
C ALA F 173 -30.36 -30.96 -31.27
N LYS F 174 -30.53 -29.79 -30.66
CA LYS F 174 -31.85 -29.14 -30.67
C LYS F 174 -32.32 -28.83 -32.08
N PHE F 175 -31.40 -28.38 -32.92
CA PHE F 175 -31.76 -28.04 -34.29
C PHE F 175 -32.29 -29.27 -35.02
N ASP F 176 -31.60 -30.41 -34.89
CA ASP F 176 -32.10 -31.61 -35.56
C ASP F 176 -33.40 -32.11 -34.95
N TRP F 177 -33.59 -31.93 -33.65
CA TRP F 177 -34.78 -32.43 -32.97
C TRP F 177 -36.01 -31.59 -33.30
N LEU F 178 -35.82 -30.29 -33.43
CA LEU F 178 -36.90 -29.32 -33.63
C LEU F 178 -36.68 -28.60 -34.94
N HIS F 179 -36.30 -29.36 -35.97
CA HIS F 179 -35.86 -28.80 -37.24
C HIS F 179 -36.87 -27.79 -37.79
N ASP F 180 -38.13 -28.19 -37.89
CA ASP F 180 -39.13 -27.31 -38.49
C ASP F 180 -39.29 -26.01 -37.71
N ASN F 181 -39.23 -26.08 -36.38
CA ASN F 181 -39.39 -24.88 -35.55
C ASN F 181 -38.32 -23.84 -35.85
N PHE F 182 -37.05 -24.25 -35.88
CA PHE F 182 -35.97 -23.28 -36.11
C PHE F 182 -35.99 -22.79 -37.55
N CYS F 183 -36.25 -23.67 -38.51
CA CYS F 183 -36.23 -23.28 -39.92
C CYS F 183 -37.33 -22.28 -40.26
N HIS F 184 -38.50 -22.40 -39.60
CA HIS F 184 -39.57 -21.44 -39.80
C HIS F 184 -39.14 -20.03 -39.41
N ILE F 185 -38.26 -19.91 -38.43
CA ILE F 185 -37.75 -18.61 -38.09
C ILE F 185 -36.63 -18.23 -38.99
N LEU F 186 -35.83 -19.18 -39.37
CA LEU F 186 -34.64 -18.86 -40.15
C LEU F 186 -34.94 -18.36 -41.56
N THR F 187 -35.93 -18.97 -42.14
CA THR F 187 -36.36 -18.65 -43.49
C THR F 187 -37.39 -17.62 -43.63
N ASN F 188 -37.83 -17.01 -42.56
CA ASN F 188 -38.79 -15.95 -42.69
C ASN F 188 -38.00 -14.74 -43.09
N THR F 189 -38.23 -14.20 -44.30
CA THR F 189 -37.55 -13.08 -44.95
C THR F 189 -38.10 -11.72 -44.56
N THR F 190 -39.21 -11.67 -43.82
CA THR F 190 -39.74 -10.48 -43.19
C THR F 190 -39.02 -10.08 -41.91
N LEU F 191 -38.21 -10.95 -41.31
CA LEU F 191 -37.52 -10.62 -40.08
C LEU F 191 -36.13 -10.04 -40.36
N SER F 192 -35.75 -9.00 -39.61
CA SER F 192 -34.42 -8.39 -39.66
C SER F 192 -33.36 -9.31 -38.99
N LYS F 193 -32.07 -8.97 -39.13
CA LYS F 193 -31.03 -9.82 -38.50
C LYS F 193 -31.23 -10.01 -37.01
N SER F 194 -31.46 -8.94 -36.22
CA SER F 194 -31.55 -9.41 -34.86
C SER F 194 -32.95 -9.86 -34.48
N GLN F 195 -34.01 -9.47 -35.21
CA GLN F 195 -35.31 -10.05 -34.86
C GLN F 195 -35.24 -11.55 -35.05
N LYS F 196 -34.46 -12.02 -36.03
CA LYS F 196 -34.27 -13.46 -36.16
C LYS F 196 -33.52 -14.01 -34.97
N LEU F 197 -32.50 -13.31 -34.51
CA LEU F 197 -31.77 -13.68 -33.33
C LEU F 197 -32.69 -13.72 -32.10
N ALA F 198 -33.50 -12.68 -31.92
CA ALA F 198 -34.42 -12.62 -30.78
C ALA F 198 -35.38 -13.80 -30.77
N ASN F 199 -35.95 -14.13 -31.93
CA ASN F 199 -36.89 -15.24 -32.02
C ASN F 199 -36.19 -16.58 -31.80
N ILE F 200 -34.95 -16.70 -32.25
CA ILE F 200 -34.20 -17.94 -32.03
C ILE F 200 -33.95 -18.14 -30.54
N ILE F 201 -33.51 -17.08 -29.88
CA ILE F 201 -33.30 -17.12 -28.44
C ILE F 201 -34.59 -17.49 -27.73
N GLN F 202 -35.71 -16.92 -28.14
CA GLN F 202 -36.93 -17.28 -27.49
C GLN F 202 -37.30 -18.70 -27.68
N GLN F 203 -37.16 -19.24 -28.86
CA GLN F 203 -37.38 -20.65 -29.08
C GLN F 203 -36.43 -21.50 -28.24
N LEU F 204 -35.21 -21.02 -27.98
CA LEU F 204 -34.26 -21.76 -27.17
C LEU F 204 -34.50 -21.62 -25.68
N THR F 205 -35.33 -20.66 -25.26
CA THR F 205 -35.47 -20.31 -23.86
C THR F 205 -36.69 -20.99 -23.26
N ASP F 206 -36.50 -21.72 -22.16
CA ASP F 206 -37.63 -22.28 -21.41
C ASP F 206 -37.46 -21.87 -19.95
N HIS F 207 -38.16 -20.81 -19.53
CA HIS F 207 -37.91 -20.29 -18.19
C HIS F 207 -38.36 -21.26 -17.11
N LYS F 208 -39.37 -22.09 -17.36
CA LYS F 208 -39.71 -23.08 -16.34
C LYS F 208 -38.52 -24.00 -16.08
N GLN F 209 -37.79 -24.39 -17.13
CA GLN F 209 -36.55 -25.16 -16.92
C GLN F 209 -35.46 -24.33 -16.24
N GLU F 210 -35.39 -23.02 -16.53
CA GLU F 210 -34.42 -22.18 -15.83
C GLU F 210 -34.73 -22.12 -14.35
N VAL F 211 -36.01 -22.00 -13.99
CA VAL F 211 -36.38 -21.98 -12.57
C VAL F 211 -36.02 -23.31 -11.91
N ASN F 212 -36.24 -24.43 -12.61
CA ASN F 212 -35.85 -25.71 -12.04
C ASN F 212 -34.36 -25.73 -11.69
N VAL F 213 -33.52 -25.26 -12.61
CA VAL F 213 -32.08 -25.21 -12.36
C VAL F 213 -31.76 -24.27 -11.20
N LEU F 214 -32.30 -23.06 -11.26
CA LEU F 214 -31.86 -22.05 -10.29
C LEU F 214 -32.40 -22.38 -8.89
N SER F 215 -33.59 -22.95 -8.80
CA SER F 215 -34.07 -23.49 -7.53
C SER F 215 -33.09 -24.52 -6.97
N ARG F 216 -32.63 -25.43 -7.82
CA ARG F 216 -31.69 -26.46 -7.37
C ARG F 216 -30.33 -25.86 -7.00
N VAL F 217 -29.85 -24.89 -7.77
CA VAL F 217 -28.60 -24.20 -7.45
C VAL F 217 -28.67 -23.52 -6.08
N GLU F 218 -29.77 -22.83 -5.80
CA GLU F 218 -29.92 -22.18 -4.50
C GLU F 218 -29.92 -23.22 -3.38
N GLN F 219 -30.62 -24.34 -3.59
CA GLN F 219 -30.64 -25.42 -2.62
C GLN F 219 -29.25 -26.00 -2.40
N LYS F 220 -28.53 -26.26 -3.49
CA LYS F 220 -27.17 -26.79 -3.37
C LYS F 220 -26.29 -25.79 -2.63
N SER F 221 -26.40 -24.51 -2.96
CA SER F 221 -25.54 -23.53 -2.33
C SER F 221 -25.79 -23.48 -0.83
N LYS F 222 -27.05 -23.63 -0.44
CA LYS F 222 -27.34 -23.55 0.98
C LYS F 222 -26.95 -24.85 1.71
N SER F 223 -27.25 -26.02 1.16
CA SER F 223 -26.84 -27.30 1.79
C SER F 223 -25.32 -27.47 1.81
N LEU F 224 -24.65 -27.19 0.71
CA LEU F 224 -23.22 -27.49 0.65
C LEU F 224 -22.39 -26.49 1.43
N SER F 225 -22.98 -25.37 1.83
CA SER F 225 -22.29 -24.38 2.64
C SER F 225 -22.63 -24.51 4.12
N HIS F 226 -23.22 -25.65 4.51
CA HIS F 226 -23.54 -25.88 5.91
C HIS F 226 -22.29 -25.80 6.76
N LEU F 227 -22.39 -25.11 7.89
CA LEU F 227 -21.28 -25.04 8.82
C LEU F 227 -21.43 -26.15 9.84
N PHE F 228 -20.35 -26.87 10.06
CA PHE F 228 -20.32 -27.98 11.00
C PHE F 228 -19.60 -27.54 12.25
N ARG F 229 -19.50 -28.44 13.19
CA ARG F 229 -18.97 -28.12 14.47
C ARG F 229 -17.68 -27.47 14.31
N ASN F 230 -17.55 -26.28 14.85
CA ASN F 230 -16.34 -25.46 14.84
C ASN F 230 -15.84 -24.86 13.51
N ASP F 231 -16.61 -24.89 12.44
CA ASP F 231 -16.13 -24.34 11.19
C ASP F 231 -16.09 -22.79 11.16
N ILE F 232 -15.16 -22.23 10.44
CA ILE F 232 -15.12 -20.78 10.20
C ILE F 232 -16.21 -20.42 9.17
N PRO F 233 -17.00 -19.37 9.40
CA PRO F 233 -18.04 -19.01 8.42
C PRO F 233 -17.48 -18.64 7.06
N TYR F 234 -18.32 -18.83 6.03
CA TYR F 234 -18.00 -18.37 4.69
C TYR F 234 -18.10 -16.85 4.64
N PRO F 235 -17.42 -16.22 3.68
CA PRO F 235 -17.56 -14.77 3.52
C PRO F 235 -19.04 -14.40 3.26
N PRO F 236 -19.43 -13.20 3.64
CA PRO F 236 -20.82 -12.79 3.36
C PRO F 236 -21.11 -12.86 1.87
N HIS F 237 -22.35 -13.18 1.53
CA HIS F 237 -22.86 -13.17 0.17
C HIS F 237 -22.31 -14.32 -0.67
N THR F 238 -21.64 -15.30 -0.04
CA THR F 238 -21.11 -16.43 -0.80
C THR F 238 -22.22 -17.15 -1.58
N GLN F 239 -23.34 -17.45 -0.91
CA GLN F 239 -24.42 -18.14 -1.60
C GLN F 239 -25.05 -17.26 -2.66
N ASP F 240 -25.24 -15.96 -2.35
CA ASP F 240 -25.83 -15.05 -3.31
C ASP F 240 -25.03 -15.03 -4.60
N ARG F 241 -23.69 -15.02 -4.49
CA ARG F 241 -22.85 -14.91 -5.67
C ARG F 241 -22.81 -16.20 -6.46
N ILE F 242 -22.92 -17.35 -5.79
CA ILE F 242 -23.05 -18.61 -6.52
C ILE F 242 -24.30 -18.59 -7.39
N LEU F 243 -25.45 -18.21 -6.80
CA LEU F 243 -26.66 -18.10 -7.61
C LEU F 243 -26.47 -17.09 -8.74
N ARG F 244 -25.86 -15.94 -8.44
CA ARG F 244 -25.72 -14.93 -9.48
C ARG F 244 -24.92 -15.45 -10.66
N LEU F 245 -23.87 -16.21 -10.39
CA LEU F 245 -23.05 -16.78 -11.46
C LEU F 245 -23.89 -17.57 -12.45
N PHE F 246 -24.80 -18.41 -11.93
CA PHE F 246 -25.66 -19.20 -12.82
C PHE F 246 -26.72 -18.34 -13.50
N GLN F 247 -27.35 -17.44 -12.74
CA GLN F 247 -28.53 -16.72 -13.21
C GLN F 247 -28.16 -15.60 -14.18
N ALA F 248 -27.06 -14.90 -13.91
CA ALA F 248 -26.70 -13.74 -14.73
C ALA F 248 -25.66 -14.06 -15.79
N TYR F 249 -24.96 -15.20 -15.69
CA TYR F 249 -23.89 -15.52 -16.64
C TYR F 249 -24.07 -16.89 -17.28
N LEU F 250 -23.99 -17.98 -16.50
CA LEU F 250 -23.92 -19.30 -17.13
C LEU F 250 -25.12 -19.58 -18.03
N ILE F 251 -26.33 -19.37 -17.50
CA ILE F 251 -27.52 -19.64 -18.31
C ILE F 251 -27.59 -18.73 -19.53
N PRO F 252 -27.52 -17.39 -19.40
CA PRO F 252 -27.68 -16.57 -20.61
C PRO F 252 -26.54 -16.73 -21.61
N ILE F 253 -25.31 -16.95 -21.17
CA ILE F 253 -24.22 -17.15 -22.12
C ILE F 253 -24.39 -18.47 -22.86
N THR F 254 -24.76 -19.53 -22.14
CA THR F 254 -25.03 -20.79 -22.81
C THR F 254 -26.09 -20.59 -23.90
N THR F 255 -27.16 -19.86 -23.57
CA THR F 255 -28.22 -19.61 -24.56
C THR F 255 -27.69 -18.84 -25.77
N GLN F 256 -26.82 -17.86 -25.53
CA GLN F 256 -26.28 -17.07 -26.64
C GLN F 256 -25.38 -17.92 -27.53
N ILE F 257 -24.59 -18.82 -26.94
CA ILE F 257 -23.79 -19.75 -27.73
C ILE F 257 -24.71 -20.64 -28.56
N GLU F 258 -25.80 -21.13 -27.97
CA GLU F 258 -26.74 -21.96 -28.72
C GLU F 258 -27.30 -21.18 -29.91
N ALA F 259 -27.70 -19.92 -29.68
CA ALA F 259 -28.25 -19.12 -30.78
C ALA F 259 -27.23 -18.95 -31.90
N ALA F 260 -25.97 -18.68 -31.54
CA ALA F 260 -24.92 -18.56 -32.54
C ALA F 260 -24.80 -19.83 -33.36
N ALA F 261 -24.85 -20.99 -32.70
CA ALA F 261 -24.72 -22.25 -33.43
C ALA F 261 -25.89 -22.47 -34.37
N ILE F 262 -27.10 -22.10 -33.95
CA ILE F 262 -28.26 -22.28 -34.80
C ILE F 262 -28.11 -21.43 -36.04
N LEU F 263 -27.75 -20.15 -35.85
CA LEU F 263 -27.56 -19.25 -36.98
C LEU F 263 -26.49 -19.78 -37.93
N ASP F 264 -25.46 -20.43 -37.39
CA ASP F 264 -24.38 -20.93 -38.21
C ASP F 264 -24.80 -22.07 -39.11
N HIS F 265 -25.89 -22.76 -38.77
CA HIS F 265 -26.31 -23.94 -39.49
C HIS F 265 -27.62 -23.70 -40.23
N ALA F 266 -27.88 -22.44 -40.56
CA ALA F 266 -29.07 -22.09 -41.32
C ALA F 266 -29.13 -22.81 -42.66
N ASN F 267 -28.05 -23.45 -43.05
CA ASN F 267 -28.06 -24.25 -44.27
C ASN F 267 -28.74 -25.56 -44.06
N LYS F 268 -29.10 -25.93 -42.85
CA LYS F 268 -29.79 -27.20 -42.66
C LYS F 268 -31.23 -27.14 -43.13
N CYS F 269 -31.80 -25.97 -43.21
CA CYS F 269 -33.16 -25.82 -43.65
C CYS F 269 -33.14 -25.60 -45.15
N THR F 270 -33.64 -26.60 -45.85
CA THR F 270 -33.68 -26.67 -47.29
C THR F 270 -35.07 -26.92 -47.78
N THR G 10 -56.21 -15.75 -33.92
CA THR G 10 -56.56 -16.79 -32.97
C THR G 10 -55.42 -17.82 -32.83
N CYS G 11 -55.49 -18.64 -31.79
CA CYS G 11 -54.37 -19.47 -31.35
C CYS G 11 -54.22 -20.72 -32.22
N GLN G 12 -53.05 -20.88 -32.84
CA GLN G 12 -52.68 -22.05 -33.64
C GLN G 12 -51.45 -22.73 -33.05
N PRO G 13 -51.21 -24.01 -33.39
CA PRO G 13 -50.01 -24.69 -32.90
C PRO G 13 -48.73 -23.99 -33.34
N SER G 14 -47.68 -24.17 -32.54
CA SER G 14 -46.34 -23.68 -32.80
C SER G 14 -45.44 -24.68 -33.51
N GLY G 15 -45.82 -25.94 -33.55
CA GLY G 15 -45.01 -26.98 -34.15
C GLY G 15 -45.37 -28.33 -33.55
N SER G 16 -44.40 -29.25 -33.60
CA SER G 16 -44.64 -30.59 -33.07
C SER G 16 -43.31 -31.29 -32.80
N ILE G 17 -43.39 -32.36 -32.02
CA ILE G 17 -42.23 -33.10 -31.54
C ILE G 17 -42.46 -34.58 -31.77
N GLN G 18 -41.43 -35.27 -32.26
CA GLN G 18 -41.53 -36.70 -32.48
C GLN G 18 -41.56 -37.45 -31.16
N GLY G 19 -42.55 -38.31 -31.00
CA GLY G 19 -42.68 -39.06 -29.76
C GLY G 19 -41.47 -39.94 -29.51
N ARG G 20 -41.08 -40.00 -28.24
CA ARG G 20 -40.14 -40.97 -27.71
C ARG G 20 -40.67 -41.40 -26.35
N SER G 21 -40.70 -42.70 -26.08
CA SER G 21 -41.22 -43.17 -24.81
C SER G 21 -40.14 -43.28 -23.74
N GLY G 22 -38.87 -43.33 -24.13
CA GLY G 22 -37.77 -43.43 -23.19
C GLY G 22 -38.00 -44.51 -22.16
N ASN G 23 -37.90 -44.13 -20.88
CA ASN G 23 -38.13 -45.02 -19.77
C ASN G 23 -39.41 -44.65 -18.99
N CYS G 24 -40.35 -44.05 -19.68
CA CYS G 24 -41.62 -43.72 -19.08
C CYS G 24 -42.51 -44.95 -18.87
N ASN G 25 -42.77 -45.23 -17.60
CA ASN G 25 -43.59 -46.32 -17.09
C ASN G 25 -45.07 -46.19 -17.32
N THR G 26 -45.72 -47.29 -17.62
CA THR G 26 -47.13 -47.21 -17.90
C THR G 26 -48.06 -47.10 -16.73
N GLU G 27 -48.74 -45.96 -16.76
CA GLU G 27 -49.74 -45.38 -15.85
C GLU G 27 -49.77 -43.88 -16.18
N GLU G 31 -48.80 -41.78 -18.44
CA GLU G 31 -49.05 -40.88 -19.57
C GLU G 31 -47.81 -40.58 -20.35
N CYS G 32 -47.25 -41.57 -20.99
CA CYS G 32 -45.99 -41.40 -21.63
C CYS G 32 -46.13 -41.14 -23.13
N CYS G 33 -45.20 -40.47 -23.78
CA CYS G 33 -45.21 -40.15 -25.22
C CYS G 33 -45.10 -41.51 -25.99
N LYS G 34 -45.72 -41.76 -27.15
CA LYS G 34 -45.71 -43.02 -27.88
C LYS G 34 -44.75 -42.90 -29.04
N ASN G 35 -44.03 -43.98 -29.34
CA ASN G 35 -43.12 -43.91 -30.48
C ASN G 35 -43.93 -44.14 -31.75
N GLY G 36 -43.68 -43.35 -32.79
CA GLY G 36 -44.48 -43.40 -33.99
C GLY G 36 -45.65 -42.44 -34.08
N ARG G 37 -45.61 -41.43 -33.22
CA ARG G 37 -46.58 -40.40 -33.14
C ARG G 37 -45.87 -39.08 -32.94
N ARG G 38 -46.48 -38.00 -33.31
CA ARG G 38 -45.96 -36.70 -33.07
C ARG G 38 -46.88 -36.00 -32.09
N TYR G 39 -46.33 -35.09 -31.31
CA TYR G 39 -47.07 -34.37 -30.35
C TYR G 39 -47.01 -32.87 -30.61
N THR G 40 -48.15 -32.21 -30.62
CA THR G 40 -48.28 -30.80 -30.95
C THR G 40 -47.81 -29.93 -29.80
N THR G 41 -47.15 -28.82 -30.13
CA THR G 41 -46.73 -27.81 -29.17
C THR G 41 -47.51 -26.52 -29.41
N TYR G 42 -47.69 -25.74 -28.35
CA TYR G 42 -48.41 -24.47 -28.39
C TYR G 42 -47.68 -23.42 -27.60
N GLY G 43 -47.68 -22.20 -28.13
CA GLY G 43 -47.24 -21.04 -27.36
C GLY G 43 -48.39 -20.23 -26.82
N CYS G 44 -49.59 -20.49 -27.32
CA CYS G 44 -50.77 -19.72 -26.97
C CYS G 44 -51.84 -20.64 -26.39
N SER G 45 -52.85 -20.02 -25.80
CA SER G 45 -54.03 -20.68 -25.25
C SER G 45 -55.26 -19.99 -25.80
N PRO G 46 -56.44 -20.56 -25.57
CA PRO G 46 -57.68 -19.88 -26.01
C PRO G 46 -57.87 -18.57 -25.28
N PRO G 47 -58.76 -17.71 -25.77
CA PRO G 47 -58.96 -16.39 -25.13
C PRO G 47 -59.43 -16.52 -23.68
N VAL G 48 -58.99 -15.60 -22.84
CA VAL G 48 -59.43 -15.53 -21.46
C VAL G 48 -60.69 -14.67 -21.36
N THR G 49 -61.81 -15.29 -21.01
CA THR G 49 -63.06 -14.60 -20.83
C THR G 49 -63.37 -14.58 -19.33
N GLY G 50 -64.56 -14.13 -18.98
CA GLY G 50 -64.94 -14.13 -17.58
C GLY G 50 -65.38 -15.48 -17.08
N SER G 51 -65.52 -16.41 -17.98
CA SER G 51 -65.78 -17.80 -17.64
C SER G 51 -65.06 -18.58 -18.71
N THR G 52 -63.77 -18.79 -18.54
CA THR G 52 -63.00 -19.43 -19.56
C THR G 52 -63.06 -20.90 -19.47
N ARG G 53 -63.38 -21.53 -20.57
CA ARG G 53 -63.46 -22.96 -20.62
C ARG G 53 -62.11 -23.61 -20.59
N ALA G 54 -62.00 -24.65 -19.83
CA ALA G 54 -60.72 -25.31 -19.66
C ALA G 54 -60.96 -26.76 -19.31
N VAL G 55 -59.90 -27.56 -19.41
CA VAL G 55 -59.88 -28.92 -18.90
C VAL G 55 -59.03 -28.92 -17.63
N LEU G 56 -59.61 -29.41 -16.54
CA LEU G 56 -58.89 -29.57 -15.29
C LEU G 56 -58.22 -30.94 -15.29
N THR G 57 -56.91 -30.96 -15.10
CA THR G 57 -56.20 -32.21 -14.88
C THR G 57 -55.69 -32.26 -13.44
N LEU G 58 -55.14 -33.42 -13.08
CA LEU G 58 -54.74 -33.72 -11.72
C LEU G 58 -53.23 -33.89 -11.65
N ASN G 59 -52.61 -33.23 -10.68
CA ASN G 59 -51.16 -33.29 -10.52
C ASN G 59 -50.83 -33.12 -9.05
N SER G 60 -49.71 -33.72 -8.64
CA SER G 60 -49.12 -33.44 -7.34
C SER G 60 -47.92 -32.52 -7.51
N PHE G 61 -47.90 -31.43 -6.76
CA PHE G 61 -46.79 -30.49 -6.82
C PHE G 61 -45.78 -30.74 -5.71
N ALA G 62 -45.86 -31.91 -5.11
CA ALA G 62 -44.99 -32.26 -4.04
C ALA G 62 -43.60 -32.61 -4.52
N GLU G 63 -42.66 -32.50 -3.63
CA GLU G 63 -41.28 -32.70 -4.01
C GLU G 63 -41.04 -34.10 -4.52
N GLY G 64 -41.41 -35.11 -3.77
CA GLY G 64 -41.44 -36.41 -4.39
C GLY G 64 -40.39 -37.02 -5.26
N GLY G 65 -40.87 -37.48 -6.40
CA GLY G 65 -40.01 -38.14 -7.34
C GLY G 65 -40.47 -38.13 -8.78
N GLY G 68 -40.80 -34.41 -11.72
CA GLY G 68 -41.38 -33.08 -11.75
C GLY G 68 -40.46 -32.01 -11.17
N GLY G 69 -40.37 -30.88 -11.86
CA GLY G 69 -39.52 -29.79 -11.40
C GLY G 69 -40.24 -28.84 -10.45
N ALA G 70 -39.47 -27.86 -9.98
CA ALA G 70 -40.01 -26.83 -9.10
C ALA G 70 -41.06 -25.99 -9.82
N ALA G 71 -41.96 -25.40 -9.04
CA ALA G 71 -43.00 -24.56 -9.63
C ALA G 71 -42.38 -23.32 -10.28
N ALA G 72 -42.84 -22.99 -11.50
CA ALA G 72 -42.22 -21.94 -12.28
C ALA G 72 -42.36 -20.55 -11.63
N CYS G 73 -43.44 -20.29 -10.88
CA CYS G 73 -43.62 -18.95 -10.32
C CYS G 73 -42.72 -18.69 -9.11
N THR G 74 -42.32 -19.74 -8.38
CA THR G 74 -41.77 -19.57 -7.04
C THR G 74 -40.56 -20.44 -6.77
N GLY G 75 -40.26 -21.43 -7.61
CA GLY G 75 -39.17 -22.33 -7.33
C GLY G 75 -39.43 -23.31 -6.21
N LYS G 76 -40.69 -23.49 -5.81
CA LYS G 76 -41.02 -24.27 -4.65
C LYS G 76 -41.86 -25.49 -5.04
N PHE G 77 -42.09 -26.34 -4.04
CA PHE G 77 -42.97 -27.50 -4.14
C PHE G 77 -44.12 -27.29 -3.17
N TYR G 78 -45.24 -27.98 -3.41
CA TYR G 78 -46.46 -27.75 -2.63
C TYR G 78 -47.08 -29.10 -2.28
N ASP G 79 -47.34 -29.33 -1.00
CA ASP G 79 -47.97 -30.61 -0.64
C ASP G 79 -49.41 -30.63 -1.13
N ASP G 80 -49.94 -31.85 -1.27
CA ASP G 80 -51.22 -32.06 -1.93
C ASP G 80 -52.40 -31.36 -1.24
N SER G 81 -52.24 -30.89 -0.01
CA SER G 81 -53.31 -30.18 0.68
C SER G 81 -53.45 -28.73 0.24
N LYS G 82 -52.46 -28.19 -0.47
CA LYS G 82 -52.51 -26.82 -0.93
C LYS G 82 -53.32 -26.71 -2.21
N LYS G 83 -54.14 -25.66 -2.29
CA LYS G 83 -54.98 -25.39 -3.46
C LYS G 83 -54.18 -24.55 -4.45
N VAL G 84 -53.46 -25.23 -5.34
CA VAL G 84 -52.57 -24.58 -6.29
C VAL G 84 -52.78 -25.20 -7.67
N VAL G 85 -52.46 -24.42 -8.72
CA VAL G 85 -52.62 -24.87 -10.10
C VAL G 85 -51.43 -24.44 -10.96
N ALA G 86 -51.26 -25.17 -12.04
CA ALA G 86 -50.44 -24.77 -13.17
C ALA G 86 -51.36 -24.43 -14.34
N LEU G 87 -50.97 -23.45 -15.15
CA LEU G 87 -51.76 -23.04 -16.31
C LEU G 87 -50.96 -23.32 -17.58
N SER G 88 -51.66 -23.78 -18.61
CA SER G 88 -51.10 -23.87 -19.96
C SER G 88 -50.32 -22.60 -20.29
N THR G 89 -49.19 -22.79 -20.98
CA THR G 89 -48.28 -21.71 -21.35
C THR G 89 -48.97 -20.40 -21.76
N GLY G 90 -49.97 -20.47 -22.64
CA GLY G 90 -50.62 -19.25 -23.09
C GLY G 90 -51.28 -18.49 -21.96
N TRP G 91 -52.09 -19.19 -21.16
CA TRP G 91 -52.70 -18.59 -19.96
C TRP G 91 -51.64 -18.22 -18.93
N TYR G 92 -50.56 -19.00 -18.84
CA TYR G 92 -49.49 -18.61 -17.93
C TYR G 92 -48.93 -17.24 -18.30
N ASN G 93 -48.93 -16.92 -19.60
CA ASN G 93 -48.71 -15.56 -20.10
C ASN G 93 -47.44 -14.92 -19.54
N GLY G 94 -46.33 -15.65 -19.70
CA GLY G 94 -45.06 -15.11 -19.27
C GLY G 94 -44.96 -14.81 -17.80
N GLY G 95 -45.85 -15.38 -16.98
CA GLY G 95 -45.84 -15.16 -15.56
C GLY G 95 -46.82 -14.14 -15.02
N SER G 96 -47.69 -13.60 -15.88
CA SER G 96 -48.52 -12.49 -15.44
C SER G 96 -49.53 -12.89 -14.38
N ARG G 97 -49.80 -14.17 -14.20
CA ARG G 97 -50.71 -14.63 -13.16
C ARG G 97 -50.00 -15.25 -11.97
N CYS G 98 -48.68 -15.16 -11.92
CA CYS G 98 -47.94 -15.79 -10.83
C CYS G 98 -48.36 -15.25 -9.46
N ARG G 99 -48.67 -16.16 -8.56
CA ARG G 99 -49.08 -15.86 -7.18
C ARG G 99 -50.33 -15.01 -7.15
N LYS G 100 -51.12 -15.08 -8.22
CA LYS G 100 -52.48 -14.57 -8.23
C LYS G 100 -53.43 -15.75 -8.13
N HIS G 101 -54.68 -15.46 -7.79
CA HIS G 101 -55.69 -16.49 -7.65
C HIS G 101 -56.61 -16.51 -8.86
N ILE G 102 -57.10 -17.70 -9.19
CA ILE G 102 -58.19 -17.85 -10.13
C ILE G 102 -59.34 -18.56 -9.43
N MET G 103 -60.57 -18.25 -9.86
CA MET G 103 -61.78 -18.91 -9.38
C MET G 103 -62.20 -19.96 -10.39
N ILE G 104 -62.30 -21.20 -9.95
CA ILE G 104 -62.60 -22.33 -10.82
C ILE G 104 -64.02 -22.81 -10.48
N HIS G 105 -64.83 -23.05 -11.52
CA HIS G 105 -66.18 -23.57 -11.37
C HIS G 105 -66.28 -24.95 -12.02
N ALA G 106 -66.79 -25.93 -11.28
CA ALA G 106 -67.10 -27.25 -11.82
C ALA G 106 -68.58 -27.32 -12.17
N GLY G 107 -68.91 -28.23 -13.10
CA GLY G 107 -70.28 -28.36 -13.57
C GLY G 107 -71.28 -28.75 -12.50
N ASN G 108 -70.82 -29.37 -11.42
CA ASN G 108 -71.73 -29.76 -10.35
C ASN G 108 -72.12 -28.58 -9.46
N GLY G 109 -71.57 -27.38 -9.74
CA GLY G 109 -71.89 -26.18 -9.02
C GLY G 109 -70.90 -25.79 -7.94
N ASN G 110 -69.95 -26.65 -7.59
CA ASN G 110 -68.93 -26.24 -6.63
C ASN G 110 -67.95 -25.31 -7.32
N SER G 111 -67.30 -24.45 -6.51
CA SER G 111 -66.25 -23.60 -7.02
C SER G 111 -65.14 -23.51 -5.98
N VAL G 112 -63.93 -23.16 -6.43
CA VAL G 112 -62.82 -23.00 -5.51
C VAL G 112 -61.87 -21.95 -6.05
N SER G 113 -61.26 -21.23 -5.11
CA SER G 113 -60.17 -20.29 -5.40
C SER G 113 -58.85 -21.03 -5.28
N ALA G 114 -58.00 -20.90 -6.31
CA ALA G 114 -56.73 -21.61 -6.33
C ALA G 114 -55.61 -20.63 -6.67
N LEU G 115 -54.45 -20.88 -6.09
CA LEU G 115 -53.26 -20.06 -6.33
C LEU G 115 -52.50 -20.56 -7.56
N VAL G 116 -52.17 -19.66 -8.47
CA VAL G 116 -51.40 -20.00 -9.66
C VAL G 116 -49.92 -20.05 -9.27
N VAL G 117 -49.27 -21.21 -9.43
CA VAL G 117 -47.88 -21.31 -9.00
C VAL G 117 -46.94 -21.80 -10.10
N ASP G 118 -47.50 -22.28 -11.21
CA ASP G 118 -46.68 -23.04 -12.13
C ASP G 118 -47.21 -22.93 -13.54
N GLU G 119 -46.37 -23.31 -14.48
CA GLU G 119 -46.71 -23.37 -15.90
C GLU G 119 -46.88 -24.82 -16.32
N CYS G 120 -48.01 -25.13 -16.98
CA CYS G 120 -48.21 -26.37 -17.70
C CYS G 120 -47.64 -26.15 -19.09
N ASP G 121 -46.42 -26.63 -19.30
CA ASP G 121 -45.59 -26.16 -20.41
C ASP G 121 -46.02 -26.85 -21.71
N SER G 122 -46.65 -26.11 -22.61
CA SER G 122 -47.06 -26.71 -23.88
C SER G 122 -46.02 -26.56 -24.99
N THR G 123 -44.84 -26.00 -24.69
CA THR G 123 -43.84 -25.70 -25.71
C THR G 123 -42.88 -26.86 -25.98
N VAL G 124 -42.88 -27.88 -25.12
CA VAL G 124 -41.84 -28.90 -25.17
C VAL G 124 -42.35 -30.13 -24.43
N GLY G 125 -41.82 -31.28 -24.82
CA GLY G 125 -42.19 -32.53 -24.18
C GLY G 125 -41.47 -33.66 -24.89
N CYS G 126 -41.80 -34.90 -24.49
CA CYS G 126 -41.21 -36.09 -25.09
C CYS G 126 -39.69 -36.04 -25.02
N ASP G 127 -39.17 -35.59 -23.88
CA ASP G 127 -37.74 -35.60 -23.65
C ASP G 127 -37.49 -36.03 -22.21
N LYS G 128 -36.23 -36.29 -21.90
CA LYS G 128 -35.86 -36.77 -20.57
C LYS G 128 -36.24 -35.74 -19.50
N ASP G 129 -36.12 -34.44 -19.83
CA ASP G 129 -36.50 -33.38 -18.91
C ASP G 129 -37.93 -33.52 -18.40
N HIS G 130 -38.82 -34.03 -19.24
CA HIS G 130 -40.22 -34.18 -18.90
C HIS G 130 -40.63 -35.65 -18.74
N ASN G 131 -39.67 -36.51 -18.43
CA ASN G 131 -39.90 -37.93 -18.21
C ASN G 131 -40.64 -38.55 -19.39
N PHE G 132 -40.35 -38.04 -20.55
CA PHE G 132 -40.89 -38.45 -21.78
C PHE G 132 -42.39 -38.37 -21.83
N GLU G 133 -42.96 -37.37 -21.23
CA GLU G 133 -44.39 -37.11 -21.27
C GLU G 133 -44.64 -36.10 -22.30
N PRO G 134 -45.82 -36.06 -22.81
CA PRO G 134 -46.13 -35.12 -23.85
C PRO G 134 -46.21 -33.67 -23.40
N PRO G 135 -46.06 -32.77 -24.32
CA PRO G 135 -46.29 -31.36 -23.97
C PRO G 135 -47.67 -31.20 -23.37
N CYS G 136 -47.80 -30.23 -22.47
CA CYS G 136 -49.10 -29.86 -21.98
C CYS G 136 -50.02 -29.48 -23.15
N ARG G 137 -51.31 -29.78 -23.03
CA ARG G 137 -52.28 -29.19 -23.93
C ARG G 137 -52.41 -27.69 -23.64
N ASN G 138 -53.13 -26.99 -24.51
CA ASN G 138 -53.13 -25.54 -24.41
C ASN G 138 -54.32 -24.97 -23.66
N ASN G 139 -55.22 -25.81 -23.13
CA ASN G 139 -56.42 -25.31 -22.44
C ASN G 139 -56.55 -25.98 -21.06
N ILE G 140 -55.43 -26.08 -20.35
CA ILE G 140 -55.32 -26.90 -19.16
C ILE G 140 -55.20 -26.04 -17.91
N VAL G 141 -55.95 -26.41 -16.88
CA VAL G 141 -55.68 -26.02 -15.50
C VAL G 141 -55.26 -27.30 -14.80
N ASP G 142 -54.00 -27.38 -14.38
CA ASP G 142 -53.46 -28.59 -13.78
C ASP G 142 -53.53 -28.38 -12.28
N GLY G 143 -54.49 -29.05 -11.62
CA GLY G 143 -54.84 -28.74 -10.25
C GLY G 143 -54.30 -29.77 -9.28
N SER G 144 -53.94 -29.29 -8.09
CA SER G 144 -53.52 -30.17 -7.01
C SER G 144 -54.71 -31.00 -6.54
N PRO G 145 -54.47 -32.08 -5.79
CA PRO G 145 -55.61 -32.85 -5.24
C PRO G 145 -56.59 -32.03 -4.43
N ALA G 146 -56.10 -31.03 -3.68
CA ALA G 146 -57.00 -30.23 -2.86
C ALA G 146 -57.96 -29.40 -3.71
N VAL G 147 -57.56 -29.02 -4.91
CA VAL G 147 -58.48 -28.32 -5.82
C VAL G 147 -59.61 -29.25 -6.22
N TRP G 148 -59.27 -30.47 -6.61
CA TRP G 148 -60.28 -31.44 -7.00
C TRP G 148 -61.24 -31.72 -5.87
N ASP G 149 -60.71 -31.94 -4.66
CA ASP G 149 -61.55 -32.25 -3.51
C ASP G 149 -62.50 -31.11 -3.19
N ALA G 150 -62.00 -29.87 -3.24
CA ALA G 150 -62.88 -28.72 -3.02
C ALA G 150 -63.97 -28.64 -4.08
N LEU G 151 -63.67 -29.07 -5.31
CA LEU G 151 -64.68 -29.06 -6.36
C LEU G 151 -65.60 -30.27 -6.30
N GLY G 152 -65.39 -31.18 -5.35
CA GLY G 152 -66.20 -32.39 -5.28
C GLY G 152 -66.07 -33.31 -6.47
N LEU G 153 -64.96 -33.21 -7.21
CA LEU G 153 -64.75 -34.03 -8.39
C LEU G 153 -63.99 -35.28 -8.00
N ASN G 154 -64.27 -36.39 -8.70
CA ASN G 154 -63.58 -37.65 -8.44
C ASN G 154 -62.24 -37.70 -9.15
N LYS G 155 -61.17 -37.79 -8.37
CA LYS G 155 -59.85 -37.75 -8.96
C LYS G 155 -59.58 -38.94 -9.88
N ASP G 156 -60.35 -40.03 -9.75
CA ASP G 156 -60.20 -41.13 -10.69
C ASP G 156 -60.57 -40.73 -12.12
N ASP G 157 -61.34 -39.65 -12.30
CA ASP G 157 -61.75 -39.29 -13.65
C ASP G 157 -60.57 -38.80 -14.49
N GLY G 158 -59.51 -38.31 -13.85
CA GLY G 158 -58.35 -37.83 -14.58
C GLY G 158 -58.51 -36.43 -15.14
N GLN G 159 -59.68 -36.11 -15.69
CA GLN G 159 -59.92 -34.75 -16.17
C GLN G 159 -61.39 -34.40 -16.03
N ALA G 160 -61.67 -33.09 -16.06
CA ALA G 160 -63.02 -32.57 -15.89
C ALA G 160 -63.15 -31.28 -16.66
N GLN G 161 -64.36 -31.01 -17.17
CA GLN G 161 -64.62 -29.73 -17.82
C GLN G 161 -64.89 -28.69 -16.75
N ILE G 162 -64.18 -27.55 -16.83
CA ILE G 162 -64.32 -26.48 -15.85
C ILE G 162 -64.42 -25.15 -16.58
N THR G 163 -64.70 -24.10 -15.80
CA THR G 163 -64.53 -22.72 -16.21
C THR G 163 -63.75 -22.00 -15.12
N TRP G 164 -63.01 -20.96 -15.51
CA TRP G 164 -62.23 -20.21 -14.55
C TRP G 164 -62.18 -18.75 -14.96
N SER G 165 -61.90 -17.89 -13.99
CA SER G 165 -61.72 -16.47 -14.21
C SER G 165 -60.67 -15.93 -13.26
N ASP G 166 -60.08 -14.80 -13.63
CA ASP G 166 -59.15 -14.11 -12.74
C ASP G 166 -59.88 -13.54 -11.53
N GLU G 167 -59.24 -13.65 -10.37
CA GLU G 167 -59.70 -13.13 -9.09
C GLU G 167 -58.97 -11.85 -8.69
N LEU G 168 -59.66 -11.05 -7.86
CA LEU G 168 -59.10 -9.80 -7.34
C LEU G 168 -58.29 -10.08 -6.08
N THR H 10 5.24 -46.96 40.12
CA THR H 10 4.02 -46.23 40.47
C THR H 10 3.75 -45.06 39.54
N CYS H 11 2.52 -44.56 39.57
CA CYS H 11 2.08 -43.56 38.61
C CYS H 11 2.58 -42.18 39.02
N GLN H 12 3.40 -41.56 38.19
CA GLN H 12 3.87 -40.20 38.43
C GLN H 12 3.44 -39.27 37.31
N PRO H 13 3.44 -37.95 37.57
CA PRO H 13 3.08 -37.00 36.50
C PRO H 13 3.96 -37.15 35.28
N SER H 14 3.38 -36.81 34.13
CA SER H 14 4.09 -36.80 32.87
C SER H 14 4.72 -35.44 32.59
N GLY H 15 4.29 -34.42 33.31
CA GLY H 15 4.80 -33.07 33.11
C GLY H 15 3.78 -32.04 33.58
N SER H 16 3.87 -30.85 33.00
CA SER H 16 2.93 -29.81 33.38
C SER H 16 2.89 -28.75 32.29
N ILE H 17 1.84 -27.94 32.31
CA ILE H 17 1.54 -26.98 31.26
C ILE H 17 1.30 -25.62 31.89
N GLN H 18 1.85 -24.57 31.28
CA GLN H 18 1.63 -23.23 31.78
C GLN H 18 0.20 -22.80 31.52
N GLY H 19 -0.48 -22.35 32.59
CA GLY H 19 -1.87 -21.96 32.45
C GLY H 19 -2.07 -20.80 31.49
N ARG H 20 -3.14 -20.88 30.70
CA ARG H 20 -3.64 -19.78 29.89
C ARG H 20 -5.15 -19.80 30.00
N SER H 21 -5.76 -18.64 30.26
CA SER H 21 -7.20 -18.59 30.43
C SER H 21 -7.94 -18.38 29.12
N GLY H 22 -7.25 -17.84 28.10
CA GLY H 22 -7.86 -17.60 26.80
C GLY H 22 -9.18 -16.87 26.91
N ASN H 23 -10.20 -17.47 26.37
CA ASN H 23 -11.50 -16.91 26.39
C ASN H 23 -12.48 -17.74 27.18
N CYS H 24 -11.97 -18.52 28.09
CA CYS H 24 -12.79 -19.31 28.93
C CYS H 24 -13.48 -18.37 29.91
N ASN H 25 -14.75 -18.57 30.12
CA ASN H 25 -15.45 -17.75 31.07
C ASN H 25 -15.84 -18.53 32.27
N THR H 26 -15.34 -18.14 33.42
CA THR H 26 -15.62 -18.77 34.68
C THR H 26 -17.11 -18.95 35.16
N SER H 30 -17.73 -24.66 35.03
CA SER H 30 -16.59 -25.50 34.65
C SER H 30 -15.28 -24.69 34.60
N GLU H 31 -14.25 -25.28 35.20
CA GLU H 31 -13.01 -24.57 35.52
C GLU H 31 -12.27 -24.07 34.30
N CYS H 32 -11.72 -22.88 34.41
CA CYS H 32 -10.78 -22.36 33.43
C CYS H 32 -9.37 -22.48 33.98
N CYS H 33 -8.40 -22.71 33.09
CA CYS H 33 -7.03 -22.50 33.50
C CYS H 33 -6.84 -21.05 33.88
N LYS H 34 -6.05 -20.83 34.90
CA LYS H 34 -5.72 -19.47 35.33
C LYS H 34 -4.30 -19.14 34.89
N ASN H 35 -4.06 -17.89 34.55
CA ASN H 35 -2.71 -17.49 34.21
C ASN H 35 -1.86 -17.47 35.48
N GLY H 36 -0.56 -17.63 35.30
CA GLY H 36 0.38 -17.59 36.42
C GLY H 36 0.49 -18.85 37.25
N ARG H 37 -0.10 -19.96 36.83
CA ARG H 37 0.07 -21.24 37.50
C ARG H 37 0.21 -22.32 36.45
N ARG H 38 0.78 -23.44 36.87
CA ARG H 38 0.98 -24.59 36.01
C ARG H 38 0.00 -25.70 36.35
N TYR H 39 -0.30 -26.55 35.36
CA TYR H 39 -1.26 -27.63 35.50
C TYR H 39 -0.62 -28.97 35.19
N THR H 40 -0.76 -29.90 36.11
CA THR H 40 -0.11 -31.21 36.00
C THR H 40 -0.80 -32.08 34.96
N THR H 41 0.00 -32.81 34.18
CA THR H 41 -0.49 -33.78 33.22
C THR H 41 -0.09 -35.17 33.66
N TYR H 42 -0.91 -36.15 33.28
CA TYR H 42 -0.70 -37.56 33.60
C TYR H 42 -1.00 -38.41 32.38
N GLY H 43 -0.17 -39.42 32.16
CA GLY H 43 -0.48 -40.48 31.22
C GLY H 43 -1.01 -41.70 31.92
N CYS H 44 -0.89 -41.75 33.25
CA CYS H 44 -1.27 -42.90 34.03
C CYS H 44 -2.32 -42.54 35.08
N SER H 45 -2.91 -43.59 35.64
CA SER H 45 -3.88 -43.50 36.73
C SER H 45 -3.43 -44.44 37.83
N PRO H 46 -4.06 -44.38 39.01
CA PRO H 46 -3.72 -45.32 40.08
C PRO H 46 -4.07 -46.75 39.70
N PRO H 47 -3.58 -47.74 40.45
CA PRO H 47 -3.85 -49.14 40.10
C PRO H 47 -5.33 -49.47 40.11
N VAL H 48 -5.74 -50.32 39.17
CA VAL H 48 -7.09 -50.87 39.13
C VAL H 48 -7.04 -52.12 39.99
N THR H 49 -7.76 -52.10 41.12
CA THR H 49 -7.67 -53.14 42.13
C THR H 49 -8.85 -54.10 42.17
N GLY H 50 -9.94 -53.76 41.49
CA GLY H 50 -11.18 -54.49 41.60
C GLY H 50 -12.18 -53.81 42.53
N SER H 51 -11.70 -52.88 43.36
CA SER H 51 -12.53 -51.94 44.08
C SER H 51 -11.75 -50.62 44.11
N THR H 52 -11.61 -50.02 42.94
CA THR H 52 -10.68 -48.90 42.75
C THR H 52 -11.30 -47.61 43.26
N ARG H 53 -10.60 -46.94 44.17
CA ARG H 53 -11.04 -45.65 44.69
C ARG H 53 -10.89 -44.56 43.63
N ALA H 54 -11.92 -43.73 43.49
CA ALA H 54 -11.96 -42.70 42.45
C ALA H 54 -12.78 -41.52 42.93
N VAL H 55 -12.67 -40.41 42.19
CA VAL H 55 -13.53 -39.24 42.37
C VAL H 55 -14.52 -39.22 41.22
N LEU H 56 -15.81 -39.23 41.56
CA LEU H 56 -16.87 -39.08 40.57
C LEU H 56 -17.14 -37.61 40.36
N THR H 57 -17.04 -37.15 39.12
CA THR H 57 -17.42 -35.80 38.77
C THR H 57 -18.67 -35.85 37.90
N LEU H 58 -19.21 -34.68 37.56
CA LEU H 58 -20.47 -34.56 36.85
C LEU H 58 -20.23 -33.92 35.48
N ASN H 59 -20.77 -34.53 34.43
CA ASN H 59 -20.59 -34.03 33.09
C ASN H 59 -21.79 -34.38 32.22
N SER H 60 -22.05 -33.53 31.23
CA SER H 60 -23.04 -33.82 30.20
C SER H 60 -22.33 -34.21 28.91
N PHE H 61 -22.77 -35.32 28.32
CA PHE H 61 -22.25 -35.83 27.06
C PHE H 61 -23.16 -35.49 25.89
N ALA H 62 -24.09 -34.56 26.07
CA ALA H 62 -25.09 -34.24 25.06
C ALA H 62 -24.50 -33.34 23.99
N GLU H 63 -25.12 -33.39 22.80
CA GLU H 63 -24.58 -32.71 21.63
C GLU H 63 -24.52 -31.19 21.79
N GLY H 64 -25.64 -30.51 21.77
CA GLY H 64 -25.67 -29.05 21.79
C GLY H 64 -24.95 -28.42 22.95
N GLY H 65 -23.95 -27.59 22.68
CA GLY H 65 -23.10 -27.05 23.73
C GLY H 65 -22.41 -28.11 24.58
N GLY H 68 -18.50 -30.39 25.10
CA GLY H 68 -17.24 -30.57 24.42
C GLY H 68 -17.32 -31.29 23.09
N GLY H 69 -16.39 -32.22 22.89
CA GLY H 69 -16.34 -33.01 21.67
C GLY H 69 -17.14 -34.31 21.74
N ALA H 70 -17.08 -35.04 20.63
CA ALA H 70 -17.69 -36.37 20.58
C ALA H 70 -16.99 -37.32 21.54
N ALA H 71 -17.71 -38.34 21.99
CA ALA H 71 -17.14 -39.32 22.91
C ALA H 71 -16.04 -40.13 22.23
N ALA H 72 -14.93 -40.33 22.95
CA ALA H 72 -13.75 -40.93 22.32
C ALA H 72 -14.01 -42.36 21.85
N CYS H 73 -14.87 -43.11 22.56
CA CYS H 73 -15.05 -44.52 22.20
C CYS H 73 -15.88 -44.71 20.93
N THR H 74 -16.75 -43.76 20.64
CA THR H 74 -17.81 -43.99 19.67
C THR H 74 -18.00 -42.85 18.69
N GLY H 75 -17.43 -41.69 18.93
CA GLY H 75 -17.70 -40.54 18.10
C GLY H 75 -19.10 -40.00 18.25
N LYS H 76 -19.83 -40.40 19.28
CA LYS H 76 -21.23 -40.03 19.44
C LYS H 76 -21.43 -39.12 20.66
N PHE H 77 -22.65 -38.62 20.78
CA PHE H 77 -23.12 -37.84 21.91
C PHE H 77 -24.23 -38.62 22.61
N TYR H 78 -24.45 -38.29 23.89
CA TYR H 78 -25.39 -39.06 24.71
C TYR H 78 -26.28 -38.11 25.52
N ASP H 79 -27.59 -38.38 25.56
CA ASP H 79 -28.48 -37.59 26.42
C ASP H 79 -28.10 -37.76 27.87
N ASP H 80 -28.53 -36.79 28.68
CA ASP H 80 -28.32 -36.89 30.10
C ASP H 80 -29.07 -38.06 30.72
N SER H 81 -30.03 -38.65 30.00
CA SER H 81 -30.70 -39.81 30.57
C SER H 81 -29.89 -41.08 30.45
N LYS H 82 -28.82 -41.08 29.63
CA LYS H 82 -27.99 -42.27 29.47
C LYS H 82 -26.99 -42.37 30.61
N LYS H 83 -26.82 -43.57 31.15
CA LYS H 83 -25.85 -43.81 32.22
C LYS H 83 -24.51 -44.12 31.57
N VAL H 84 -23.71 -43.07 31.37
CA VAL H 84 -22.43 -43.16 30.68
C VAL H 84 -21.37 -42.41 31.47
N VAL H 85 -20.11 -42.81 31.26
CA VAL H 85 -18.99 -42.20 31.98
C VAL H 85 -17.81 -42.03 31.03
N ALA H 86 -16.94 -41.11 31.42
CA ALA H 86 -15.59 -41.00 30.92
C ALA H 86 -14.62 -41.37 32.04
N LEU H 87 -13.47 -41.92 31.66
CA LEU H 87 -12.43 -42.33 32.61
C LEU H 87 -11.14 -41.56 32.34
N SER H 88 -10.46 -41.14 33.41
CA SER H 88 -9.10 -40.61 33.29
C SER H 88 -8.26 -41.47 32.36
N THR H 89 -7.40 -40.79 31.58
CA THR H 89 -6.53 -41.43 30.59
C THR H 89 -5.98 -42.79 31.01
N GLY H 90 -5.38 -42.89 32.20
CA GLY H 90 -4.77 -44.15 32.61
C GLY H 90 -5.78 -45.28 32.69
N TRP H 91 -6.91 -45.03 33.37
CA TRP H 91 -7.98 -46.01 33.40
C TRP H 91 -8.62 -46.22 32.03
N TYR H 92 -8.67 -45.17 31.22
CA TYR H 92 -9.18 -45.32 29.86
C TYR H 92 -8.33 -46.33 29.08
N ASN H 93 -7.04 -46.40 29.37
CA ASN H 93 -6.17 -47.51 28.96
C ASN H 93 -6.24 -47.78 27.46
N GLY H 94 -6.04 -46.73 26.66
CA GLY H 94 -6.01 -46.90 25.22
C GLY H 94 -7.30 -47.41 24.59
N GLY H 95 -8.43 -47.34 25.29
CA GLY H 95 -9.70 -47.80 24.75
C GLY H 95 -10.13 -49.18 25.20
N SER H 96 -9.38 -49.82 26.09
CA SER H 96 -9.66 -51.21 26.45
C SER H 96 -10.97 -51.36 27.21
N ARG H 97 -11.53 -50.27 27.73
CA ARG H 97 -12.82 -50.32 28.41
C ARG H 97 -13.95 -49.76 27.56
N CYS H 98 -13.69 -49.42 26.28
CA CYS H 98 -14.72 -48.81 25.43
C CYS H 98 -15.91 -49.74 25.24
N ARG H 99 -17.11 -49.18 25.45
CA ARG H 99 -18.39 -49.88 25.34
C ARG H 99 -18.49 -51.07 26.29
N LYS H 100 -17.71 -51.05 27.35
CA LYS H 100 -17.87 -51.95 28.48
C LYS H 100 -18.46 -51.21 29.67
N HIS H 101 -18.98 -51.96 30.63
CA HIS H 101 -19.61 -51.39 31.80
C HIS H 101 -18.70 -51.45 33.01
N ILE H 102 -18.84 -50.46 33.89
CA ILE H 102 -18.24 -50.50 35.21
C ILE H 102 -19.35 -50.34 36.23
N MET H 103 -19.16 -50.97 37.38
CA MET H 103 -20.07 -50.85 38.50
C MET H 103 -19.50 -49.81 39.45
N ILE H 104 -20.28 -48.77 39.74
CA ILE H 104 -19.86 -47.67 40.59
C ILE H 104 -20.61 -47.80 41.91
N HIS H 105 -19.87 -47.67 43.02
CA HIS H 105 -20.43 -47.73 44.36
C HIS H 105 -20.22 -46.39 45.06
N ALA H 106 -21.29 -45.80 45.55
CA ALA H 106 -21.22 -44.55 46.31
C ALA H 106 -21.18 -44.82 47.81
N GLY H 107 -20.70 -43.81 48.55
CA GLY H 107 -20.59 -43.92 49.99
C GLY H 107 -21.93 -44.14 50.70
N ASN H 108 -23.04 -43.76 50.08
CA ASN H 108 -24.34 -43.99 50.69
C ASN H 108 -24.83 -45.43 50.50
N GLY H 109 -24.08 -46.28 49.81
CA GLY H 109 -24.44 -47.67 49.63
C GLY H 109 -25.16 -47.98 48.33
N ASN H 110 -25.56 -46.98 47.57
CA ASN H 110 -26.15 -47.21 46.26
C ASN H 110 -25.07 -47.56 45.24
N SER H 111 -25.47 -48.29 44.20
CA SER H 111 -24.56 -48.63 43.11
C SER H 111 -25.30 -48.54 41.78
N VAL H 112 -24.53 -48.35 40.71
CA VAL H 112 -25.12 -48.30 39.38
C VAL H 112 -24.09 -48.80 38.38
N SER H 113 -24.60 -49.46 37.35
CA SER H 113 -23.81 -49.89 36.20
C SER H 113 -23.86 -48.81 35.13
N ALA H 114 -22.68 -48.39 34.64
CA ALA H 114 -22.59 -47.33 33.65
C ALA H 114 -21.68 -47.76 32.49
N LEU H 115 -22.02 -47.28 31.29
CA LEU H 115 -21.26 -47.59 30.08
C LEU H 115 -20.08 -46.63 29.93
N VAL H 116 -18.88 -47.18 29.69
CA VAL H 116 -17.70 -46.36 29.43
C VAL H 116 -17.74 -45.92 27.97
N VAL H 117 -17.76 -44.60 27.73
CA VAL H 117 -17.89 -44.11 26.37
C VAL H 117 -16.78 -43.13 26.01
N ASP H 118 -15.98 -42.71 26.98
CA ASP H 118 -15.15 -41.55 26.70
C ASP H 118 -13.92 -41.56 27.60
N GLU H 119 -12.94 -40.76 27.21
CA GLU H 119 -11.73 -40.50 27.97
C GLU H 119 -11.81 -39.11 28.60
N CYS H 120 -11.52 -39.05 29.90
CA CYS H 120 -11.26 -37.80 30.60
C CYS H 120 -9.75 -37.55 30.49
N ASP H 121 -9.36 -36.67 29.58
CA ASP H 121 -7.99 -36.60 29.09
C ASP H 121 -7.10 -35.84 30.07
N SER H 122 -6.20 -36.54 30.74
CA SER H 122 -5.28 -35.92 31.67
C SER H 122 -3.95 -35.53 31.01
N THR H 123 -3.81 -35.73 29.70
CA THR H 123 -2.53 -35.51 29.05
C THR H 123 -2.34 -34.08 28.57
N VAL H 124 -3.39 -33.27 28.53
CA VAL H 124 -3.31 -31.97 27.89
C VAL H 124 -4.47 -31.12 28.40
N GLY H 125 -4.30 -29.80 28.31
CA GLY H 125 -5.33 -28.86 28.70
C GLY H 125 -4.78 -27.47 28.47
N CYS H 126 -5.57 -26.47 28.87
CA CYS H 126 -5.18 -25.07 28.79
C CYS H 126 -4.80 -24.66 27.36
N ASP H 127 -5.58 -25.16 26.38
CA ASP H 127 -5.40 -24.76 25.00
C ASP H 127 -6.78 -24.57 24.39
N LYS H 128 -6.81 -23.98 23.20
CA LYS H 128 -8.09 -23.66 22.57
C LYS H 128 -8.90 -24.92 22.31
N ASP H 129 -8.24 -26.03 21.94
CA ASP H 129 -8.93 -27.30 21.74
C ASP H 129 -9.77 -27.70 22.94
N HIS H 130 -9.34 -27.33 24.15
CA HIS H 130 -10.07 -27.71 25.36
C HIS H 130 -10.75 -26.52 26.03
N ASN H 131 -11.05 -25.46 25.28
CA ASN H 131 -11.71 -24.27 25.82
C ASN H 131 -10.92 -23.73 27.02
N PHE H 132 -9.64 -23.89 26.98
CA PHE H 132 -8.76 -23.40 27.98
C PHE H 132 -9.07 -23.97 29.36
N GLU H 133 -9.55 -25.19 29.40
CA GLU H 133 -9.84 -25.84 30.64
C GLU H 133 -8.67 -26.69 31.02
N PRO H 134 -8.53 -26.98 32.29
CA PRO H 134 -7.43 -27.79 32.74
C PRO H 134 -7.54 -29.24 32.31
N PRO H 135 -6.45 -29.92 32.36
CA PRO H 135 -6.39 -31.32 32.05
C PRO H 135 -7.12 -32.13 33.09
N CYS H 136 -7.78 -33.18 32.69
CA CYS H 136 -8.46 -34.02 33.66
C CYS H 136 -7.49 -34.44 34.76
N ARG H 137 -8.00 -34.63 35.97
CA ARG H 137 -7.21 -35.30 36.98
C ARG H 137 -7.03 -36.78 36.60
N ASN H 138 -6.20 -37.50 37.34
CA ASN H 138 -5.85 -38.86 36.92
C ASN H 138 -6.66 -39.95 37.59
N ASN H 139 -7.61 -39.62 38.48
CA ASN H 139 -8.38 -40.61 39.21
C ASN H 139 -9.88 -40.33 39.09
N ILE H 140 -10.34 -39.98 37.88
CA ILE H 140 -11.69 -39.48 37.69
C ILE H 140 -12.57 -40.50 36.98
N VAL H 141 -13.79 -40.65 37.49
CA VAL H 141 -14.89 -41.20 36.74
C VAL H 141 -15.86 -40.04 36.52
N ASP H 142 -16.01 -39.63 35.26
CA ASP H 142 -16.80 -38.44 34.92
C ASP H 142 -18.17 -38.93 34.44
N GLY H 143 -19.20 -38.75 35.27
CA GLY H 143 -20.48 -39.42 35.07
C GLY H 143 -21.58 -38.48 34.58
N SER H 144 -22.49 -39.02 33.76
CA SER H 144 -23.64 -38.25 33.28
C SER H 144 -24.58 -37.97 34.46
N PRO H 145 -25.52 -37.04 34.31
CA PRO H 145 -26.50 -36.82 35.40
C PRO H 145 -27.25 -38.06 35.79
N ALA H 146 -27.60 -38.92 34.83
CA ALA H 146 -28.33 -40.13 35.16
C ALA H 146 -27.51 -41.05 36.06
N VAL H 147 -26.19 -41.00 35.94
CA VAL H 147 -25.33 -41.77 36.84
C VAL H 147 -25.50 -41.27 38.27
N TRP H 148 -25.43 -39.95 38.45
CA TRP H 148 -25.58 -39.36 39.78
C TRP H 148 -26.95 -39.64 40.38
N ASP H 149 -28.01 -39.45 39.59
CA ASP H 149 -29.36 -39.69 40.10
C ASP H 149 -29.53 -41.15 40.51
N ALA H 150 -28.99 -42.07 39.71
CA ALA H 150 -29.07 -43.49 40.08
C ALA H 150 -28.35 -43.76 41.40
N LEU H 151 -27.29 -43.00 41.70
CA LEU H 151 -26.56 -43.16 42.95
C LEU H 151 -27.19 -42.43 44.13
N GLY H 152 -28.23 -41.67 43.86
CA GLY H 152 -28.90 -40.95 44.89
C GLY H 152 -28.10 -39.79 45.35
N LEU H 153 -27.00 -39.52 44.71
CA LEU H 153 -26.14 -38.44 45.07
C LEU H 153 -26.69 -37.07 44.67
N ASN H 154 -26.21 -36.03 45.34
CA ASN H 154 -26.63 -34.68 45.05
C ASN H 154 -25.67 -33.98 44.14
N LYS H 155 -26.19 -33.63 43.01
CA LYS H 155 -25.42 -33.06 41.96
C LYS H 155 -24.78 -31.75 42.30
N ASP H 156 -25.33 -31.05 43.27
CA ASP H 156 -24.75 -29.75 43.66
C ASP H 156 -23.37 -29.91 44.22
N ASP H 157 -23.05 -31.11 44.63
CA ASP H 157 -21.91 -31.35 45.47
C ASP H 157 -20.63 -31.32 44.61
N GLY H 158 -20.78 -31.51 43.30
CA GLY H 158 -19.71 -31.43 42.32
C GLY H 158 -18.84 -32.66 42.17
N GLN H 159 -18.50 -33.29 43.29
CA GLN H 159 -17.73 -34.52 43.22
C GLN H 159 -18.09 -35.39 44.41
N ALA H 160 -17.79 -36.68 44.28
CA ALA H 160 -18.10 -37.64 45.33
C ALA H 160 -17.04 -38.73 45.31
N GLN H 161 -16.73 -39.25 46.50
CA GLN H 161 -15.79 -40.35 46.63
C GLN H 161 -16.51 -41.65 46.28
N ILE H 162 -15.92 -42.43 45.38
CA ILE H 162 -16.54 -43.67 44.93
C ILE H 162 -15.49 -44.79 44.86
N THR H 163 -15.98 -45.99 44.61
CA THR H 163 -15.17 -47.10 44.15
C THR H 163 -15.84 -47.63 42.89
N TRP H 164 -15.05 -48.26 42.02
CA TRP H 164 -15.60 -48.81 40.81
C TRP H 164 -14.87 -50.11 40.47
N SER H 165 -15.53 -50.93 39.68
CA SER H 165 -14.90 -52.16 39.20
C SER H 165 -15.44 -52.47 37.82
N ASP H 166 -14.63 -53.18 37.05
CA ASP H 166 -15.07 -53.66 35.75
C ASP H 166 -16.19 -54.66 35.94
N GLU H 167 -17.15 -54.65 35.03
CA GLU H 167 -18.23 -55.62 35.10
C GLU H 167 -17.82 -56.78 34.20
N LEU H 168 -17.36 -57.86 34.81
CA LEU H 168 -16.88 -59.03 34.10
C LEU H 168 -18.01 -60.05 33.90
#